data_8ATI
#
_entry.id   8ATI
#
_cell.length_a   126.646
_cell.length_b   126.646
_cell.length_c   357.598
_cell.angle_alpha   90.000
_cell.angle_beta   90.000
_cell.angle_gamma   120.000
#
_symmetry.space_group_name_H-M   'P 61 2 2'
#
loop_
_entity.id
_entity.type
_entity.pdbx_description
1 polymer 'Isoform 2 of C-terminal-binding protein 2'
2 polymer 'Retinoic acid-induced protein 2'
3 non-polymer NICOTINAMIDE-ADENINE-DINUCLEOTIDE
4 non-polymer DI(HYDROXYETHYL)ETHER
5 water water
#
loop_
_entity_poly.entity_id
_entity_poly.type
_entity_poly.pdbx_seq_one_letter_code
_entity_poly.pdbx_strand_id
1 'polypeptide(L)'
;HHHHHHSAGLEVLFQGPMDHPRPLVALLDGRDCTVEMPILKDLATVAFCDAQSTQEIHEKVLNEAVGAMMYHTITLTRED
LEKFKALRVIVRIGSGYDNVDIKAAGELGIAVCNIPSAAVEETADSTICHILNLYRRNTWLYQALREGTRVQSVEQIREV
ASGAARIRGETLGLIGFGRTGQAVAVRAKAFGFSVIFYDPYLQDGIERSLGVQRVYTLQDLLYQSDCVSLHCNLNEHNHH
LINDFTIKQMRQGAFLVNAARGGLVDEKALAQALKEGRIRGAALDVHESEPFSFAQGPLKDAPNLICTPHTAWYSEQASL
EMREAAATEIRRAITGRIPESLRNCVNKEFFVT
;
A,B,C,D
2 'polypeptide(L)'
;HHHHHHPMKQYKLILNGKTLKGETTTEAVDAATAEKVFKQYANDNGVDGEWTYDDATKTFTVTEGSGSGSENLYFQGAMD
SRHTVIKMGSENEALDLSMKSVPWLKAGEVSPPIFQEDAALDAAVAAHRKSEPPPETLYDSGASVDSSGHTVMEKLPSGM
EISFAPATSHEAPAMMDSHISSSDAATEMLSQPNHPSGEVKAENNIEMVGESQAAKVIVSVEDAVPTIFCGKIKGLSGVS
TKN
;
a,b,c
#
# COMPACT_ATOMS: atom_id res chain seq x y z
N ARG A 22 -17.56 -23.12 39.79
CA ARG A 22 -16.63 -23.43 38.67
C ARG A 22 -16.89 -22.46 37.52
N PRO A 23 -15.90 -21.66 37.10
CA PRO A 23 -16.13 -20.60 36.12
C PRO A 23 -16.81 -21.18 34.87
N LEU A 24 -17.74 -20.40 34.30
CA LEU A 24 -18.49 -20.80 33.13
C LEU A 24 -17.63 -20.58 31.88
N VAL A 25 -17.59 -21.61 31.04
CA VAL A 25 -16.98 -21.55 29.72
C VAL A 25 -18.05 -21.97 28.71
N ALA A 26 -18.21 -21.15 27.68
CA ALA A 26 -19.33 -21.26 26.75
C ALA A 26 -18.81 -21.50 25.34
N LEU A 27 -19.42 -22.45 24.64
CA LEU A 27 -19.24 -22.63 23.19
C LEU A 27 -20.32 -21.79 22.49
N LEU A 28 -19.92 -20.74 21.77
CA LEU A 28 -20.83 -19.68 21.34
C LEU A 28 -21.72 -20.15 20.18
N ASP A 29 -21.11 -20.65 19.10
CA ASP A 29 -21.85 -21.04 17.91
C ASP A 29 -21.83 -22.56 17.66
N GLY A 30 -22.21 -23.33 18.68
CA GLY A 30 -22.18 -24.78 18.56
C GLY A 30 -23.10 -25.44 19.58
N ARG A 31 -23.30 -26.75 19.42
CA ARG A 31 -24.05 -27.56 20.36
C ARG A 31 -23.09 -28.53 21.03
N ASP A 32 -22.35 -29.28 20.21
CA ASP A 32 -21.60 -30.47 20.60
C ASP A 32 -20.41 -30.10 21.47
N CYS A 33 -20.34 -30.71 22.66
CA CYS A 33 -19.28 -30.42 23.59
C CYS A 33 -18.66 -31.70 24.14
N THR A 34 -18.78 -32.80 23.37
CA THR A 34 -18.46 -34.13 23.85
C THR A 34 -16.95 -34.38 23.93
N VAL A 35 -16.11 -33.64 23.19
CA VAL A 35 -14.67 -33.78 23.31
C VAL A 35 -14.13 -32.87 24.42
N GLU A 36 -14.69 -31.68 24.56
CA GLU A 36 -14.20 -30.62 25.44
C GLU A 36 -14.60 -30.89 26.89
N MET A 37 -15.74 -31.56 27.11
CA MET A 37 -16.25 -31.71 28.46
C MET A 37 -15.34 -32.53 29.34
N PRO A 38 -14.86 -33.74 28.93
CA PRO A 38 -13.94 -34.52 29.75
C PRO A 38 -12.69 -33.74 30.15
N ILE A 39 -12.19 -32.88 29.24
CA ILE A 39 -10.99 -32.13 29.52
C ILE A 39 -11.23 -30.98 30.51
N LEU A 40 -12.48 -30.49 30.61
CA LEU A 40 -12.76 -29.25 31.33
C LEU A 40 -13.66 -29.47 32.54
N LYS A 41 -14.40 -30.59 32.58
CA LYS A 41 -15.50 -30.74 33.51
C LYS A 41 -15.04 -30.46 34.94
N ASP A 42 -13.76 -30.73 35.22
CA ASP A 42 -13.26 -30.70 36.60
C ASP A 42 -12.82 -29.29 36.98
N LEU A 43 -12.87 -28.34 36.03
CA LEU A 43 -12.44 -26.97 36.28
C LEU A 43 -13.51 -25.94 35.94
N ALA A 44 -14.40 -26.24 34.99
CA ALA A 44 -15.32 -25.23 34.47
C ALA A 44 -16.72 -25.82 34.32
N THR A 45 -17.74 -24.96 34.36
CA THR A 45 -19.05 -25.32 33.84
C THR A 45 -19.01 -25.09 32.32
N VAL A 46 -19.19 -26.15 31.53
CA VAL A 46 -19.15 -26.08 30.07
C VAL A 46 -20.59 -25.93 29.60
N ALA A 47 -20.84 -24.93 28.75
CA ALA A 47 -22.16 -24.58 28.24
C ALA A 47 -22.10 -24.28 26.74
N PHE A 48 -23.27 -24.31 26.09
CA PHE A 48 -23.38 -24.00 24.66
C PHE A 48 -24.51 -23.01 24.43
N CYS A 49 -24.37 -22.19 23.39
CA CYS A 49 -25.35 -21.17 23.06
C CYS A 49 -26.01 -21.45 21.73
N ASP A 50 -25.36 -22.28 20.89
CA ASP A 50 -25.76 -22.58 19.53
C ASP A 50 -26.20 -21.31 18.79
N ALA A 51 -25.47 -20.22 19.00
CA ALA A 51 -25.86 -18.94 18.42
C ALA A 51 -25.43 -18.90 16.95
N GLN A 52 -26.30 -18.38 16.07
CA GLN A 52 -25.93 -18.10 14.69
C GLN A 52 -25.68 -16.60 14.50
N SER A 53 -26.04 -15.79 15.51
CA SER A 53 -25.67 -14.39 15.58
C SER A 53 -25.41 -14.01 17.03
N THR A 54 -24.91 -12.81 17.28
CA THR A 54 -24.49 -12.46 18.63
C THR A 54 -25.68 -12.02 19.50
N GLN A 55 -26.84 -11.78 18.89
CA GLN A 55 -28.03 -11.40 19.65
C GLN A 55 -28.68 -12.62 20.28
N GLU A 56 -28.19 -13.81 19.95
CA GLU A 56 -28.75 -15.08 20.40
C GLU A 56 -27.93 -15.64 21.58
N ILE A 57 -27.10 -14.79 22.20
CA ILE A 57 -26.27 -15.23 23.32
C ILE A 57 -27.02 -14.96 24.62
N HIS A 58 -27.19 -16.02 25.41
CA HIS A 58 -27.82 -15.93 26.72
C HIS A 58 -27.11 -14.83 27.51
N GLU A 59 -27.88 -14.02 28.22
CA GLU A 59 -27.29 -12.92 28.95
C GLU A 59 -26.51 -13.45 30.16
N LYS A 60 -26.72 -14.73 30.51
CA LYS A 60 -25.93 -15.36 31.54
C LYS A 60 -24.48 -15.42 31.08
N VAL A 61 -24.27 -15.81 29.81
CA VAL A 61 -22.95 -15.87 29.18
C VAL A 61 -22.28 -14.50 29.14
N LEU A 62 -23.04 -13.47 28.77
CA LEU A 62 -22.52 -12.11 28.67
C LEU A 62 -22.07 -11.63 30.03
N ASN A 63 -22.74 -12.08 31.09
CA ASN A 63 -22.50 -11.60 32.44
C ASN A 63 -21.40 -12.40 33.13
N GLU A 64 -21.33 -13.72 32.86
CA GLU A 64 -20.61 -14.63 33.75
C GLU A 64 -19.44 -15.35 33.09
N ALA A 65 -19.48 -15.56 31.77
CA ALA A 65 -18.54 -16.46 31.11
C ALA A 65 -17.13 -15.86 31.16
N VAL A 66 -16.14 -16.67 31.53
CA VAL A 66 -14.76 -16.21 31.63
C VAL A 66 -13.97 -16.69 30.41
N GLY A 67 -14.48 -17.72 29.75
CA GLY A 67 -13.88 -18.23 28.54
C GLY A 67 -14.93 -18.60 27.50
N ALA A 68 -14.58 -18.41 26.22
CA ALA A 68 -15.48 -18.69 25.13
C ALA A 68 -14.77 -19.56 24.10
N MET A 69 -15.51 -20.45 23.46
CA MET A 69 -15.00 -21.19 22.31
C MET A 69 -15.90 -20.88 21.11
N MET A 70 -15.30 -20.71 19.92
CA MET A 70 -16.13 -20.38 18.77
C MET A 70 -15.54 -20.95 17.50
N TYR A 71 -16.45 -21.22 16.56
CA TYR A 71 -16.08 -21.60 15.21
C TYR A 71 -16.07 -20.37 14.29
N HIS A 72 -16.26 -20.56 13.00
CA HIS A 72 -16.14 -19.47 12.03
C HIS A 72 -17.52 -18.91 11.68
N THR A 73 -18.58 -19.42 12.29
CA THR A 73 -19.94 -19.12 11.85
C THR A 73 -20.57 -17.94 12.60
N ILE A 74 -19.82 -17.26 13.48
CA ILE A 74 -20.28 -15.98 13.99
C ILE A 74 -19.13 -14.99 14.04
N THR A 75 -19.47 -13.68 14.10
CA THR A 75 -18.46 -12.65 14.10
C THR A 75 -18.61 -11.79 15.37
N LEU A 76 -17.48 -11.45 16.00
CA LEU A 76 -17.49 -10.61 17.19
C LEU A 76 -16.81 -9.28 16.83
N THR A 77 -17.59 -8.20 16.84
CA THR A 77 -17.04 -6.87 16.67
C THR A 77 -16.73 -6.26 18.03
N ARG A 78 -16.05 -5.11 18.02
CA ARG A 78 -15.83 -4.31 19.22
C ARG A 78 -17.12 -4.13 20.03
N GLU A 79 -18.26 -3.86 19.37
CA GLU A 79 -19.50 -3.58 20.08
C GLU A 79 -19.99 -4.87 20.76
N ASP A 80 -19.80 -6.02 20.10
CA ASP A 80 -20.16 -7.33 20.64
C ASP A 80 -19.32 -7.66 21.87
N LEU A 81 -18.00 -7.40 21.79
CA LEU A 81 -17.06 -7.69 22.87
C LEU A 81 -17.33 -6.85 24.12
N GLU A 82 -17.89 -5.64 23.93
CA GLU A 82 -18.17 -4.74 25.03
C GLU A 82 -19.30 -5.28 25.90
N LYS A 83 -20.08 -6.23 25.37
CA LYS A 83 -21.24 -6.76 26.07
C LYS A 83 -20.84 -7.79 27.14
N PHE A 84 -19.67 -8.43 26.99
CA PHE A 84 -19.17 -9.44 27.93
C PHE A 84 -18.53 -8.76 29.15
N LYS A 85 -18.95 -9.18 30.34
CA LYS A 85 -18.53 -8.52 31.58
C LYS A 85 -17.39 -9.29 32.28
N ALA A 86 -17.31 -10.62 32.11
CA ALA A 86 -16.34 -11.43 32.84
C ALA A 86 -15.32 -12.12 31.92
N LEU A 87 -15.53 -12.08 30.59
CA LEU A 87 -14.75 -12.87 29.64
C LEU A 87 -13.28 -12.49 29.70
N ARG A 88 -12.38 -13.48 29.66
CA ARG A 88 -10.95 -13.25 29.72
C ARG A 88 -10.20 -13.91 28.54
N VAL A 89 -10.80 -14.92 27.90
CA VAL A 89 -10.15 -15.62 26.81
C VAL A 89 -11.19 -16.09 25.78
N ILE A 90 -10.83 -15.98 24.51
CA ILE A 90 -11.57 -16.55 23.40
C ILE A 90 -10.63 -17.51 22.66
N VAL A 91 -11.08 -18.77 22.51
CA VAL A 91 -10.31 -19.71 21.69
C VAL A 91 -11.09 -20.01 20.40
N ARG A 92 -10.48 -19.67 19.25
CA ARG A 92 -11.02 -20.07 17.94
C ARG A 92 -10.62 -21.51 17.67
N ILE A 93 -11.62 -22.39 17.54
CA ILE A 93 -11.38 -23.80 17.22
C ILE A 93 -11.16 -23.87 15.72
N GLY A 94 -9.93 -23.59 15.28
CA GLY A 94 -9.60 -23.44 13.87
C GLY A 94 -8.46 -22.43 13.73
N SER A 95 -8.03 -22.16 12.48
CA SER A 95 -6.85 -21.33 12.29
C SER A 95 -7.19 -19.88 12.00
N GLY A 96 -8.32 -19.63 11.35
CA GLY A 96 -8.60 -18.28 10.90
C GLY A 96 -9.36 -17.52 11.95
N TYR A 97 -9.04 -16.24 12.13
CA TYR A 97 -9.63 -15.48 13.24
C TYR A 97 -10.03 -14.09 12.74
N ASP A 98 -10.29 -13.99 11.43
CA ASP A 98 -10.76 -12.75 10.83
C ASP A 98 -12.13 -12.37 11.41
N ASN A 99 -12.87 -13.37 11.93
CA ASN A 99 -14.21 -13.15 12.46
C ASN A 99 -14.21 -12.54 13.86
N VAL A 100 -13.02 -12.23 14.44
CA VAL A 100 -12.93 -11.57 15.74
C VAL A 100 -12.07 -10.30 15.60
N ASP A 101 -12.53 -9.19 16.18
CA ASP A 101 -11.75 -7.96 16.21
C ASP A 101 -10.70 -8.08 17.32
N ILE A 102 -9.52 -8.59 16.96
CA ILE A 102 -8.55 -9.04 17.95
C ILE A 102 -7.92 -7.85 18.68
N LYS A 103 -7.98 -6.67 18.06
CA LYS A 103 -7.48 -5.43 18.62
C LYS A 103 -8.43 -4.94 19.69
N ALA A 104 -9.73 -4.97 19.38
CA ALA A 104 -10.77 -4.57 20.32
C ALA A 104 -10.67 -5.48 21.56
N ALA A 105 -10.57 -6.78 21.31
CA ALA A 105 -10.52 -7.78 22.36
C ALA A 105 -9.35 -7.46 23.30
N GLY A 106 -8.17 -7.15 22.71
CA GLY A 106 -6.97 -6.92 23.49
C GLY A 106 -7.13 -5.74 24.44
N GLU A 107 -7.64 -4.63 23.86
CA GLU A 107 -7.86 -3.38 24.55
C GLU A 107 -8.87 -3.57 25.68
N LEU A 108 -9.73 -4.60 25.53
CA LEU A 108 -10.79 -4.85 26.49
C LEU A 108 -10.35 -5.88 27.54
N GLY A 109 -9.14 -6.41 27.44
CA GLY A 109 -8.64 -7.34 28.46
C GLY A 109 -8.90 -8.81 28.14
N ILE A 110 -9.21 -9.11 26.86
CA ILE A 110 -9.57 -10.43 26.40
C ILE A 110 -8.45 -10.97 25.50
N ALA A 111 -7.87 -12.13 25.87
CA ALA A 111 -6.90 -12.79 25.02
C ALA A 111 -7.63 -13.60 23.97
N VAL A 112 -7.11 -13.64 22.73
CA VAL A 112 -7.69 -14.46 21.67
C VAL A 112 -6.65 -15.51 21.19
N CYS A 113 -7.08 -16.79 21.04
CA CYS A 113 -6.16 -17.85 20.64
C CYS A 113 -6.74 -18.60 19.46
N ASN A 114 -5.87 -19.21 18.65
CA ASN A 114 -6.34 -20.09 17.59
C ASN A 114 -5.68 -21.45 17.71
N ILE A 115 -6.10 -22.41 16.89
CA ILE A 115 -5.46 -23.71 16.75
C ILE A 115 -4.84 -23.68 15.36
N PRO A 116 -3.55 -23.29 15.25
CA PRO A 116 -2.99 -22.97 13.93
C PRO A 116 -2.60 -24.17 13.09
N SER A 117 -2.44 -25.36 13.66
CA SER A 117 -1.78 -26.39 12.88
C SER A 117 -2.40 -27.80 12.99
N ALA A 118 -3.68 -27.89 13.38
CA ALA A 118 -4.35 -29.17 13.51
C ALA A 118 -4.83 -29.71 12.17
N ALA A 119 -4.92 -28.86 11.15
CA ALA A 119 -5.52 -29.31 9.89
C ALA A 119 -4.69 -28.90 8.67
N VAL A 120 -3.37 -28.68 8.81
CA VAL A 120 -2.52 -28.16 7.75
C VAL A 120 -2.50 -29.13 6.57
N GLU A 121 -2.27 -30.42 6.83
CA GLU A 121 -2.25 -31.46 5.81
C GLU A 121 -3.63 -31.73 5.23
N GLU A 122 -4.69 -31.72 6.06
CA GLU A 122 -6.05 -31.86 5.57
C GLU A 122 -6.36 -30.80 4.50
N THR A 123 -6.15 -29.53 4.83
CA THR A 123 -6.40 -28.41 3.95
C THR A 123 -5.56 -28.54 2.66
N ALA A 124 -4.26 -28.86 2.81
CA ALA A 124 -3.38 -28.96 1.66
C ALA A 124 -3.81 -30.14 0.78
N ASP A 125 -4.21 -31.29 1.37
CA ASP A 125 -4.70 -32.41 0.56
C ASP A 125 -6.00 -32.07 -0.16
N SER A 126 -6.91 -31.34 0.50
CA SER A 126 -8.18 -30.90 -0.07
C SER A 126 -7.94 -29.95 -1.22
N THR A 127 -6.92 -29.12 -1.09
CA THR A 127 -6.58 -28.14 -2.12
C THR A 127 -6.02 -28.87 -3.35
N ILE A 128 -5.04 -29.75 -3.16
CA ILE A 128 -4.47 -30.52 -4.26
C ILE A 128 -5.60 -31.31 -4.92
N CYS A 129 -6.60 -31.70 -4.13
CA CYS A 129 -7.72 -32.43 -4.69
C CYS A 129 -8.57 -31.53 -5.59
N HIS A 130 -8.74 -30.24 -5.20
CA HIS A 130 -9.49 -29.29 -6.02
C HIS A 130 -8.82 -29.04 -7.36
N ILE A 131 -7.50 -28.78 -7.32
CA ILE A 131 -6.66 -28.53 -8.48
C ILE A 131 -6.74 -29.73 -9.44
N LEU A 132 -6.53 -30.96 -8.95
CA LEU A 132 -6.68 -32.18 -9.73
C LEU A 132 -8.10 -32.33 -10.26
N ASN A 133 -9.10 -31.95 -9.47
CA ASN A 133 -10.47 -32.00 -10.01
C ASN A 133 -10.65 -31.04 -11.19
N LEU A 134 -9.91 -29.92 -11.22
CA LEU A 134 -10.03 -28.98 -12.34
C LEU A 134 -9.32 -29.49 -13.60
N TYR A 135 -8.05 -29.91 -13.48
CA TYR A 135 -7.25 -30.43 -14.58
C TYR A 135 -7.78 -31.75 -15.15
N ARG A 136 -8.30 -32.67 -14.31
CA ARG A 136 -8.65 -34.01 -14.78
C ARG A 136 -10.18 -34.18 -14.86
N ARG A 137 -10.95 -33.32 -14.18
CA ARG A 137 -12.40 -33.23 -14.28
C ARG A 137 -13.14 -34.43 -13.67
N ASN A 138 -12.53 -35.10 -12.69
CA ASN A 138 -13.12 -36.29 -12.09
C ASN A 138 -14.52 -35.99 -11.49
N THR A 139 -14.71 -34.83 -10.86
CA THR A 139 -15.99 -34.50 -10.26
C THR A 139 -17.10 -34.31 -11.30
N TRP A 140 -16.81 -33.53 -12.35
CA TRP A 140 -17.74 -33.27 -13.44
C TRP A 140 -18.09 -34.55 -14.20
N LEU A 141 -17.08 -35.40 -14.42
CA LEU A 141 -17.28 -36.68 -15.07
C LEU A 141 -18.16 -37.55 -14.17
N TYR A 142 -17.97 -37.49 -12.84
CA TYR A 142 -18.86 -38.21 -11.95
C TYR A 142 -20.31 -37.73 -12.13
N GLN A 143 -20.48 -36.39 -12.09
CA GLN A 143 -21.77 -35.75 -12.27
C GLN A 143 -22.37 -36.10 -13.63
N ALA A 144 -21.52 -36.15 -14.67
CA ALA A 144 -22.03 -36.55 -15.97
C ALA A 144 -22.69 -37.94 -15.88
N LEU A 145 -22.01 -38.90 -15.24
CA LEU A 145 -22.51 -40.26 -15.15
C LEU A 145 -23.78 -40.33 -14.31
N ARG A 146 -23.86 -39.51 -13.25
CA ARG A 146 -25.03 -39.46 -12.39
C ARG A 146 -26.22 -38.80 -13.12
N GLU A 147 -25.96 -38.05 -14.19
CA GLU A 147 -27.05 -37.51 -14.98
C GLU A 147 -27.42 -38.39 -16.17
N GLY A 148 -26.82 -39.59 -16.29
CA GLY A 148 -27.24 -40.58 -17.26
C GLY A 148 -26.56 -40.47 -18.62
N THR A 149 -25.47 -39.68 -18.71
CA THR A 149 -24.63 -39.64 -19.91
C THR A 149 -24.08 -41.04 -20.22
N ARG A 150 -24.19 -41.43 -21.50
CA ARG A 150 -23.66 -42.71 -21.94
C ARG A 150 -22.46 -42.46 -22.85
N VAL A 151 -21.28 -42.86 -22.34
CA VAL A 151 -19.99 -42.63 -22.97
C VAL A 151 -19.47 -43.97 -23.53
N GLN A 152 -20.00 -44.40 -24.69
CA GLN A 152 -19.66 -45.67 -25.32
C GLN A 152 -18.29 -45.56 -26.00
N SER A 153 -18.12 -44.54 -26.85
CA SER A 153 -17.09 -44.51 -27.86
C SER A 153 -15.97 -43.55 -27.48
N VAL A 154 -14.84 -43.67 -28.18
CA VAL A 154 -13.70 -42.81 -27.87
C VAL A 154 -13.97 -41.36 -28.21
N GLU A 155 -14.75 -41.09 -29.27
CA GLU A 155 -15.20 -39.73 -29.58
C GLU A 155 -16.02 -39.18 -28.42
N GLN A 156 -16.86 -40.05 -27.81
CA GLN A 156 -17.70 -39.70 -26.67
C GLN A 156 -16.86 -39.43 -25.42
N ILE A 157 -15.80 -40.21 -25.18
CA ILE A 157 -14.89 -39.97 -24.05
C ILE A 157 -14.22 -38.61 -24.18
N ARG A 158 -13.65 -38.32 -25.36
CA ARG A 158 -12.95 -37.06 -25.56
C ARG A 158 -13.94 -35.90 -25.44
N GLU A 159 -15.20 -36.13 -25.84
CA GLU A 159 -16.23 -35.12 -25.77
C GLU A 159 -16.54 -34.76 -24.30
N VAL A 160 -16.88 -35.77 -23.50
CA VAL A 160 -17.32 -35.55 -22.13
C VAL A 160 -16.15 -35.04 -21.27
N ALA A 161 -14.89 -35.43 -21.60
CA ALA A 161 -13.71 -35.06 -20.82
C ALA A 161 -13.03 -33.82 -21.41
N SER A 162 -13.64 -33.24 -22.44
CA SER A 162 -13.11 -32.08 -23.12
C SER A 162 -12.68 -31.04 -22.12
N GLY A 163 -11.41 -30.64 -22.21
CA GLY A 163 -10.88 -29.59 -21.35
C GLY A 163 -9.80 -30.08 -20.41
N ALA A 164 -9.84 -31.37 -20.11
CA ALA A 164 -8.84 -31.98 -19.24
C ALA A 164 -7.47 -31.71 -19.85
N ALA A 165 -6.51 -31.38 -18.99
CA ALA A 165 -5.26 -30.79 -19.48
C ALA A 165 -4.06 -31.47 -18.82
N ARG A 166 -2.93 -31.48 -19.52
CA ARG A 166 -1.67 -31.98 -18.98
C ARG A 166 -1.18 -31.02 -17.91
N ILE A 167 -0.78 -31.54 -16.74
CA ILE A 167 -0.24 -30.79 -15.64
C ILE A 167 1.26 -30.50 -15.79
N ARG A 168 2.07 -31.44 -16.27
CA ARG A 168 3.51 -31.20 -16.31
C ARG A 168 3.82 -29.92 -17.09
N GLY A 169 4.53 -28.99 -16.45
CA GLY A 169 4.96 -27.77 -17.09
C GLY A 169 4.04 -26.59 -16.78
N GLU A 170 2.92 -26.79 -16.05
CA GLU A 170 2.05 -25.67 -15.71
C GLU A 170 2.63 -24.90 -14.54
N THR A 171 2.32 -23.58 -14.43
CA THR A 171 2.69 -22.82 -13.23
C THR A 171 1.56 -22.76 -12.23
N LEU A 172 1.83 -23.21 -10.99
CA LEU A 172 0.90 -23.06 -9.88
C LEU A 172 1.31 -21.84 -9.06
N GLY A 173 0.41 -20.84 -9.00
CA GLY A 173 0.73 -19.64 -8.25
C GLY A 173 -0.01 -19.58 -6.92
N LEU A 174 0.76 -19.45 -5.83
CA LEU A 174 0.19 -19.47 -4.47
C LEU A 174 0.25 -18.06 -3.90
N ILE A 175 -0.91 -17.56 -3.47
CA ILE A 175 -1.05 -16.29 -2.78
C ILE A 175 -1.15 -16.60 -1.29
N GLY A 176 -0.05 -16.30 -0.56
CA GLY A 176 0.11 -16.74 0.79
C GLY A 176 1.00 -17.98 0.84
N PHE A 177 2.08 -17.90 1.63
CA PHE A 177 2.99 -19.00 1.67
C PHE A 177 3.35 -19.25 3.13
N GLY A 178 2.30 -19.46 3.93
CA GLY A 178 2.46 -19.92 5.30
C GLY A 178 2.27 -21.44 5.37
N ARG A 179 1.56 -21.89 6.43
CA ARG A 179 1.49 -23.33 6.68
C ARG A 179 0.82 -24.09 5.53
N THR A 180 -0.39 -23.66 5.11
CA THR A 180 -1.13 -24.38 4.08
C THR A 180 -0.43 -24.20 2.74
N GLY A 181 0.05 -23.00 2.47
CA GLY A 181 0.71 -22.73 1.20
C GLY A 181 1.95 -23.59 1.03
N GLN A 182 2.75 -23.72 2.11
CA GLN A 182 3.96 -24.53 2.00
C GLN A 182 3.60 -26.00 1.83
N ALA A 183 2.54 -26.47 2.54
CA ALA A 183 2.11 -27.87 2.39
C ALA A 183 1.70 -28.16 0.94
N VAL A 184 0.97 -27.22 0.31
CA VAL A 184 0.55 -27.36 -1.07
C VAL A 184 1.77 -27.46 -2.01
N ALA A 185 2.78 -26.61 -1.82
CA ALA A 185 3.97 -26.64 -2.66
C ALA A 185 4.68 -28.01 -2.66
N VAL A 186 4.91 -28.55 -1.47
CA VAL A 186 5.55 -29.84 -1.23
C VAL A 186 4.84 -30.94 -2.03
N ARG A 187 3.51 -30.87 -2.12
CA ARG A 187 2.70 -31.87 -2.79
C ARG A 187 2.71 -31.63 -4.30
N ALA A 188 2.76 -30.36 -4.71
CA ALA A 188 2.52 -30.02 -6.10
C ALA A 188 3.72 -30.38 -6.96
N LYS A 189 4.96 -30.25 -6.45
CA LYS A 189 6.16 -30.53 -7.22
C LYS A 189 6.13 -31.90 -7.94
N ALA A 190 5.63 -32.97 -7.28
CA ALA A 190 5.79 -34.30 -7.89
C ALA A 190 4.82 -34.49 -9.05
N PHE A 191 3.86 -33.57 -9.23
CA PHE A 191 3.03 -33.58 -10.43
C PHE A 191 3.67 -32.84 -11.61
N GLY A 192 4.76 -32.11 -11.38
CA GLY A 192 5.45 -31.40 -12.46
C GLY A 192 5.01 -29.93 -12.62
N PHE A 193 4.24 -29.43 -11.65
CA PHE A 193 3.97 -27.99 -11.49
C PHE A 193 5.26 -27.24 -11.20
N SER A 194 5.42 -26.05 -11.78
CA SER A 194 6.35 -25.02 -11.32
C SER A 194 5.63 -24.19 -10.29
N VAL A 195 6.21 -24.11 -9.07
CA VAL A 195 5.52 -23.42 -8.01
C VAL A 195 6.19 -22.07 -7.85
N ILE A 196 5.33 -21.05 -7.68
CA ILE A 196 5.68 -19.65 -7.54
C ILE A 196 4.74 -19.11 -6.47
N PHE A 197 5.25 -18.23 -5.59
CA PHE A 197 4.38 -17.67 -4.54
C PHE A 197 4.59 -16.16 -4.40
N TYR A 198 3.52 -15.49 -3.93
CA TYR A 198 3.55 -14.09 -3.53
C TYR A 198 3.13 -14.03 -2.06
N ASP A 199 3.97 -13.44 -1.22
CA ASP A 199 3.64 -13.29 0.20
C ASP A 199 4.45 -12.12 0.72
N PRO A 200 3.84 -10.92 0.78
CA PRO A 200 4.58 -9.70 1.04
C PRO A 200 5.01 -9.55 2.50
N TYR A 201 4.51 -10.42 3.40
CA TYR A 201 4.84 -10.29 4.84
C TYR A 201 6.00 -11.20 5.26
N LEU A 202 6.47 -12.12 4.39
CA LEU A 202 7.55 -13.01 4.75
C LEU A 202 8.90 -12.33 4.58
N GLN A 203 9.89 -12.78 5.38
CA GLN A 203 11.27 -12.35 5.21
C GLN A 203 11.85 -13.09 4.00
N ASP A 204 13.03 -12.68 3.54
CA ASP A 204 13.82 -13.32 2.50
C ASP A 204 14.32 -14.70 2.95
N GLY A 205 14.21 -15.75 2.12
CA GLY A 205 14.78 -17.04 2.51
C GLY A 205 13.94 -18.30 2.31
N ILE A 206 12.64 -18.29 2.64
CA ILE A 206 11.79 -19.46 2.47
C ILE A 206 11.89 -19.97 1.02
N GLU A 207 11.91 -19.07 0.04
CA GLU A 207 11.98 -19.52 -1.35
C GLU A 207 13.24 -20.37 -1.63
N ARG A 208 14.39 -19.97 -1.06
CA ARG A 208 15.64 -20.70 -1.20
C ARG A 208 15.57 -22.05 -0.43
N SER A 209 15.02 -22.05 0.79
CA SER A 209 14.88 -23.26 1.57
C SER A 209 14.08 -24.33 0.82
N LEU A 210 12.91 -23.95 0.32
CA LEU A 210 12.01 -24.96 -0.21
C LEU A 210 12.15 -25.07 -1.73
N GLY A 211 13.09 -24.30 -2.32
CA GLY A 211 13.35 -24.43 -3.75
C GLY A 211 12.12 -24.13 -4.61
N VAL A 212 11.39 -23.05 -4.29
CA VAL A 212 10.36 -22.59 -5.20
C VAL A 212 10.72 -21.17 -5.65
N GLN A 213 9.94 -20.56 -6.56
CA GLN A 213 10.26 -19.20 -7.02
C GLN A 213 9.35 -18.21 -6.28
N ARG A 214 9.89 -17.04 -5.89
CA ARG A 214 9.11 -15.99 -5.28
C ARG A 214 8.91 -14.81 -6.24
N VAL A 215 7.68 -14.28 -6.33
CA VAL A 215 7.47 -13.01 -7.04
C VAL A 215 7.07 -11.92 -6.02
N TYR A 216 7.14 -10.67 -6.44
CA TYR A 216 7.09 -9.60 -5.46
C TYR A 216 5.89 -8.71 -5.65
N THR A 217 4.97 -9.04 -6.58
CA THR A 217 3.72 -8.29 -6.65
C THR A 217 2.61 -9.29 -6.97
N LEU A 218 1.38 -8.98 -6.59
CA LEU A 218 0.23 -9.72 -7.04
C LEU A 218 0.18 -9.80 -8.55
N GLN A 219 0.54 -8.74 -9.26
CA GLN A 219 0.34 -8.77 -10.71
C GLN A 219 1.26 -9.83 -11.30
N ASP A 220 2.52 -9.89 -10.83
CA ASP A 220 3.46 -10.85 -11.39
C ASP A 220 2.95 -12.26 -11.16
N LEU A 221 2.40 -12.51 -9.94
CA LEU A 221 1.86 -13.82 -9.71
C LEU A 221 0.75 -14.13 -10.71
N LEU A 222 -0.23 -13.25 -10.90
CA LEU A 222 -1.40 -13.59 -11.70
C LEU A 222 -1.01 -13.79 -13.17
N TYR A 223 -0.04 -13.01 -13.64
CA TYR A 223 0.37 -13.02 -15.02
C TYR A 223 1.05 -14.35 -15.38
N GLN A 224 1.78 -14.90 -14.40
CA GLN A 224 2.68 -16.01 -14.65
C GLN A 224 1.99 -17.35 -14.37
N SER A 225 0.78 -17.33 -13.80
CA SER A 225 0.14 -18.52 -13.26
C SER A 225 -0.93 -19.06 -14.22
N ASP A 226 -0.86 -20.39 -14.42
CA ASP A 226 -1.91 -21.18 -15.06
C ASP A 226 -2.99 -21.53 -14.05
N CYS A 227 -2.57 -21.78 -12.83
CA CYS A 227 -3.53 -22.10 -11.77
C CYS A 227 -3.16 -21.26 -10.55
N VAL A 228 -4.15 -20.57 -9.99
CA VAL A 228 -3.88 -19.70 -8.86
C VAL A 228 -4.62 -20.26 -7.66
N SER A 229 -3.92 -20.34 -6.52
CA SER A 229 -4.52 -20.90 -5.31
C SER A 229 -4.28 -19.97 -4.11
N LEU A 230 -5.37 -19.63 -3.38
CA LEU A 230 -5.34 -18.74 -2.22
C LEU A 230 -5.00 -19.43 -0.91
N HIS A 231 -4.00 -18.92 -0.20
CA HIS A 231 -3.55 -19.51 1.05
C HIS A 231 -3.14 -18.40 2.02
N CYS A 232 -3.80 -17.23 1.96
CA CYS A 232 -3.51 -16.13 2.86
C CYS A 232 -4.67 -15.96 3.86
N ASN A 233 -4.36 -15.36 5.01
CA ASN A 233 -5.40 -15.06 5.98
C ASN A 233 -6.14 -13.85 5.46
N LEU A 234 -7.45 -13.77 5.75
CA LEU A 234 -8.22 -12.56 5.45
C LEU A 234 -7.86 -11.52 6.52
N ASN A 235 -7.55 -10.29 6.09
CA ASN A 235 -7.07 -9.21 6.95
C ASN A 235 -7.63 -7.88 6.44
N GLU A 236 -7.26 -6.76 7.08
CA GLU A 236 -7.83 -5.46 6.76
C GLU A 236 -7.44 -5.02 5.34
N HIS A 237 -6.44 -5.66 4.72
CA HIS A 237 -5.83 -5.13 3.52
C HIS A 237 -5.99 -6.08 2.35
N ASN A 238 -6.74 -7.17 2.48
CA ASN A 238 -6.84 -8.04 1.31
C ASN A 238 -8.28 -8.45 1.01
N HIS A 239 -9.24 -7.66 1.47
CA HIS A 239 -10.62 -7.89 1.11
C HIS A 239 -10.79 -7.72 -0.40
N HIS A 240 -11.38 -8.70 -1.10
CA HIS A 240 -11.60 -8.64 -2.54
C HIS A 240 -10.28 -8.41 -3.30
N LEU A 241 -9.20 -9.03 -2.80
CA LEU A 241 -7.91 -9.12 -3.43
C LEU A 241 -8.05 -9.57 -4.89
N ILE A 242 -8.87 -10.61 -5.11
CA ILE A 242 -9.26 -11.02 -6.46
C ILE A 242 -10.58 -10.31 -6.79
N ASN A 243 -10.53 -9.40 -7.77
CA ASN A 243 -11.66 -8.54 -8.06
C ASN A 243 -11.77 -8.31 -9.56
N ASP A 244 -12.59 -7.35 -9.94
CA ASP A 244 -12.85 -7.14 -11.35
C ASP A 244 -11.57 -6.73 -12.09
N PHE A 245 -10.78 -5.86 -11.45
CA PHE A 245 -9.54 -5.39 -12.03
C PHE A 245 -8.46 -6.48 -12.06
N THR A 246 -8.27 -7.18 -10.94
CA THR A 246 -7.17 -8.12 -10.82
C THR A 246 -7.41 -9.43 -11.56
N ILE A 247 -8.69 -9.84 -11.68
CA ILE A 247 -9.00 -10.99 -12.54
C ILE A 247 -8.58 -10.73 -13.99
N LYS A 248 -8.79 -9.51 -14.51
CA LYS A 248 -8.30 -9.20 -15.85
C LYS A 248 -6.80 -9.40 -15.99
N GLN A 249 -6.03 -9.42 -14.88
CA GLN A 249 -4.58 -9.65 -14.94
C GLN A 249 -4.18 -11.13 -14.93
N MET A 250 -5.12 -12.02 -14.61
CA MET A 250 -4.88 -13.45 -14.70
C MET A 250 -4.77 -13.89 -16.16
N ARG A 251 -4.03 -14.98 -16.41
CA ARG A 251 -3.94 -15.55 -17.75
C ARG A 251 -5.33 -15.94 -18.27
N GLN A 252 -5.48 -15.84 -19.59
CA GLN A 252 -6.67 -16.30 -20.28
C GLN A 252 -6.73 -17.82 -20.08
N GLY A 253 -7.85 -18.31 -19.56
CA GLY A 253 -8.11 -19.71 -19.34
C GLY A 253 -7.47 -20.25 -18.07
N ALA A 254 -7.04 -19.36 -17.17
CA ALA A 254 -6.50 -19.78 -15.86
C ALA A 254 -7.56 -20.51 -15.02
N PHE A 255 -7.09 -21.27 -14.04
CA PHE A 255 -7.94 -21.85 -13.02
C PHE A 255 -7.72 -21.06 -11.73
N LEU A 256 -8.81 -20.90 -10.97
CA LEU A 256 -8.76 -20.29 -9.65
C LEU A 256 -9.21 -21.29 -8.59
N VAL A 257 -8.44 -21.40 -7.50
CA VAL A 257 -8.81 -22.24 -6.35
C VAL A 257 -8.80 -21.38 -5.08
N ASN A 258 -9.87 -21.49 -4.28
CA ASN A 258 -9.94 -20.78 -3.02
C ASN A 258 -10.37 -21.72 -1.90
N ALA A 259 -9.43 -22.15 -1.09
CA ALA A 259 -9.69 -22.90 0.13
C ALA A 259 -9.22 -22.08 1.33
N ALA A 260 -9.22 -20.73 1.20
CA ALA A 260 -8.77 -19.85 2.27
C ALA A 260 -9.95 -19.11 2.92
N ARG A 261 -10.38 -17.97 2.39
CA ARG A 261 -11.56 -17.28 2.93
C ARG A 261 -12.37 -16.67 1.80
N GLY A 262 -13.68 -16.64 1.99
CA GLY A 262 -14.61 -16.12 1.01
C GLY A 262 -14.34 -14.66 0.62
N GLY A 263 -14.10 -13.84 1.64
CA GLY A 263 -13.91 -12.41 1.45
C GLY A 263 -12.72 -12.03 0.54
N LEU A 264 -11.83 -12.98 0.21
CA LEU A 264 -10.69 -12.67 -0.66
C LEU A 264 -11.11 -12.51 -2.11
N VAL A 265 -12.26 -13.12 -2.50
CA VAL A 265 -12.69 -13.19 -3.88
C VAL A 265 -14.04 -12.51 -4.05
N ASP A 266 -14.11 -11.58 -5.02
CA ASP A 266 -15.35 -10.93 -5.42
C ASP A 266 -16.13 -11.86 -6.38
N GLU A 267 -17.25 -12.39 -5.88
CA GLU A 267 -17.92 -13.47 -6.59
C GLU A 267 -18.62 -12.97 -7.86
N LYS A 268 -18.99 -11.68 -7.89
CA LYS A 268 -19.59 -11.06 -9.06
C LYS A 268 -18.58 -11.07 -10.21
N ALA A 269 -17.33 -10.68 -9.93
CA ALA A 269 -16.27 -10.64 -10.93
C ALA A 269 -15.97 -12.04 -11.45
N LEU A 270 -15.83 -13.01 -10.53
CA LEU A 270 -15.59 -14.40 -10.89
C LEU A 270 -16.72 -15.00 -11.73
N ALA A 271 -17.99 -14.70 -11.40
CA ALA A 271 -19.13 -15.26 -12.12
C ALA A 271 -19.00 -14.90 -13.61
N GLN A 272 -18.71 -13.62 -13.83
CA GLN A 272 -18.58 -12.99 -15.14
C GLN A 272 -17.40 -13.62 -15.89
N ALA A 273 -16.25 -13.74 -15.22
CA ALA A 273 -15.05 -14.28 -15.84
C ALA A 273 -15.29 -15.72 -16.27
N LEU A 274 -15.92 -16.54 -15.42
CA LEU A 274 -16.27 -17.93 -15.75
C LEU A 274 -17.21 -17.96 -16.96
N LYS A 275 -18.24 -17.10 -16.96
CA LYS A 275 -19.25 -17.09 -18.02
C LYS A 275 -18.66 -16.70 -19.36
N GLU A 276 -17.70 -15.77 -19.39
CA GLU A 276 -17.06 -15.36 -20.63
C GLU A 276 -15.95 -16.35 -21.01
N GLY A 277 -15.60 -17.30 -20.11
CA GLY A 277 -14.54 -18.23 -20.42
C GLY A 277 -13.13 -17.65 -20.16
N ARG A 278 -13.03 -16.49 -19.48
CA ARG A 278 -11.73 -15.88 -19.14
C ARG A 278 -11.00 -16.74 -18.11
N ILE A 279 -11.73 -17.24 -17.09
CA ILE A 279 -11.31 -18.29 -16.18
C ILE A 279 -11.90 -19.61 -16.68
N ARG A 280 -11.06 -20.65 -16.86
CA ARG A 280 -11.48 -21.91 -17.42
C ARG A 280 -12.31 -22.72 -16.41
N GLY A 281 -12.04 -22.52 -15.12
CA GLY A 281 -12.73 -23.23 -14.06
C GLY A 281 -12.28 -22.77 -12.67
N ALA A 282 -13.17 -22.95 -11.69
CA ALA A 282 -12.92 -22.50 -10.34
C ALA A 282 -13.46 -23.49 -9.33
N ALA A 283 -12.73 -23.63 -8.21
CA ALA A 283 -13.05 -24.56 -7.13
C ALA A 283 -13.02 -23.79 -5.82
N LEU A 284 -14.19 -23.62 -5.19
CA LEU A 284 -14.25 -22.83 -3.95
C LEU A 284 -14.69 -23.70 -2.79
N ASP A 285 -13.92 -23.67 -1.70
CA ASP A 285 -14.34 -24.31 -0.46
C ASP A 285 -14.95 -23.26 0.45
N VAL A 286 -14.76 -22.00 0.09
CA VAL A 286 -15.16 -20.90 0.96
C VAL A 286 -15.90 -19.87 0.11
N HIS A 287 -16.82 -19.10 0.72
CA HIS A 287 -17.63 -18.17 -0.06
C HIS A 287 -17.88 -16.90 0.75
N GLU A 288 -18.27 -15.81 0.09
CA GLU A 288 -18.46 -14.52 0.74
C GLU A 288 -19.60 -14.58 1.75
N SER A 289 -20.61 -15.38 1.45
CA SER A 289 -21.73 -15.64 2.33
C SER A 289 -21.94 -17.15 2.45
N GLU A 290 -21.73 -17.66 3.68
CA GLU A 290 -21.90 -19.07 4.01
C GLU A 290 -23.18 -19.20 4.85
N PRO A 291 -24.02 -20.25 4.66
CA PRO A 291 -23.70 -21.39 3.80
C PRO A 291 -23.98 -21.17 2.30
N PHE A 292 -23.11 -21.73 1.47
CA PHE A 292 -23.20 -21.67 0.03
C PHE A 292 -24.39 -22.51 -0.44
N SER A 293 -25.13 -22.00 -1.44
CA SER A 293 -26.18 -22.72 -2.15
C SER A 293 -25.97 -22.53 -3.66
N PHE A 294 -26.23 -23.58 -4.45
CA PHE A 294 -26.15 -23.44 -5.90
C PHE A 294 -27.33 -22.63 -6.45
N ALA A 295 -28.33 -22.37 -5.61
CA ALA A 295 -29.59 -21.82 -6.09
C ALA A 295 -29.74 -20.34 -5.76
N GLN A 296 -28.71 -19.71 -5.19
CA GLN A 296 -28.80 -18.32 -4.75
C GLN A 296 -27.42 -17.69 -4.75
N GLY A 297 -27.37 -16.36 -4.91
CA GLY A 297 -26.16 -15.55 -4.84
C GLY A 297 -25.46 -15.32 -6.19
N PRO A 298 -24.32 -14.58 -6.19
CA PRO A 298 -23.66 -14.16 -7.44
C PRO A 298 -23.25 -15.23 -8.44
N LEU A 299 -22.99 -16.46 -7.96
CA LEU A 299 -22.50 -17.57 -8.79
C LEU A 299 -23.66 -18.47 -9.20
N LYS A 300 -24.92 -17.98 -9.06
CA LYS A 300 -26.14 -18.73 -9.34
C LYS A 300 -25.99 -19.61 -10.58
N ASP A 301 -25.63 -19.08 -11.77
CA ASP A 301 -25.63 -19.96 -12.94
C ASP A 301 -24.26 -19.99 -13.64
N ALA A 302 -23.22 -20.28 -12.89
CA ALA A 302 -21.89 -20.05 -13.44
C ALA A 302 -21.34 -21.38 -13.92
N PRO A 303 -20.81 -21.46 -15.15
CA PRO A 303 -20.23 -22.71 -15.62
C PRO A 303 -18.89 -23.01 -14.94
N ASN A 304 -18.48 -24.27 -14.95
CA ASN A 304 -17.14 -24.68 -14.57
C ASN A 304 -16.82 -24.35 -13.11
N LEU A 305 -17.78 -24.59 -12.23
CA LEU A 305 -17.65 -24.31 -10.84
C LEU A 305 -17.74 -25.62 -10.05
N ILE A 306 -16.71 -25.89 -9.24
CA ILE A 306 -16.78 -26.84 -8.13
C ILE A 306 -16.90 -26.05 -6.83
N CYS A 307 -17.87 -26.44 -5.98
CA CYS A 307 -17.93 -25.97 -4.62
C CYS A 307 -17.99 -27.11 -3.60
N THR A 308 -17.35 -26.89 -2.45
CA THR A 308 -17.56 -27.75 -1.29
C THR A 308 -17.96 -26.87 -0.10
N PRO A 309 -18.73 -27.35 0.92
CA PRO A 309 -19.25 -26.47 1.99
C PRO A 309 -18.35 -26.18 3.20
N HIS A 310 -17.11 -25.71 2.94
CA HIS A 310 -16.16 -25.32 3.98
C HIS A 310 -15.70 -26.55 4.76
N THR A 311 -15.07 -27.49 4.03
CA THR A 311 -14.73 -28.77 4.62
C THR A 311 -13.26 -29.06 4.49
N ALA A 312 -12.47 -28.15 3.89
CA ALA A 312 -11.08 -28.45 3.60
C ALA A 312 -10.32 -28.92 4.85
N TRP A 313 -10.70 -28.42 6.03
CA TRP A 313 -10.01 -28.68 7.30
C TRP A 313 -10.40 -30.05 7.89
N TYR A 314 -11.51 -30.65 7.44
CA TYR A 314 -12.18 -31.68 8.19
C TYR A 314 -11.60 -33.07 7.90
N SER A 315 -11.33 -33.79 9.00
CA SER A 315 -11.21 -35.23 8.98
C SER A 315 -11.45 -35.67 10.42
N GLU A 316 -11.87 -36.93 10.60
CA GLU A 316 -11.99 -37.51 11.91
C GLU A 316 -10.85 -37.06 12.84
N GLN A 317 -9.60 -37.24 12.42
CA GLN A 317 -8.45 -37.10 13.31
C GLN A 317 -8.20 -35.63 13.58
N ALA A 318 -8.36 -34.78 12.56
CA ALA A 318 -8.06 -33.35 12.65
C ALA A 318 -9.05 -32.66 13.58
N SER A 319 -10.33 -33.04 13.48
CA SER A 319 -11.38 -32.46 14.31
C SER A 319 -11.19 -32.84 15.78
N LEU A 320 -10.83 -34.10 16.06
CA LEU A 320 -10.46 -34.52 17.40
C LEU A 320 -9.21 -33.78 17.91
N GLU A 321 -8.17 -33.67 17.06
CA GLU A 321 -6.96 -32.95 17.43
C GLU A 321 -7.27 -31.49 17.79
N MET A 322 -8.12 -30.80 17.02
CA MET A 322 -8.32 -29.38 17.30
C MET A 322 -9.24 -29.14 18.49
N ARG A 323 -10.22 -30.02 18.71
CA ARG A 323 -11.11 -29.82 19.85
C ARG A 323 -10.39 -30.11 21.16
N GLU A 324 -9.45 -31.06 21.14
CA GLU A 324 -8.63 -31.29 22.33
C GLU A 324 -7.72 -30.10 22.60
N ALA A 325 -7.08 -29.58 21.54
CA ALA A 325 -6.15 -28.47 21.62
C ALA A 325 -6.83 -27.21 22.16
N ALA A 326 -8.10 -26.97 21.76
CA ALA A 326 -8.83 -25.79 22.14
C ALA A 326 -9.22 -25.91 23.61
N ALA A 327 -9.68 -27.10 24.00
CA ALA A 327 -10.07 -27.38 25.37
C ALA A 327 -8.84 -27.26 26.27
N THR A 328 -7.69 -27.74 25.79
CA THR A 328 -6.43 -27.63 26.51
C THR A 328 -6.10 -26.15 26.73
N GLU A 329 -6.34 -25.33 25.70
CA GLU A 329 -5.99 -23.93 25.77
C GLU A 329 -6.86 -23.22 26.82
N ILE A 330 -8.16 -23.55 26.92
CA ILE A 330 -9.04 -23.00 27.93
C ILE A 330 -8.51 -23.40 29.31
N ARG A 331 -8.01 -24.64 29.43
CA ARG A 331 -7.54 -25.18 30.69
C ARG A 331 -6.34 -24.35 31.20
N ARG A 332 -5.45 -23.98 30.27
CA ARG A 332 -4.26 -23.21 30.61
C ARG A 332 -4.65 -21.81 31.07
N ALA A 333 -5.65 -21.21 30.42
CA ALA A 333 -6.03 -19.83 30.73
C ALA A 333 -6.71 -19.76 32.07
N ILE A 334 -7.41 -20.85 32.43
CA ILE A 334 -8.17 -20.87 33.66
C ILE A 334 -7.26 -21.20 34.84
N THR A 335 -6.21 -21.99 34.64
CA THR A 335 -5.38 -22.43 35.76
C THR A 335 -4.06 -21.67 35.83
N GLY A 336 -3.71 -20.95 34.72
CA GLY A 336 -2.39 -20.38 34.49
C GLY A 336 -2.40 -18.86 34.60
N ARG A 337 -1.56 -18.20 33.81
CA ARG A 337 -1.59 -16.75 33.65
C ARG A 337 -2.03 -16.39 32.23
N ILE A 338 -2.72 -15.25 32.08
CA ILE A 338 -3.12 -14.79 30.76
C ILE A 338 -2.35 -13.49 30.46
N PRO A 339 -1.59 -13.42 29.34
CA PRO A 339 -1.47 -14.52 28.38
C PRO A 339 -0.24 -15.45 28.33
N GLU A 340 0.61 -15.46 29.36
CA GLU A 340 1.88 -16.18 29.34
C GLU A 340 1.69 -17.71 29.23
N SER A 341 0.61 -18.25 29.80
CA SER A 341 0.32 -19.68 29.83
C SER A 341 -0.23 -20.17 28.50
N LEU A 342 -0.66 -19.27 27.61
CA LEU A 342 -1.36 -19.62 26.39
C LEU A 342 -0.35 -20.01 25.31
N ARG A 343 -0.70 -21.06 24.56
CA ARG A 343 0.18 -21.66 23.56
C ARG A 343 0.13 -20.83 22.28
N ASN A 344 -1.04 -20.31 21.89
CA ASN A 344 -1.18 -19.75 20.56
C ASN A 344 -2.06 -18.51 20.60
N CYS A 345 -1.71 -17.57 21.46
CA CYS A 345 -2.40 -16.31 21.57
C CYS A 345 -2.03 -15.44 20.37
N VAL A 346 -3.03 -14.85 19.72
CA VAL A 346 -2.76 -14.12 18.49
C VAL A 346 -2.95 -12.61 18.71
N ASN A 347 -3.16 -12.13 19.97
CA ASN A 347 -3.39 -10.71 20.16
C ASN A 347 -2.55 -10.10 21.27
N LYS A 348 -1.39 -10.69 21.54
CA LYS A 348 -0.43 -10.24 22.55
C LYS A 348 -0.05 -8.78 22.36
N GLU A 349 0.00 -8.33 21.11
CA GLU A 349 0.42 -7.00 20.74
C GLU A 349 -0.60 -5.95 21.22
N PHE A 350 -1.86 -6.37 21.43
CA PHE A 350 -2.93 -5.43 21.76
C PHE A 350 -3.46 -5.67 23.18
N PHE A 351 -2.99 -6.74 23.86
CA PHE A 351 -3.61 -7.30 25.05
C PHE A 351 -3.51 -6.33 26.26
N ARG B 22 33.31 12.89 0.31
CA ARG B 22 32.38 11.74 0.22
C ARG B 22 32.54 10.87 1.46
N PRO B 23 31.44 10.57 2.17
CA PRO B 23 31.48 9.79 3.41
C PRO B 23 32.32 8.53 3.25
N LEU B 24 33.11 8.23 4.30
CA LEU B 24 34.01 7.09 4.27
C LEU B 24 33.23 5.84 4.67
N VAL B 25 33.41 4.79 3.88
CA VAL B 25 32.88 3.47 4.18
C VAL B 25 34.04 2.47 4.13
N ALA B 26 34.14 1.64 5.19
CA ALA B 26 35.31 0.85 5.45
C ALA B 26 34.92 -0.62 5.54
N LEU B 27 35.71 -1.48 4.85
CA LEU B 27 35.68 -2.94 5.02
C LEU B 27 36.69 -3.26 6.11
N LEU B 28 36.23 -3.80 7.24
CA LEU B 28 37.06 -3.89 8.44
C LEU B 28 38.08 -5.02 8.33
N ASP B 29 37.61 -6.26 8.05
CA ASP B 29 38.47 -7.43 8.09
C ASP B 29 38.66 -8.05 6.71
N GLY B 30 39.10 -7.24 5.75
CA GLY B 30 39.27 -7.65 4.36
C GLY B 30 40.16 -6.65 3.60
N ARG B 31 40.55 -7.06 2.36
CA ARG B 31 41.30 -6.21 1.46
C ARG B 31 40.42 -5.91 0.25
N ASP B 32 39.91 -6.97 -0.39
CA ASP B 32 39.25 -6.95 -1.69
C ASP B 32 37.93 -6.18 -1.62
N CYS B 33 37.78 -5.20 -2.51
CA CYS B 33 36.60 -4.35 -2.55
C CYS B 33 36.11 -4.19 -3.98
N THR B 34 36.35 -5.20 -4.82
CA THR B 34 36.12 -5.10 -6.26
C THR B 34 34.64 -5.25 -6.61
N VAL B 35 33.83 -5.83 -5.74
CA VAL B 35 32.39 -5.96 -5.99
C VAL B 35 31.67 -4.73 -5.46
N GLU B 36 32.13 -4.21 -4.32
CA GLU B 36 31.50 -3.11 -3.60
C GLU B 36 31.78 -1.76 -4.27
N MET B 37 32.94 -1.62 -4.92
CA MET B 37 33.38 -0.33 -5.43
C MET B 37 32.45 0.21 -6.51
N PRO B 38 32.08 -0.56 -7.57
CA PRO B 38 31.18 -0.05 -8.60
C PRO B 38 29.85 0.41 -8.03
N ILE B 39 29.38 -0.26 -6.96
CA ILE B 39 28.08 0.06 -6.40
C ILE B 39 28.15 1.32 -5.53
N LEU B 40 29.34 1.72 -5.05
CA LEU B 40 29.47 2.77 -4.05
C LEU B 40 30.31 3.94 -4.56
N LYS B 41 31.10 3.73 -5.63
CA LYS B 41 32.18 4.65 -5.99
C LYS B 41 31.67 6.10 -6.10
N ASP B 42 30.39 6.23 -6.45
CA ASP B 42 29.82 7.51 -6.80
C ASP B 42 29.34 8.24 -5.54
N LEU B 43 29.37 7.57 -4.37
CA LEU B 43 28.71 8.06 -3.17
C LEU B 43 29.64 8.05 -1.96
N ALA B 44 30.62 7.13 -1.92
CA ALA B 44 31.47 7.02 -0.75
C ALA B 44 32.96 6.96 -1.14
N THR B 45 33.84 7.30 -0.19
CA THR B 45 35.21 6.82 -0.24
C THR B 45 35.21 5.40 0.34
N VAL B 46 35.60 4.42 -0.47
CA VAL B 46 35.63 3.03 -0.06
C VAL B 46 37.06 2.70 0.39
N ALA B 47 37.19 2.15 1.61
CA ALA B 47 38.45 1.84 2.25
C ALA B 47 38.43 0.42 2.83
N PHE B 48 39.63 -0.07 3.14
CA PHE B 48 39.82 -1.34 3.80
C PHE B 48 40.82 -1.17 4.95
N CYS B 49 40.71 -2.05 5.97
CA CYS B 49 41.58 -2.02 7.14
C CYS B 49 42.37 -3.31 7.22
N ASP B 50 41.88 -4.38 6.55
CA ASP B 50 42.40 -5.73 6.66
C ASP B 50 42.71 -6.10 8.11
N ALA B 51 41.84 -5.73 9.04
CA ALA B 51 42.11 -5.92 10.46
C ALA B 51 41.83 -7.36 10.86
N GLN B 52 42.71 -7.96 11.69
CA GLN B 52 42.44 -9.25 12.31
C GLN B 52 42.02 -9.08 13.76
N SER B 53 42.18 -7.88 14.30
CA SER B 53 41.62 -7.49 15.60
C SER B 53 41.24 -6.03 15.53
N THR B 54 40.56 -5.52 16.57
CA THR B 54 39.99 -4.18 16.44
C THR B 54 41.02 -3.08 16.72
N GLN B 55 42.21 -3.45 17.22
CA GLN B 55 43.29 -2.49 17.46
C GLN B 55 44.02 -2.15 16.17
N GLU B 56 43.70 -2.86 15.08
CA GLU B 56 44.34 -2.66 13.79
C GLU B 56 43.44 -1.83 12.86
N ILE B 57 42.50 -1.11 13.44
CA ILE B 57 41.62 -0.23 12.66
C ILE B 57 42.24 1.17 12.69
N HIS B 58 42.50 1.71 11.49
CA HIS B 58 43.02 3.05 11.34
C HIS B 58 42.13 4.00 12.14
N GLU B 59 42.73 4.94 12.87
CA GLU B 59 41.94 5.83 13.69
C GLU B 59 41.20 6.83 12.81
N LYS B 60 41.57 6.92 11.53
CA LYS B 60 40.79 7.69 10.56
C LYS B 60 39.39 7.08 10.43
N VAL B 61 39.32 5.76 10.33
CA VAL B 61 38.08 4.99 10.24
C VAL B 61 37.24 5.18 11.53
N LEU B 62 37.89 5.10 12.69
CA LEU B 62 37.21 5.25 13.97
C LEU B 62 36.57 6.64 14.05
N ASN B 63 37.21 7.64 13.44
CA ASN B 63 36.81 9.03 13.58
C ASN B 63 35.78 9.40 12.51
N GLU B 64 35.90 8.84 11.29
CA GLU B 64 35.25 9.41 10.11
C GLU B 64 34.23 8.48 9.46
N ALA B 65 34.42 7.16 9.57
CA ALA B 65 33.60 6.21 8.85
C ALA B 65 32.15 6.25 9.33
N VAL B 66 31.21 6.29 8.37
CA VAL B 66 29.79 6.33 8.66
C VAL B 66 29.19 4.95 8.45
N GLY B 67 29.87 4.12 7.63
CA GLY B 67 29.44 2.75 7.45
C GLY B 67 30.61 1.77 7.42
N ALA B 68 30.33 0.55 7.89
CA ALA B 68 31.33 -0.50 7.99
C ALA B 68 30.79 -1.79 7.37
N MET B 69 31.67 -2.56 6.74
CA MET B 69 31.33 -3.89 6.27
C MET B 69 32.29 -4.88 6.92
N MET B 70 31.79 -6.05 7.30
CA MET B 70 32.66 -7.00 7.98
C MET B 70 32.23 -8.42 7.73
N TYR B 71 33.21 -9.31 7.81
CA TYR B 71 32.96 -10.76 7.79
C TYR B 71 32.88 -11.29 9.22
N HIS B 72 33.21 -12.57 9.40
CA HIS B 72 33.03 -13.19 10.70
C HIS B 72 34.36 -13.22 11.48
N THR B 73 35.44 -12.65 10.90
CA THR B 73 36.79 -12.90 11.40
C THR B 73 37.23 -11.86 12.41
N ILE B 74 36.36 -10.90 12.76
CA ILE B 74 36.63 -10.07 13.92
C ILE B 74 35.36 -9.90 14.76
N THR B 75 35.56 -9.47 16.01
CA THR B 75 34.48 -9.31 16.98
C THR B 75 34.34 -7.85 17.37
N LEU B 76 33.11 -7.32 17.37
CA LEU B 76 32.90 -5.96 17.86
C LEU B 76 32.10 -5.98 19.16
N THR B 77 32.77 -5.61 20.27
CA THR B 77 32.10 -5.57 21.55
C THR B 77 31.60 -4.15 21.79
N ARG B 78 30.83 -3.98 22.87
CA ARG B 78 30.39 -2.67 23.31
C ARG B 78 31.55 -1.69 23.39
N GLU B 79 32.71 -2.13 23.94
CA GLU B 79 33.85 -1.25 24.13
C GLU B 79 34.40 -0.82 22.77
N ASP B 80 34.41 -1.75 21.80
CA ASP B 80 34.87 -1.49 20.44
C ASP B 80 33.98 -0.45 19.74
N LEU B 81 32.65 -0.61 19.87
CA LEU B 81 31.67 0.26 19.25
C LEU B 81 31.76 1.69 19.78
N GLU B 82 32.17 1.85 21.04
CA GLU B 82 32.23 3.17 21.68
C GLU B 82 33.36 4.01 21.08
N LYS B 83 34.29 3.36 20.37
CA LYS B 83 35.47 4.02 19.81
C LYS B 83 35.13 4.76 18.51
N PHE B 84 34.06 4.33 17.80
CA PHE B 84 33.63 4.93 16.55
C PHE B 84 32.84 6.22 16.79
N LYS B 85 33.22 7.29 16.10
CA LYS B 85 32.68 8.61 16.35
C LYS B 85 31.59 9.00 15.33
N ALA B 86 31.64 8.47 14.10
CA ALA B 86 30.70 8.84 13.04
C ALA B 86 29.83 7.65 12.57
N LEU B 87 30.16 6.42 12.99
CA LEU B 87 29.59 5.21 12.41
C LEU B 87 28.09 5.14 12.65
N ARG B 88 27.31 4.74 11.62
CA ARG B 88 25.85 4.74 11.72
C ARG B 88 25.26 3.43 11.24
N VAL B 89 26.04 2.62 10.49
CA VAL B 89 25.59 1.30 10.04
C VAL B 89 26.78 0.32 9.97
N ILE B 90 26.53 -0.92 10.38
CA ILE B 90 27.39 -2.06 10.16
C ILE B 90 26.59 -3.09 9.34
N VAL B 91 27.15 -3.50 8.19
CA VAL B 91 26.56 -4.59 7.43
C VAL B 91 27.46 -5.82 7.52
N ARG B 92 26.93 -6.91 8.08
CA ARG B 92 27.59 -8.20 8.08
C ARG B 92 27.37 -8.86 6.72
N ILE B 93 28.46 -9.11 6.01
CA ILE B 93 28.41 -9.78 4.72
C ILE B 93 28.30 -11.26 5.00
N GLY B 94 27.08 -11.72 5.27
CA GLY B 94 26.84 -13.08 5.78
C GLY B 94 25.62 -13.09 6.67
N SER B 95 25.23 -14.28 7.15
CA SER B 95 23.94 -14.42 7.83
C SER B 95 24.08 -14.34 9.35
N GLY B 96 25.21 -14.83 9.89
CA GLY B 96 25.33 -14.80 11.35
C GLY B 96 25.97 -13.50 11.80
N TYR B 97 25.54 -13.00 12.94
CA TYR B 97 25.96 -11.70 13.46
C TYR B 97 26.23 -11.78 14.95
N ASP B 98 26.57 -12.99 15.40
CA ASP B 98 26.89 -13.24 16.80
C ASP B 98 28.17 -12.48 17.17
N ASN B 99 29.00 -12.14 16.18
CA ASN B 99 30.27 -11.47 16.41
C ASN B 99 30.11 -9.96 16.66
N VAL B 100 28.87 -9.43 16.65
CA VAL B 100 28.60 -8.03 17.00
C VAL B 100 27.62 -7.94 18.17
N ASP B 101 27.91 -7.03 19.13
CA ASP B 101 27.01 -6.78 20.25
C ASP B 101 25.88 -5.88 19.75
N ILE B 102 24.81 -6.50 19.24
CA ILE B 102 23.81 -5.78 18.48
C ILE B 102 22.98 -4.87 19.36
N LYS B 103 22.97 -5.18 20.66
CA LYS B 103 22.25 -4.37 21.64
C LYS B 103 23.04 -3.08 21.94
N ALA B 104 24.35 -3.24 22.13
CA ALA B 104 25.23 -2.11 22.35
C ALA B 104 25.14 -1.17 21.16
N ALA B 105 25.24 -1.76 19.96
CA ALA B 105 25.20 -0.99 18.72
C ALA B 105 23.92 -0.15 18.66
N GLY B 106 22.78 -0.77 19.00
CA GLY B 106 21.50 -0.09 18.91
C GLY B 106 21.44 1.12 19.85
N GLU B 107 21.89 0.90 21.10
CA GLU B 107 21.90 1.92 22.14
C GLU B 107 22.84 3.06 21.77
N LEU B 108 23.81 2.76 20.89
CA LEU B 108 24.79 3.73 20.43
C LEU B 108 24.34 4.45 19.15
N GLY B 109 23.21 4.05 18.56
CA GLY B 109 22.70 4.71 17.36
C GLY B 109 23.18 4.07 16.05
N ILE B 110 23.73 2.83 16.13
CA ILE B 110 24.35 2.13 15.04
C ILE B 110 23.45 0.95 14.64
N ALA B 111 23.01 0.93 13.38
CA ALA B 111 22.17 -0.13 12.88
C ALA B 111 23.09 -1.24 12.40
N VAL B 112 22.65 -2.51 12.63
CA VAL B 112 23.41 -3.66 12.19
C VAL B 112 22.54 -4.46 11.23
N CYS B 113 23.12 -4.83 10.07
CA CYS B 113 22.39 -5.52 9.02
C CYS B 113 23.13 -6.80 8.68
N ASN B 114 22.36 -7.81 8.24
CA ASN B 114 22.97 -9.02 7.73
C ASN B 114 22.47 -9.32 6.31
N ILE B 115 23.04 -10.32 5.66
CA ILE B 115 22.56 -10.84 4.40
C ILE B 115 22.01 -12.22 4.74
N PRO B 116 20.69 -12.36 5.01
CA PRO B 116 20.13 -13.62 5.48
C PRO B 116 20.06 -14.79 4.51
N SER B 117 20.06 -14.55 3.19
CA SER B 117 19.63 -15.68 2.35
C SER B 117 20.45 -15.87 1.06
N ALA B 118 21.68 -15.36 1.04
CA ALA B 118 22.55 -15.52 -0.12
C ALA B 118 23.18 -16.91 -0.20
N ALA B 119 23.18 -17.69 0.88
CA ALA B 119 23.93 -18.93 0.84
C ALA B 119 23.17 -20.12 1.45
N VAL B 120 21.83 -20.09 1.48
CA VAL B 120 21.02 -21.13 2.13
C VAL B 120 21.25 -22.51 1.47
N GLU B 121 21.17 -22.59 0.15
CA GLU B 121 21.41 -23.82 -0.61
C GLU B 121 22.88 -24.25 -0.57
N GLU B 122 23.83 -23.30 -0.68
CA GLU B 122 25.25 -23.63 -0.55
C GLU B 122 25.54 -24.38 0.78
N THR B 123 25.10 -23.77 1.90
CA THR B 123 25.29 -24.32 3.22
C THR B 123 24.62 -25.71 3.34
N ALA B 124 23.37 -25.82 2.88
CA ALA B 124 22.63 -27.07 2.99
C ALA B 124 23.30 -28.15 2.15
N ASP B 125 23.81 -27.82 0.94
CA ASP B 125 24.50 -28.82 0.12
C ASP B 125 25.82 -29.25 0.75
N SER B 126 26.57 -28.31 1.36
CA SER B 126 27.80 -28.59 2.08
C SER B 126 27.54 -29.48 3.30
N THR B 127 26.39 -29.27 3.96
CA THR B 127 26.01 -30.07 5.12
C THR B 127 25.71 -31.50 4.68
N ILE B 128 24.84 -31.68 3.65
CA ILE B 128 24.52 -33.00 3.13
C ILE B 128 25.79 -33.67 2.69
N CYS B 129 26.75 -32.89 2.22
CA CYS B 129 28.03 -33.46 1.81
C CYS B 129 28.83 -33.97 3.01
N HIS B 130 28.79 -33.26 4.17
CA HIS B 130 29.49 -33.72 5.38
C HIS B 130 28.88 -35.02 5.91
N ILE B 131 27.56 -35.09 5.98
CA ILE B 131 26.79 -36.27 6.39
C ILE B 131 27.12 -37.49 5.52
N LEU B 132 27.04 -37.34 4.18
CA LEU B 132 27.43 -38.39 3.25
C LEU B 132 28.91 -38.72 3.38
N ASN B 133 29.79 -37.74 3.65
CA ASN B 133 31.18 -38.09 3.89
C ASN B 133 31.34 -38.93 5.16
N LEU B 134 30.45 -38.80 6.15
CA LEU B 134 30.55 -39.60 7.37
C LEU B 134 30.09 -41.04 7.11
N TYR B 135 28.90 -41.21 6.53
CA TYR B 135 28.31 -42.51 6.27
C TYR B 135 29.09 -43.32 5.22
N ARG B 136 29.62 -42.66 4.16
CA ARG B 136 30.24 -43.40 3.06
C ARG B 136 31.76 -43.30 3.09
N ARG B 137 32.31 -42.29 3.79
CA ARG B 137 33.74 -42.22 4.08
C ARG B 137 34.57 -41.80 2.86
N ASN B 138 33.94 -41.11 1.90
CA ASN B 138 34.61 -40.75 0.65
C ASN B 138 35.87 -39.93 0.90
N THR B 139 35.82 -38.96 1.81
CA THR B 139 36.97 -38.12 2.10
C THR B 139 38.13 -38.92 2.70
N TRP B 140 37.84 -39.73 3.74
CA TRP B 140 38.85 -40.57 4.36
C TRP B 140 39.51 -41.58 3.40
N LEU B 141 38.67 -42.19 2.57
CA LEU B 141 39.15 -43.11 1.55
C LEU B 141 40.04 -42.36 0.57
N TYR B 142 39.66 -41.11 0.23
CA TYR B 142 40.51 -40.31 -0.64
C TYR B 142 41.88 -40.09 0.02
N GLN B 143 41.87 -39.67 1.31
CA GLN B 143 43.07 -39.44 2.10
C GLN B 143 43.89 -40.73 2.21
N ALA B 144 43.22 -41.87 2.36
CA ALA B 144 43.95 -43.12 2.37
C ALA B 144 44.77 -43.28 1.09
N LEU B 145 44.17 -43.02 -0.08
CA LEU B 145 44.83 -43.22 -1.36
C LEU B 145 45.98 -42.22 -1.51
N ARG B 146 45.80 -40.99 -0.99
CA ARG B 146 46.82 -39.95 -1.09
C ARG B 146 48.01 -40.28 -0.16
N GLU B 147 47.78 -41.14 0.84
CA GLU B 147 48.89 -41.54 1.69
C GLU B 147 49.53 -42.83 1.22
N GLY B 148 49.14 -43.36 0.04
CA GLY B 148 49.82 -44.48 -0.56
C GLY B 148 49.25 -45.85 -0.21
N THR B 149 48.10 -45.91 0.48
CA THR B 149 47.42 -47.18 0.74
C THR B 149 47.04 -47.87 -0.56
N ARG B 150 47.34 -49.17 -0.63
CA ARG B 150 47.08 -49.98 -1.81
C ARG B 150 46.02 -51.01 -1.41
N VAL B 151 44.85 -50.85 -2.04
CA VAL B 151 43.63 -51.58 -1.73
C VAL B 151 43.36 -52.55 -2.87
N GLN B 152 44.12 -53.66 -2.94
CA GLN B 152 44.07 -54.65 -4.00
C GLN B 152 42.83 -55.53 -3.84
N SER B 153 42.66 -56.07 -2.62
CA SER B 153 41.77 -57.19 -2.39
C SER B 153 40.50 -56.73 -1.70
N VAL B 154 39.47 -57.58 -1.80
CA VAL B 154 38.19 -57.28 -1.16
C VAL B 154 38.30 -57.20 0.35
N GLU B 155 39.17 -57.98 1.01
CA GLU B 155 39.40 -57.85 2.44
C GLU B 155 40.02 -56.49 2.74
N GLN B 156 40.89 -56.02 1.85
CA GLN B 156 41.53 -54.71 1.97
C GLN B 156 40.52 -53.58 1.77
N ILE B 157 39.56 -53.73 0.85
CA ILE B 157 38.50 -52.76 0.64
C ILE B 157 37.64 -52.65 1.88
N ARG B 158 37.18 -53.80 2.39
CA ARG B 158 36.30 -53.82 3.56
C ARG B 158 37.05 -53.24 4.76
N GLU B 159 38.37 -53.45 4.80
CA GLU B 159 39.18 -52.96 5.91
C GLU B 159 39.24 -51.44 5.91
N VAL B 160 39.66 -50.87 4.77
CA VAL B 160 39.86 -49.44 4.67
C VAL B 160 38.53 -48.71 4.74
N ALA B 161 37.41 -49.33 4.30
CA ALA B 161 36.09 -48.69 4.29
C ALA B 161 35.29 -49.06 5.54
N SER B 162 35.89 -49.79 6.45
CA SER B 162 35.23 -50.26 7.65
C SER B 162 34.49 -49.13 8.34
N GLY B 163 33.18 -49.30 8.53
CA GLY B 163 32.36 -48.33 9.22
C GLY B 163 31.38 -47.57 8.30
N ALA B 164 31.58 -47.71 6.97
CA ALA B 164 30.60 -47.22 6.04
C ALA B 164 29.28 -47.90 6.39
N ALA B 165 28.20 -47.12 6.43
CA ALA B 165 26.96 -47.64 6.98
C ALA B 165 25.78 -47.28 6.06
N ARG B 166 24.76 -48.13 6.06
CA ARG B 166 23.55 -47.86 5.30
C ARG B 166 22.79 -46.72 5.95
N ILE B 167 22.35 -45.76 5.14
CA ILE B 167 21.57 -44.61 5.51
C ILE B 167 20.09 -44.91 5.65
N ARG B 168 19.47 -45.69 4.76
CA ARG B 168 18.02 -45.82 4.84
C ARG B 168 17.57 -46.29 6.25
N GLY B 169 16.72 -45.50 6.90
CA GLY B 169 16.17 -45.85 8.19
C GLY B 169 16.87 -45.17 9.36
N GLU B 170 18.01 -44.50 9.13
CA GLU B 170 18.68 -43.71 10.14
C GLU B 170 17.89 -42.41 10.40
N THR B 171 18.03 -41.89 11.65
CA THR B 171 17.35 -40.66 12.02
C THR B 171 18.35 -39.51 11.95
N LEU B 172 17.95 -38.45 11.25
CA LEU B 172 18.76 -37.24 11.16
C LEU B 172 18.08 -36.23 12.05
N GLY B 173 18.81 -35.80 13.09
CA GLY B 173 18.25 -34.85 14.02
C GLY B 173 18.85 -33.47 13.81
N LEU B 174 17.95 -32.49 13.56
CA LEU B 174 18.36 -31.12 13.24
C LEU B 174 18.08 -30.25 14.46
N ILE B 175 19.13 -29.52 14.90
CA ILE B 175 19.02 -28.54 15.96
C ILE B 175 18.98 -27.16 15.30
N GLY B 176 17.78 -26.58 15.25
CA GLY B 176 17.57 -25.38 14.46
C GLY B 176 16.86 -25.76 13.17
N PHE B 177 15.69 -25.17 12.96
CA PHE B 177 14.93 -25.49 11.77
C PHE B 177 14.44 -24.19 11.14
N GLY B 178 15.39 -23.31 10.84
CA GLY B 178 15.14 -22.12 10.04
C GLY B 178 15.57 -22.41 8.60
N ARG B 179 16.21 -21.42 7.95
CA ARG B 179 16.49 -21.52 6.53
C ARG B 179 17.36 -22.73 6.20
N THR B 180 18.54 -22.86 6.85
CA THR B 180 19.46 -23.93 6.45
C THR B 180 18.87 -25.25 6.93
N GLY B 181 18.27 -25.26 8.12
CA GLY B 181 17.73 -26.51 8.61
C GLY B 181 16.61 -27.06 7.73
N GLN B 182 15.73 -26.18 7.23
CA GLN B 182 14.65 -26.63 6.36
C GLN B 182 15.24 -27.11 5.01
N ALA B 183 16.28 -26.43 4.50
CA ALA B 183 16.90 -26.82 3.24
C ALA B 183 17.53 -28.21 3.36
N VAL B 184 18.19 -28.48 4.51
CA VAL B 184 18.79 -29.78 4.79
C VAL B 184 17.72 -30.88 4.83
N ALA B 185 16.57 -30.62 5.48
CA ALA B 185 15.51 -31.63 5.57
C ALA B 185 15.01 -32.09 4.18
N VAL B 186 14.71 -31.11 3.32
CA VAL B 186 14.22 -31.31 1.97
C VAL B 186 15.18 -32.24 1.20
N ARG B 187 16.50 -32.10 1.41
CA ARG B 187 17.50 -32.88 0.72
C ARG B 187 17.65 -34.26 1.38
N ALA B 188 17.46 -34.37 2.69
CA ALA B 188 17.77 -35.58 3.40
C ALA B 188 16.72 -36.66 3.14
N LYS B 189 15.45 -36.29 2.94
CA LYS B 189 14.37 -37.28 2.75
C LYS B 189 14.69 -38.33 1.69
N ALA B 190 15.29 -37.94 0.53
CA ALA B 190 15.36 -38.87 -0.62
C ALA B 190 16.38 -39.97 -0.37
N PHE B 191 17.24 -39.77 0.64
CA PHE B 191 18.24 -40.76 0.99
C PHE B 191 17.67 -41.77 1.99
N GLY B 192 16.46 -41.52 2.51
CA GLY B 192 15.80 -42.49 3.36
C GLY B 192 16.00 -42.21 4.84
N PHE B 193 16.61 -41.07 5.20
CA PHE B 193 16.63 -40.53 6.55
C PHE B 193 15.21 -40.22 7.01
N SER B 194 14.92 -40.53 8.27
CA SER B 194 13.83 -39.93 9.02
C SER B 194 14.34 -38.65 9.65
N VAL B 195 13.65 -37.55 9.38
CA VAL B 195 14.11 -36.24 9.80
C VAL B 195 13.24 -35.83 10.99
N ILE B 196 13.94 -35.31 12.02
CA ILE B 196 13.28 -34.78 13.20
C ILE B 196 14.03 -33.52 13.57
N PHE B 197 13.34 -32.55 14.23
CA PHE B 197 14.03 -31.30 14.59
C PHE B 197 13.61 -30.83 15.98
N TYR B 198 14.52 -30.07 16.60
CA TYR B 198 14.29 -29.33 17.84
C TYR B 198 14.57 -27.86 17.57
N ASP B 199 13.60 -26.99 17.85
CA ASP B 199 13.74 -25.56 17.61
C ASP B 199 12.70 -24.87 18.49
N PRO B 200 13.11 -24.45 19.70
CA PRO B 200 12.15 -24.04 20.72
C PRO B 200 11.51 -22.67 20.47
N TYR B 201 12.00 -21.92 19.47
CA TYR B 201 11.49 -20.58 19.19
C TYR B 201 10.45 -20.58 18.06
N LEU B 202 10.20 -21.72 17.38
CA LEU B 202 9.24 -21.74 16.29
C LEU B 202 7.82 -21.92 16.80
N GLN B 203 6.84 -21.32 16.09
CA GLN B 203 5.43 -21.56 16.37
C GLN B 203 5.06 -22.93 15.82
N ASP B 204 3.86 -23.44 16.15
CA ASP B 204 3.41 -24.75 15.69
C ASP B 204 2.99 -24.68 14.22
N GLY B 205 3.36 -25.67 13.40
CA GLY B 205 2.97 -25.59 11.99
C GLY B 205 3.98 -26.16 10.99
N ILE B 206 5.24 -25.68 11.04
CA ILE B 206 6.20 -26.04 10.03
C ILE B 206 6.39 -27.57 10.00
N GLU B 207 6.34 -28.26 11.14
CA GLU B 207 6.52 -29.72 11.13
C GLU B 207 5.45 -30.40 10.26
N ARG B 208 4.20 -29.93 10.33
CA ARG B 208 3.13 -30.48 9.52
C ARG B 208 3.28 -30.05 8.06
N SER B 209 3.67 -28.80 7.78
CA SER B 209 3.85 -28.32 6.42
C SER B 209 4.86 -29.18 5.68
N LEU B 210 6.02 -29.43 6.29
CA LEU B 210 7.08 -30.13 5.59
C LEU B 210 7.07 -31.63 5.89
N GLY B 211 6.11 -32.12 6.68
CA GLY B 211 6.02 -33.54 7.00
C GLY B 211 7.29 -34.12 7.64
N VAL B 212 7.88 -33.43 8.61
CA VAL B 212 8.88 -34.04 9.47
C VAL B 212 8.36 -34.12 10.93
N GLN B 213 9.09 -34.76 11.85
CA GLN B 213 8.63 -34.79 13.25
C GLN B 213 9.35 -33.66 14.01
N ARG B 214 8.63 -33.03 14.93
CA ARG B 214 9.21 -32.14 15.91
C ARG B 214 9.34 -32.82 17.29
N VAL B 215 10.51 -32.66 17.95
CA VAL B 215 10.56 -32.99 19.40
C VAL B 215 10.72 -31.69 20.21
N TYR B 216 10.52 -31.73 21.52
CA TYR B 216 10.35 -30.49 22.28
C TYR B 216 11.45 -30.29 23.31
N THR B 217 12.45 -31.16 23.35
CA THR B 217 13.59 -30.93 24.24
C THR B 217 14.82 -31.37 23.46
N LEU B 218 15.96 -30.76 23.82
CA LEU B 218 17.23 -31.24 23.31
C LEU B 218 17.41 -32.73 23.61
N GLN B 219 16.99 -33.19 24.78
CA GLN B 219 17.26 -34.55 25.16
C GLN B 219 16.55 -35.53 24.23
N ASP B 220 15.27 -35.25 23.88
CA ASP B 220 14.57 -36.16 23.00
C ASP B 220 15.25 -36.20 21.65
N LEU B 221 15.71 -35.03 21.17
CA LEU B 221 16.43 -35.05 19.90
C LEU B 221 17.65 -35.96 20.02
N LEU B 222 18.50 -35.83 21.04
CA LEU B 222 19.73 -36.60 21.09
C LEU B 222 19.48 -38.11 21.25
N TYR B 223 18.42 -38.46 21.95
CA TYR B 223 18.10 -39.84 22.22
C TYR B 223 17.65 -40.55 20.93
N GLN B 224 17.01 -39.81 20.04
CA GLN B 224 16.33 -40.39 18.89
C GLN B 224 17.20 -40.37 17.65
N SER B 225 18.32 -39.64 17.68
CA SER B 225 19.11 -39.31 16.49
C SER B 225 20.36 -40.18 16.32
N ASP B 226 20.54 -40.72 15.12
CA ASP B 226 21.79 -41.35 14.67
C ASP B 226 22.80 -40.32 14.21
N CYS B 227 22.30 -39.27 13.55
CA CYS B 227 23.16 -38.21 13.10
C CYS B 227 22.55 -36.89 13.53
N VAL B 228 23.36 -36.04 14.18
CA VAL B 228 22.85 -34.78 14.67
C VAL B 228 23.54 -33.67 13.91
N SER B 229 22.75 -32.66 13.46
CA SER B 229 23.27 -31.57 12.65
C SER B 229 22.80 -30.24 13.20
N LEU B 230 23.75 -29.30 13.46
CA LEU B 230 23.46 -27.99 14.05
C LEU B 230 23.12 -26.93 12.98
N HIS B 231 21.98 -26.26 13.15
CA HIS B 231 21.50 -25.26 12.20
C HIS B 231 20.86 -24.09 12.93
N CYS B 232 21.36 -23.75 14.12
CA CYS B 232 20.84 -22.64 14.90
C CYS B 232 21.87 -21.52 14.94
N ASN B 233 21.39 -20.28 15.14
CA ASN B 233 22.28 -19.14 15.29
C ASN B 233 22.90 -19.24 16.68
N LEU B 234 24.14 -18.73 16.82
CA LEU B 234 24.76 -18.65 18.13
C LEU B 234 24.16 -17.46 18.88
N ASN B 235 23.71 -17.66 20.14
CA ASN B 235 22.99 -16.64 20.91
C ASN B 235 23.38 -16.75 22.39
N GLU B 236 22.75 -15.92 23.26
CA GLU B 236 23.11 -15.86 24.68
C GLU B 236 22.83 -17.19 25.38
N HIS B 237 21.96 -18.03 24.80
CA HIS B 237 21.46 -19.19 25.54
C HIS B 237 21.91 -20.52 24.95
N ASN B 238 22.79 -20.53 23.93
CA ASN B 238 23.14 -21.84 23.40
C ASN B 238 24.66 -22.00 23.25
N HIS B 239 25.44 -21.22 23.99
CA HIS B 239 26.88 -21.44 24.05
C HIS B 239 27.15 -22.83 24.60
N HIS B 240 27.96 -23.64 23.91
CA HIS B 240 28.31 -24.98 24.34
C HIS B 240 27.08 -25.86 24.56
N LEU B 241 26.06 -25.68 23.74
CA LEU B 241 24.89 -26.53 23.60
C LEU B 241 25.30 -28.02 23.56
N ILE B 242 26.33 -28.36 22.79
CA ILE B 242 26.94 -29.70 22.78
C ILE B 242 28.12 -29.66 23.74
N ASN B 243 27.99 -30.39 24.86
CA ASN B 243 28.96 -30.29 25.94
C ASN B 243 29.11 -31.67 26.61
N ASP B 244 29.75 -31.67 27.76
CA ASP B 244 30.08 -32.92 28.42
C ASP B 244 28.78 -33.66 28.83
N PHE B 245 27.78 -32.92 29.31
CA PHE B 245 26.51 -33.48 29.72
C PHE B 245 25.73 -33.99 28.51
N THR B 246 25.58 -33.16 27.48
CA THR B 246 24.64 -33.47 26.41
C THR B 246 25.24 -34.47 25.43
N ILE B 247 26.58 -34.54 25.30
CA ILE B 247 27.18 -35.62 24.53
C ILE B 247 26.86 -36.99 25.14
N LYS B 248 26.89 -37.12 26.47
CA LYS B 248 26.46 -38.35 27.13
C LYS B 248 25.02 -38.73 26.75
N GLN B 249 24.18 -37.77 26.31
CA GLN B 249 22.82 -38.09 25.92
C GLN B 249 22.69 -38.61 24.48
N MET B 250 23.72 -38.39 23.65
CA MET B 250 23.68 -38.87 22.28
C MET B 250 23.74 -40.41 22.21
N ARG B 251 23.17 -41.01 21.16
CA ARG B 251 23.31 -42.46 20.99
C ARG B 251 24.78 -42.88 20.93
N GLN B 252 25.05 -44.10 21.40
CA GLN B 252 26.35 -44.73 21.23
C GLN B 252 26.65 -44.84 19.74
N GLY B 253 27.76 -44.20 19.31
CA GLY B 253 28.20 -44.27 17.93
C GLY B 253 27.47 -43.32 16.99
N ALA B 254 26.78 -42.32 17.53
CA ALA B 254 26.18 -41.27 16.70
C ALA B 254 27.23 -40.44 15.94
N PHE B 255 26.76 -39.70 14.93
CA PHE B 255 27.58 -38.75 14.20
C PHE B 255 27.15 -37.33 14.56
N LEU B 256 28.13 -36.42 14.64
CA LEU B 256 27.85 -35.00 14.81
C LEU B 256 28.30 -34.17 13.61
N VAL B 257 27.46 -33.22 13.17
CA VAL B 257 27.80 -32.29 12.09
C VAL B 257 27.57 -30.87 12.58
N ASN B 258 28.57 -30.00 12.39
CA ASN B 258 28.40 -28.59 12.73
C ASN B 258 28.81 -27.69 11.56
N ALA B 259 27.81 -27.15 10.84
CA ALA B 259 28.07 -26.17 9.81
C ALA B 259 27.46 -24.83 10.23
N ALA B 260 27.29 -24.61 11.54
CA ALA B 260 26.62 -23.41 12.04
C ALA B 260 27.64 -22.48 12.68
N ARG B 261 27.93 -22.64 13.98
CA ARG B 261 28.92 -21.81 14.62
C ARG B 261 29.73 -22.61 15.63
N GLY B 262 31.01 -22.27 15.76
CA GLY B 262 31.92 -23.02 16.60
C GLY B 262 31.51 -23.00 18.07
N GLY B 263 31.01 -21.85 18.55
CA GLY B 263 30.65 -21.69 19.94
C GLY B 263 29.56 -22.64 20.44
N LEU B 264 28.85 -23.32 19.53
CA LEU B 264 27.81 -24.28 19.88
C LEU B 264 28.40 -25.57 20.46
N VAL B 265 29.66 -25.91 20.12
CA VAL B 265 30.24 -27.21 20.46
C VAL B 265 31.49 -27.04 21.30
N ASP B 266 31.53 -27.73 22.45
CA ASP B 266 32.68 -27.77 23.35
C ASP B 266 33.69 -28.79 22.82
N GLU B 267 34.83 -28.29 22.33
CA GLU B 267 35.73 -29.15 21.55
C GLU B 267 36.45 -30.15 22.46
N LYS B 268 36.65 -29.80 23.74
CA LYS B 268 37.25 -30.73 24.70
C LYS B 268 36.34 -31.94 24.90
N ALA B 269 35.03 -31.72 25.08
CA ALA B 269 34.08 -32.80 25.24
C ALA B 269 34.05 -33.68 23.99
N LEU B 270 33.92 -33.06 22.80
CA LEU B 270 33.90 -33.81 21.55
C LEU B 270 35.21 -34.59 21.31
N ALA B 271 36.39 -34.04 21.65
CA ALA B 271 37.66 -34.72 21.45
C ALA B 271 37.65 -36.07 22.15
N GLN B 272 37.23 -36.02 23.41
CA GLN B 272 37.14 -37.14 24.34
C GLN B 272 36.12 -38.15 23.82
N ALA B 273 34.94 -37.68 23.38
CA ALA B 273 33.90 -38.55 22.88
C ALA B 273 34.39 -39.32 21.67
N LEU B 274 35.06 -38.65 20.73
CA LEU B 274 35.62 -39.27 19.53
C LEU B 274 36.67 -40.30 19.91
N LYS B 275 37.56 -39.93 20.85
CA LYS B 275 38.66 -40.80 21.25
C LYS B 275 38.16 -42.05 21.96
N GLU B 276 37.07 -41.97 22.74
CA GLU B 276 36.50 -43.14 23.38
C GLU B 276 35.61 -43.93 22.43
N GLY B 277 35.31 -43.36 21.25
CA GLY B 277 34.42 -44.01 20.31
C GLY B 277 32.92 -43.84 20.65
N ARG B 278 32.57 -42.92 21.58
CA ARG B 278 31.20 -42.64 21.96
C ARG B 278 30.47 -41.98 20.79
N ILE B 279 31.14 -41.02 20.12
CA ILE B 279 30.75 -40.48 18.82
C ILE B 279 31.58 -41.19 17.75
N ARG B 280 30.93 -41.70 16.70
CA ARG B 280 31.60 -42.51 15.70
C ARG B 280 32.37 -41.62 14.73
N GLY B 281 31.93 -40.36 14.57
CA GLY B 281 32.58 -39.42 13.67
C GLY B 281 31.95 -38.05 13.72
N ALA B 282 32.77 -37.03 13.42
CA ALA B 282 32.28 -35.66 13.41
C ALA B 282 32.87 -34.90 12.21
N ALA B 283 32.07 -33.98 11.69
CA ALA B 283 32.40 -33.12 10.55
C ALA B 283 32.13 -31.66 10.93
N LEU B 284 33.19 -30.84 11.05
CA LEU B 284 33.00 -29.44 11.46
C LEU B 284 33.43 -28.51 10.34
N ASP B 285 32.57 -27.55 10.01
CA ASP B 285 32.96 -26.47 9.11
C ASP B 285 33.38 -25.26 9.95
N VAL B 286 33.06 -25.29 11.25
CA VAL B 286 33.23 -24.12 12.10
C VAL B 286 33.88 -24.58 13.40
N HIS B 287 34.60 -23.68 14.09
CA HIS B 287 35.36 -24.07 15.27
C HIS B 287 35.33 -22.94 16.30
N GLU B 288 35.63 -23.26 17.57
CA GLU B 288 35.68 -22.29 18.66
C GLU B 288 36.77 -21.25 18.42
N SER B 289 37.86 -21.65 17.78
CA SER B 289 38.92 -20.71 17.40
C SER B 289 39.32 -20.92 15.95
N GLU B 290 39.06 -19.93 15.10
CA GLU B 290 39.38 -19.94 13.69
C GLU B 290 40.57 -19.03 13.46
N PRO B 291 41.54 -19.39 12.58
CA PRO B 291 41.40 -20.54 11.68
C PRO B 291 41.80 -21.88 12.29
N PHE B 292 41.07 -22.94 11.91
CA PHE B 292 41.34 -24.27 12.38
C PHE B 292 42.66 -24.81 11.83
N SER B 293 43.42 -25.52 12.67
CA SER B 293 44.60 -26.29 12.31
C SER B 293 44.49 -27.70 12.90
N PHE B 294 44.93 -28.71 12.15
CA PHE B 294 44.93 -30.08 12.67
C PHE B 294 46.06 -30.27 13.68
N ALA B 295 46.97 -29.27 13.79
CA ALA B 295 48.18 -29.47 14.58
C ALA B 295 48.12 -28.73 15.93
N GLN B 296 46.98 -28.09 16.24
CA GLN B 296 46.88 -27.32 17.47
C GLN B 296 45.43 -27.23 17.92
N GLY B 297 45.23 -27.05 19.23
CA GLY B 297 43.92 -26.94 19.85
C GLY B 297 43.34 -28.27 20.36
N PRO B 298 42.13 -28.21 20.99
CA PRO B 298 41.57 -29.37 21.70
C PRO B 298 41.35 -30.65 20.90
N LEU B 299 41.19 -30.55 19.57
CA LEU B 299 40.90 -31.68 18.69
C LEU B 299 42.20 -32.23 18.08
N LYS B 300 43.37 -31.82 18.63
CA LYS B 300 44.65 -32.12 18.01
C LYS B 300 44.74 -33.57 17.51
N ASP B 301 44.50 -34.56 18.39
CA ASP B 301 44.69 -35.94 17.92
C ASP B 301 43.41 -36.76 18.01
N ALA B 302 42.33 -36.26 17.43
CA ALA B 302 41.05 -36.91 17.54
C ALA B 302 40.85 -37.75 16.29
N PRO B 303 40.49 -39.05 16.45
CA PRO B 303 40.15 -39.85 15.27
C PRO B 303 38.78 -39.41 14.70
N ASN B 304 38.53 -39.79 13.45
CA ASN B 304 37.20 -39.72 12.85
C ASN B 304 36.70 -38.30 12.73
N LEU B 305 37.61 -37.40 12.36
CA LEU B 305 37.26 -36.00 12.25
C LEU B 305 37.42 -35.54 10.79
N ILE B 306 36.37 -34.98 10.21
CA ILE B 306 36.44 -34.13 9.02
C ILE B 306 36.34 -32.67 9.46
N CYS B 307 37.28 -31.85 8.97
CA CYS B 307 37.11 -30.41 9.06
C CYS B 307 37.23 -29.72 7.69
N THR B 308 36.47 -28.64 7.50
CA THR B 308 36.70 -27.72 6.39
C THR B 308 36.86 -26.30 6.95
N PRO B 309 37.57 -25.34 6.28
CA PRO B 309 37.87 -24.04 6.91
C PRO B 309 36.82 -22.93 6.77
N HIS B 310 35.58 -23.21 7.18
CA HIS B 310 34.48 -22.24 7.16
C HIS B 310 34.10 -21.86 5.73
N THR B 311 33.67 -22.86 4.94
CA THR B 311 33.48 -22.66 3.52
C THR B 311 32.09 -23.12 3.11
N ALA B 312 31.27 -23.59 4.04
CA ALA B 312 29.93 -24.08 3.71
C ALA B 312 29.13 -23.06 2.89
N TRP B 313 29.35 -21.76 3.14
CA TRP B 313 28.58 -20.70 2.51
C TRP B 313 29.06 -20.38 1.08
N TYR B 314 30.29 -20.78 0.72
CA TYR B 314 31.00 -20.21 -0.40
C TYR B 314 30.66 -20.89 -1.71
N SER B 315 30.35 -20.05 -2.70
CA SER B 315 30.39 -20.44 -4.11
C SER B 315 30.56 -19.16 -4.88
N GLU B 316 31.10 -19.26 -6.09
CA GLU B 316 31.21 -18.13 -6.99
C GLU B 316 29.95 -17.25 -6.91
N GLN B 317 28.77 -17.86 -7.09
CA GLN B 317 27.53 -17.11 -7.27
C GLN B 317 27.10 -16.49 -5.95
N ALA B 318 27.23 -17.25 -4.86
CA ALA B 318 26.75 -16.83 -3.55
C ALA B 318 27.59 -15.67 -3.02
N SER B 319 28.92 -15.71 -3.23
CA SER B 319 29.82 -14.66 -2.79
C SER B 319 29.54 -13.34 -3.51
N LEU B 320 29.31 -13.42 -4.84
CA LEU B 320 28.94 -12.25 -5.61
C LEU B 320 27.57 -11.73 -5.15
N GLU B 321 26.60 -12.65 -4.93
CA GLU B 321 25.27 -12.25 -4.48
C GLU B 321 25.33 -11.52 -3.15
N MET B 322 26.13 -12.01 -2.18
CA MET B 322 26.11 -11.36 -0.89
C MET B 322 26.93 -10.06 -0.84
N ARG B 323 27.99 -9.96 -1.64
CA ARG B 323 28.75 -8.71 -1.64
C ARG B 323 27.99 -7.60 -2.35
N GLU B 324 27.17 -7.95 -3.35
CA GLU B 324 26.36 -6.93 -3.99
C GLU B 324 25.28 -6.45 -3.04
N ALA B 325 24.64 -7.42 -2.34
CA ALA B 325 23.56 -7.16 -1.41
C ALA B 325 24.05 -6.24 -0.28
N ALA B 326 25.29 -6.47 0.20
CA ALA B 326 25.82 -5.75 1.34
C ALA B 326 26.17 -4.33 0.93
N ALA B 327 26.77 -4.19 -0.28
CA ALA B 327 27.10 -2.90 -0.85
C ALA B 327 25.82 -2.12 -1.09
N THR B 328 24.77 -2.80 -1.56
CA THR B 328 23.46 -2.19 -1.77
C THR B 328 22.92 -1.66 -0.44
N GLU B 329 23.12 -2.43 0.64
CA GLU B 329 22.59 -2.02 1.93
C GLU B 329 23.32 -0.77 2.43
N ILE B 330 24.64 -0.65 2.20
CA ILE B 330 25.38 0.56 2.57
C ILE B 330 24.83 1.73 1.76
N ARG B 331 24.44 1.50 0.51
CA ARG B 331 23.93 2.53 -0.38
C ARG B 331 22.63 3.10 0.18
N ARG B 332 21.77 2.22 0.72
CA ARG B 332 20.50 2.63 1.30
C ARG B 332 20.73 3.51 2.52
N ALA B 333 21.74 3.14 3.34
CA ALA B 333 21.97 3.84 4.59
C ALA B 333 22.57 5.22 4.32
N ILE B 334 23.33 5.33 3.23
CA ILE B 334 23.99 6.58 2.88
C ILE B 334 23.01 7.53 2.20
N THR B 335 22.02 7.01 1.47
CA THR B 335 21.15 7.88 0.69
C THR B 335 19.77 8.00 1.33
N GLY B 336 19.47 7.16 2.34
CA GLY B 336 18.18 7.15 3.02
C GLY B 336 18.33 7.54 4.49
N ARG B 337 17.41 7.06 5.35
CA ARG B 337 17.49 7.26 6.80
C ARG B 337 17.73 5.95 7.54
N ILE B 338 18.40 6.05 8.70
CA ILE B 338 18.77 4.88 9.47
C ILE B 338 17.96 4.84 10.76
N PRO B 339 17.26 3.72 11.06
CA PRO B 339 17.27 2.51 10.20
C PRO B 339 16.09 2.16 9.29
N GLU B 340 15.18 3.11 9.04
CA GLU B 340 13.93 2.83 8.32
C GLU B 340 14.17 2.45 6.85
N SER B 341 15.23 2.98 6.23
CA SER B 341 15.58 2.72 4.84
C SER B 341 16.20 1.33 4.64
N LEU B 342 16.63 0.68 5.73
CA LEU B 342 17.44 -0.53 5.66
C LEU B 342 16.53 -1.75 5.47
N ARG B 343 16.98 -2.67 4.63
CA ARG B 343 16.20 -3.84 4.24
C ARG B 343 16.32 -4.96 5.27
N ASN B 344 17.44 -5.12 5.97
CA ASN B 344 17.68 -6.33 6.76
C ASN B 344 18.40 -6.00 8.05
N CYS B 345 17.86 -5.01 8.75
CA CYS B 345 18.41 -4.59 10.01
C CYS B 345 17.99 -5.59 11.08
N VAL B 346 18.94 -6.05 11.88
CA VAL B 346 18.63 -7.06 12.89
C VAL B 346 18.58 -6.48 14.30
N ASN B 347 18.71 -5.15 14.48
CA ASN B 347 18.72 -4.59 15.83
C ASN B 347 17.78 -3.38 16.01
N LYS B 348 16.69 -3.31 15.22
CA LYS B 348 15.73 -2.20 15.29
C LYS B 348 15.18 -2.02 16.72
N GLU B 349 15.03 -3.13 17.42
CA GLU B 349 14.37 -3.14 18.71
C GLU B 349 15.32 -2.64 19.78
N PHE B 350 16.62 -2.44 19.49
CA PHE B 350 17.55 -1.96 20.50
C PHE B 350 17.96 -0.48 20.31
N PHE B 351 17.24 0.24 19.46
CA PHE B 351 17.50 1.65 19.18
C PHE B 351 17.25 2.57 20.38
N ARG C 22 29.77 50.33 -11.31
CA ARG C 22 28.65 49.70 -10.58
C ARG C 22 28.74 48.18 -10.74
N PRO C 23 28.82 47.42 -9.62
CA PRO C 23 29.08 45.98 -9.71
C PRO C 23 28.08 45.32 -10.64
N LEU C 24 28.56 44.31 -11.38
CA LEU C 24 27.73 43.53 -12.29
C LEU C 24 26.95 42.49 -11.48
N VAL C 25 25.64 42.45 -11.76
CA VAL C 25 24.74 41.48 -11.18
C VAL C 25 23.96 40.84 -12.34
N ALA C 26 23.92 39.49 -12.35
CA ALA C 26 23.56 38.75 -13.57
C ALA C 26 22.44 37.75 -13.28
N LEU C 27 21.42 37.69 -14.15
CA LEU C 27 20.38 36.67 -14.17
C LEU C 27 20.87 35.54 -15.08
N LEU C 28 21.11 34.35 -14.50
CA LEU C 28 21.85 33.31 -15.19
C LEU C 28 20.99 32.58 -16.22
N ASP C 29 19.84 32.06 -15.81
CA ASP C 29 18.99 31.24 -16.67
C ASP C 29 17.66 31.93 -17.01
N GLY C 30 17.73 33.16 -17.49
CA GLY C 30 16.53 33.91 -17.83
C GLY C 30 16.83 35.02 -18.83
N ARG C 31 15.75 35.64 -19.33
CA ARG C 31 15.86 36.78 -20.23
C ARG C 31 15.28 38.02 -19.55
N ASP C 32 14.01 37.90 -19.11
CA ASP C 32 13.18 38.99 -18.63
C ASP C 32 13.76 39.59 -17.35
N CYS C 33 13.98 40.91 -17.37
CA CYS C 33 14.58 41.62 -16.26
C CYS C 33 13.78 42.89 -15.96
N THR C 34 12.50 42.90 -16.34
CA THR C 34 11.67 44.10 -16.29
C THR C 34 11.22 44.41 -14.86
N VAL C 35 11.20 43.43 -13.96
CA VAL C 35 10.88 43.68 -12.56
C VAL C 35 12.12 44.10 -11.78
N GLU C 36 13.25 43.45 -12.07
CA GLU C 36 14.46 43.54 -11.27
C GLU C 36 15.23 44.83 -11.57
N MET C 37 15.14 45.30 -12.82
CA MET C 37 16.01 46.39 -13.25
C MET C 37 15.68 47.68 -12.52
N PRO C 38 14.40 48.14 -12.43
CA PRO C 38 14.09 49.37 -11.69
C PRO C 38 14.59 49.34 -10.25
N ILE C 39 14.56 48.16 -9.63
CA ILE C 39 14.98 48.04 -8.24
C ILE C 39 16.50 48.10 -8.09
N LEU C 40 17.26 47.75 -9.14
CA LEU C 40 18.70 47.59 -9.03
C LEU C 40 19.49 48.62 -9.85
N LYS C 41 18.84 49.21 -10.88
CA LYS C 41 19.54 49.99 -11.88
C LYS C 41 20.44 51.05 -11.23
N ASP C 42 20.05 51.52 -10.05
CA ASP C 42 20.67 52.66 -9.39
C ASP C 42 21.89 52.21 -8.58
N LEU C 43 22.19 50.90 -8.56
CA LEU C 43 23.25 50.38 -7.72
C LEU C 43 24.12 49.33 -8.41
N ALA C 44 23.59 48.66 -9.43
CA ALA C 44 24.33 47.59 -10.11
C ALA C 44 24.14 47.70 -11.62
N THR C 45 25.08 47.14 -12.41
CA THR C 45 24.81 46.84 -13.81
C THR C 45 24.12 45.49 -13.87
N VAL C 46 22.88 45.44 -14.41
CA VAL C 46 22.10 44.22 -14.51
C VAL C 46 22.33 43.57 -15.88
N ALA C 47 22.65 42.26 -15.88
CA ALA C 47 22.86 41.46 -17.07
C ALA C 47 22.03 40.16 -17.08
N PHE C 48 21.88 39.56 -18.28
CA PHE C 48 21.26 38.25 -18.39
C PHE C 48 22.05 37.35 -19.32
N CYS C 49 21.96 36.02 -19.09
CA CYS C 49 22.74 35.05 -19.83
C CYS C 49 21.85 34.10 -20.60
N ASP C 50 20.57 34.00 -20.19
CA ASP C 50 19.62 32.99 -20.68
C ASP C 50 20.26 31.61 -20.84
N ALA C 51 21.12 31.21 -19.90
CA ALA C 51 21.83 29.96 -19.99
C ALA C 51 20.92 28.79 -19.62
N GLN C 52 21.00 27.67 -20.35
CA GLN C 52 20.30 26.44 -19.98
C GLN C 52 21.27 25.43 -19.35
N SER C 53 22.58 25.71 -19.45
CA SER C 53 23.62 24.98 -18.74
C SER C 53 24.75 25.95 -18.36
N THR C 54 25.71 25.47 -17.56
CA THR C 54 26.70 26.39 -17.02
C THR C 54 27.81 26.71 -18.03
N GLN C 55 27.87 25.98 -19.14
CA GLN C 55 28.87 26.23 -20.18
C GLN C 55 28.46 27.42 -21.05
N GLU C 56 27.23 27.91 -20.86
CA GLU C 56 26.69 29.02 -21.63
C GLU C 56 26.80 30.34 -20.86
N ILE C 57 27.67 30.39 -19.84
CA ILE C 57 27.81 31.59 -19.02
C ILE C 57 28.96 32.43 -19.58
N HIS C 58 28.63 33.68 -19.93
CA HIS C 58 29.59 34.64 -20.42
C HIS C 58 30.75 34.69 -19.42
N GLU C 59 31.98 34.71 -19.94
CA GLU C 59 33.14 34.69 -19.06
C GLU C 59 33.28 36.04 -18.36
N LYS C 60 32.53 37.06 -18.84
CA LYS C 60 32.44 38.35 -18.17
C LYS C 60 31.85 38.13 -16.78
N VAL C 61 30.75 37.35 -16.72
CA VAL C 61 30.02 37.02 -15.52
C VAL C 61 30.93 36.26 -14.55
N LEU C 62 31.68 35.28 -15.07
CA LEU C 62 32.54 34.44 -14.24
C LEU C 62 33.61 35.31 -13.57
N ASN C 63 34.04 36.36 -14.29
CA ASN C 63 35.18 37.17 -13.88
C ASN C 63 34.74 38.31 -12.97
N GLU C 64 33.55 38.88 -13.24
CA GLU C 64 33.22 40.20 -12.69
C GLU C 64 32.01 40.19 -11.73
N ALA C 65 31.06 39.26 -11.94
CA ALA C 65 29.79 39.30 -11.24
C ALA C 65 29.98 39.13 -9.74
N VAL C 66 29.35 40.01 -8.95
CA VAL C 66 29.44 39.97 -7.50
C VAL C 66 28.16 39.35 -6.95
N GLY C 67 27.08 39.43 -7.74
CA GLY C 67 25.83 38.80 -7.36
C GLY C 67 25.16 38.11 -8.57
N ALA C 68 24.45 37.01 -8.27
CA ALA C 68 23.81 36.25 -9.33
C ALA C 68 22.37 35.97 -8.95
N MET C 69 21.48 35.88 -9.94
CA MET C 69 20.10 35.47 -9.73
C MET C 69 19.82 34.28 -10.63
N MET C 70 19.08 33.27 -10.14
CA MET C 70 18.85 32.09 -10.96
C MET C 70 17.53 31.42 -10.59
N TYR C 71 16.93 30.75 -11.57
CA TYR C 71 15.75 29.94 -11.35
C TYR C 71 16.15 28.48 -11.12
N HIS C 72 15.25 27.54 -11.44
CA HIS C 72 15.47 26.15 -11.12
C HIS C 72 16.01 25.39 -12.33
N THR C 73 16.21 26.09 -13.45
CA THR C 73 16.47 25.43 -14.72
C THR C 73 17.97 25.25 -14.98
N ILE C 74 18.84 25.62 -14.03
CA ILE C 74 20.25 25.23 -14.11
C ILE C 74 20.76 24.79 -12.74
N THR C 75 21.92 24.10 -12.72
CA THR C 75 22.51 23.55 -11.52
C THR C 75 23.90 24.14 -11.33
N LEU C 76 24.24 24.54 -10.11
CA LEU C 76 25.60 24.98 -9.78
C LEU C 76 26.24 23.97 -8.83
N THR C 77 27.26 23.27 -9.32
CA THR C 77 28.01 22.32 -8.51
C THR C 77 29.23 23.03 -7.92
N ARG C 78 29.93 22.33 -7.01
CA ARG C 78 31.19 22.84 -6.45
C ARG C 78 32.14 23.27 -7.58
N GLU C 79 32.22 22.47 -8.66
CA GLU C 79 33.14 22.75 -9.76
C GLU C 79 32.72 24.04 -10.48
N ASP C 80 31.40 24.25 -10.64
CA ASP C 80 30.85 25.45 -11.24
C ASP C 80 31.16 26.69 -10.41
N LEU C 81 30.99 26.59 -9.09
CA LEU C 81 31.19 27.71 -8.16
C LEU C 81 32.65 28.15 -8.12
N GLU C 82 33.58 27.22 -8.38
CA GLU C 82 35.00 27.51 -8.35
C GLU C 82 35.40 28.42 -9.52
N LYS C 83 34.55 28.50 -10.55
CA LYS C 83 34.86 29.26 -11.76
C LYS C 83 34.63 30.77 -11.57
N PHE C 84 33.79 31.15 -10.58
CA PHE C 84 33.45 32.53 -10.32
C PHE C 84 34.53 33.20 -9.47
N LYS C 85 34.99 34.38 -9.92
CA LYS C 85 36.15 35.03 -9.31
C LYS C 85 35.72 36.13 -8.32
N ALA C 86 34.57 36.79 -8.58
CA ALA C 86 34.15 37.93 -7.76
C ALA C 86 32.85 37.69 -6.99
N LEU C 87 32.14 36.59 -7.29
CA LEU C 87 30.78 36.34 -6.83
C LEU C 87 30.75 36.23 -5.32
N ARG C 88 29.76 36.89 -4.67
CA ARG C 88 29.66 36.91 -3.22
C ARG C 88 28.26 36.50 -2.73
N VAL C 89 27.26 36.55 -3.63
CA VAL C 89 25.90 36.17 -3.26
C VAL C 89 25.16 35.56 -4.46
N ILE C 90 24.41 34.49 -4.16
CA ILE C 90 23.52 33.87 -5.13
C ILE C 90 22.10 33.91 -4.57
N VAL C 91 21.16 34.49 -5.32
CA VAL C 91 19.77 34.48 -4.90
C VAL C 91 18.96 33.57 -5.82
N ARG C 92 18.38 32.49 -5.26
CA ARG C 92 17.42 31.66 -5.95
C ARG C 92 16.05 32.35 -5.97
N ILE C 93 15.53 32.66 -7.17
CA ILE C 93 14.22 33.25 -7.32
C ILE C 93 13.20 32.14 -7.21
N GLY C 94 12.85 31.79 -5.98
CA GLY C 94 12.04 30.60 -5.72
C GLY C 94 12.47 29.94 -4.41
N SER C 95 11.80 28.83 -4.04
CA SER C 95 11.97 28.30 -2.70
C SER C 95 13.01 27.18 -2.62
N GLY C 96 13.09 26.36 -3.67
CA GLY C 96 13.92 25.17 -3.65
C GLY C 96 15.34 25.50 -4.06
N TYR C 97 16.34 24.91 -3.40
CA TYR C 97 17.73 25.27 -3.68
C TYR C 97 18.59 24.00 -3.74
N ASP C 98 17.95 22.90 -4.11
CA ASP C 98 18.64 21.63 -4.33
C ASP C 98 19.64 21.77 -5.47
N ASN C 99 19.39 22.73 -6.38
CA ASN C 99 20.18 22.93 -7.57
C ASN C 99 21.45 23.74 -7.29
N VAL C 100 21.75 24.08 -6.02
CA VAL C 100 23.02 24.68 -5.63
C VAL C 100 23.71 23.84 -4.54
N ASP C 101 25.03 23.64 -4.65
CA ASP C 101 25.81 23.01 -3.58
C ASP C 101 26.09 24.04 -2.49
N ILE C 102 25.17 24.18 -1.53
CA ILE C 102 25.17 25.32 -0.62
C ILE C 102 26.33 25.27 0.36
N LYS C 103 26.86 24.05 0.58
CA LYS C 103 28.00 23.85 1.45
C LYS C 103 29.29 24.31 0.75
N ALA C 104 29.42 23.93 -0.53
CA ALA C 104 30.55 24.34 -1.33
C ALA C 104 30.56 25.86 -1.40
N ALA C 105 29.41 26.45 -1.68
CA ALA C 105 29.28 27.90 -1.81
C ALA C 105 29.78 28.58 -0.54
N GLY C 106 29.37 28.05 0.63
CA GLY C 106 29.75 28.64 1.90
C GLY C 106 31.27 28.64 2.11
N GLU C 107 31.87 27.47 1.84
CA GLU C 107 33.30 27.24 1.98
C GLU C 107 34.08 28.10 1.00
N LEU C 108 33.41 28.54 -0.08
CA LEU C 108 34.02 29.39 -1.10
C LEU C 108 33.80 30.88 -0.80
N GLY C 109 33.03 31.23 0.24
CA GLY C 109 32.80 32.62 0.62
C GLY C 109 31.59 33.26 -0.07
N ILE C 110 30.67 32.40 -0.57
CA ILE C 110 29.48 32.80 -1.32
C ILE C 110 28.25 32.51 -0.46
N ALA C 111 27.46 33.55 -0.16
CA ALA C 111 26.18 33.36 0.52
C ALA C 111 25.12 32.95 -0.51
N VAL C 112 24.23 32.03 -0.10
CA VAL C 112 23.11 31.62 -0.96
C VAL C 112 21.78 31.95 -0.28
N CYS C 113 20.87 32.58 -1.03
CA CYS C 113 19.58 33.01 -0.51
C CYS C 113 18.46 32.42 -1.37
N ASN C 114 17.29 32.21 -0.76
CA ASN C 114 16.11 31.84 -1.52
C ASN C 114 14.96 32.82 -1.22
N ILE C 115 13.86 32.69 -1.95
CA ILE C 115 12.64 33.42 -1.66
C ILE C 115 11.67 32.37 -1.14
N PRO C 116 11.59 32.18 0.19
CA PRO C 116 10.92 31.03 0.75
C PRO C 116 9.41 31.09 0.75
N SER C 117 8.80 32.26 0.62
CA SER C 117 7.40 32.34 0.99
C SER C 117 6.51 33.15 0.03
N ALA C 118 6.99 33.42 -1.20
CA ALA C 118 6.20 34.19 -2.15
C ALA C 118 5.10 33.35 -2.81
N ALA C 119 5.17 32.01 -2.72
CA ALA C 119 4.26 31.18 -3.48
C ALA C 119 3.64 30.04 -2.63
N VAL C 120 3.62 30.17 -1.30
CA VAL C 120 3.16 29.13 -0.39
C VAL C 120 1.69 28.84 -0.62
N GLU C 121 0.85 29.89 -0.67
CA GLU C 121 -0.59 29.75 -0.90
C GLU C 121 -0.88 29.29 -2.33
N GLU C 122 -0.15 29.78 -3.34
CA GLU C 122 -0.32 29.34 -4.70
C GLU C 122 -0.12 27.83 -4.83
N THR C 123 1.00 27.31 -4.32
CA THR C 123 1.33 25.90 -4.33
C THR C 123 0.26 25.08 -3.60
N ALA C 124 -0.11 25.53 -2.40
CA ALA C 124 -1.10 24.84 -1.60
C ALA C 124 -2.46 24.82 -2.28
N ASP C 125 -2.87 25.91 -2.93
CA ASP C 125 -4.13 25.94 -3.68
C ASP C 125 -4.09 24.99 -4.88
N SER C 126 -2.96 24.99 -5.61
CA SER C 126 -2.74 24.12 -6.76
C SER C 126 -2.76 22.64 -6.33
N THR C 127 -2.22 22.37 -5.13
CA THR C 127 -2.18 21.01 -4.60
C THR C 127 -3.58 20.53 -4.24
N ILE C 128 -4.33 21.32 -3.45
CA ILE C 128 -5.71 20.97 -3.08
C ILE C 128 -6.51 20.80 -4.36
N CYS C 129 -6.13 21.52 -5.41
CA CYS C 129 -6.82 21.39 -6.68
C CYS C 129 -6.54 20.03 -7.33
N HIS C 130 -5.28 19.55 -7.24
CA HIS C 130 -4.89 18.24 -7.79
C HIS C 130 -5.62 17.10 -7.08
N ILE C 131 -5.62 17.14 -5.73
CA ILE C 131 -6.30 16.19 -4.87
C ILE C 131 -7.80 16.12 -5.17
N LEU C 132 -8.49 17.27 -5.21
CA LEU C 132 -9.89 17.34 -5.60
C LEU C 132 -10.09 16.88 -7.04
N ASN C 133 -9.13 17.17 -7.93
CA ASN C 133 -9.25 16.61 -9.28
C ASN C 133 -9.22 15.09 -9.27
N LEU C 134 -8.51 14.47 -8.32
CA LEU C 134 -8.42 13.01 -8.26
C LEU C 134 -9.70 12.41 -7.69
N TYR C 135 -10.15 12.89 -6.52
CA TYR C 135 -11.36 12.42 -5.84
C TYR C 135 -12.64 12.63 -6.66
N ARG C 136 -12.79 13.81 -7.30
CA ARG C 136 -14.05 14.19 -7.93
C ARG C 136 -13.98 14.05 -9.45
N ARG C 137 -12.76 14.05 -10.01
CA ARG C 137 -12.48 13.64 -11.38
C ARG C 137 -12.90 14.72 -12.36
N ASN C 138 -12.95 15.99 -11.92
CA ASN C 138 -13.41 17.09 -12.78
C ASN C 138 -12.57 17.20 -14.05
N THR C 139 -11.26 17.00 -13.98
CA THR C 139 -10.41 17.12 -15.15
C THR C 139 -10.70 16.02 -16.17
N TRP C 140 -10.73 14.76 -15.71
CA TRP C 140 -11.04 13.61 -16.55
C TRP C 140 -12.45 13.67 -17.17
N LEU C 141 -13.42 14.11 -16.38
CA LEU C 141 -14.78 14.32 -16.84
C LEU C 141 -14.78 15.41 -17.90
N TYR C 142 -13.98 16.46 -17.71
CA TYR C 142 -13.88 17.50 -18.72
C TYR C 142 -13.35 16.91 -20.02
N GLN C 143 -12.25 16.14 -19.90
CA GLN C 143 -11.61 15.47 -21.03
C GLN C 143 -12.57 14.45 -21.66
N ALA C 144 -13.36 13.76 -20.85
CA ALA C 144 -14.37 12.87 -21.42
C ALA C 144 -15.30 13.64 -22.37
N LEU C 145 -15.79 14.81 -21.93
CA LEU C 145 -16.73 15.58 -22.72
C LEU C 145 -16.06 16.12 -23.99
N ARG C 146 -14.77 16.49 -23.88
CA ARG C 146 -14.00 16.99 -25.01
C ARG C 146 -13.67 15.89 -26.00
N GLU C 147 -13.79 14.63 -25.60
CA GLU C 147 -13.62 13.52 -26.52
C GLU C 147 -14.95 13.01 -27.09
N GLY C 148 -16.04 13.74 -26.83
CA GLY C 148 -17.31 13.50 -27.50
C GLY C 148 -18.25 12.53 -26.79
N THR C 149 -17.97 12.21 -25.50
CA THR C 149 -18.85 11.35 -24.73
C THR C 149 -20.25 11.95 -24.60
N ARG C 150 -21.27 11.11 -24.82
CA ARG C 150 -22.65 11.51 -24.59
C ARG C 150 -23.22 10.78 -23.37
N VAL C 151 -23.43 11.55 -22.29
CA VAL C 151 -23.81 11.06 -20.98
C VAL C 151 -25.28 11.46 -20.71
N GLN C 152 -26.22 10.71 -21.29
CA GLN C 152 -27.66 10.97 -21.15
C GLN C 152 -28.17 10.53 -19.78
N SER C 153 -27.87 9.27 -19.43
CA SER C 153 -28.63 8.54 -18.42
C SER C 153 -27.84 8.43 -17.13
N VAL C 154 -28.56 8.05 -16.07
CA VAL C 154 -28.00 7.91 -14.73
C VAL C 154 -26.93 6.81 -14.70
N GLU C 155 -27.18 5.69 -15.43
CA GLU C 155 -26.20 4.62 -15.55
C GLU C 155 -24.95 5.14 -16.26
N GLN C 156 -25.15 6.00 -17.26
CA GLN C 156 -24.07 6.61 -18.01
C GLN C 156 -23.24 7.57 -17.15
N ILE C 157 -23.91 8.36 -16.26
CA ILE C 157 -23.22 9.24 -15.31
C ILE C 157 -22.32 8.42 -14.40
N ARG C 158 -22.90 7.39 -13.76
CA ARG C 158 -22.16 6.58 -12.80
C ARG C 158 -21.01 5.87 -13.50
N GLU C 159 -21.22 5.51 -14.79
CA GLU C 159 -20.20 4.81 -15.54
C GLU C 159 -18.99 5.72 -15.79
N VAL C 160 -19.23 6.89 -16.37
CA VAL C 160 -18.14 7.76 -16.78
C VAL C 160 -17.46 8.39 -15.56
N ALA C 161 -18.19 8.56 -14.43
CA ALA C 161 -17.66 9.16 -13.21
C ALA C 161 -17.17 8.08 -12.22
N SER C 162 -17.23 6.82 -12.65
CA SER C 162 -16.76 5.70 -11.85
C SER C 162 -15.36 6.00 -11.31
N GLY C 163 -15.19 5.96 -9.98
CA GLY C 163 -13.89 6.23 -9.39
C GLY C 163 -13.84 7.52 -8.55
N ALA C 164 -14.86 8.36 -8.72
CA ALA C 164 -15.12 9.42 -7.77
C ALA C 164 -15.26 8.78 -6.39
N ALA C 165 -14.73 9.42 -5.34
CA ALA C 165 -14.98 8.93 -3.99
C ALA C 165 -15.50 10.04 -3.08
N ARG C 166 -16.32 9.65 -2.08
CA ARG C 166 -16.63 10.44 -0.90
C ARG C 166 -15.35 10.77 -0.13
N ILE C 167 -15.18 12.05 0.18
CA ILE C 167 -14.03 12.56 0.89
C ILE C 167 -14.22 12.45 2.39
N ARG C 168 -15.43 12.75 2.93
CA ARG C 168 -15.51 12.80 4.39
C ARG C 168 -15.02 11.49 5.04
N GLY C 169 -14.02 11.58 5.92
CA GLY C 169 -13.52 10.41 6.61
C GLY C 169 -12.22 9.84 6.01
N GLU C 170 -11.76 10.36 4.86
CA GLU C 170 -10.52 9.88 4.25
C GLU C 170 -9.28 10.41 4.98
N THR C 171 -8.17 9.65 4.89
CA THR C 171 -6.89 10.08 5.40
C THR C 171 -6.02 10.67 4.27
N LEU C 172 -5.59 11.93 4.49
CA LEU C 172 -4.59 12.56 3.64
C LEU C 172 -3.21 12.44 4.27
N GLY C 173 -2.27 11.83 3.56
CA GLY C 173 -0.92 11.70 4.06
C GLY C 173 0.08 12.61 3.33
N LEU C 174 0.70 13.53 4.08
CA LEU C 174 1.64 14.51 3.55
C LEU C 174 3.06 14.12 3.95
N ILE C 175 3.95 14.02 2.94
CA ILE C 175 5.38 13.81 3.15
C ILE C 175 6.12 15.16 3.09
N GLY C 176 6.49 15.67 4.27
CA GLY C 176 6.96 17.04 4.38
C GLY C 176 5.84 17.93 4.90
N PHE C 177 6.09 18.58 6.03
CA PHE C 177 5.07 19.39 6.62
C PHE C 177 5.69 20.74 7.01
N GLY C 178 6.26 21.40 5.99
CA GLY C 178 6.74 22.77 6.16
C GLY C 178 5.71 23.76 5.64
N ARG C 179 6.16 24.80 4.95
CA ARG C 179 5.26 25.87 4.53
C ARG C 179 4.14 25.36 3.60
N THR C 180 4.48 24.67 2.50
CA THR C 180 3.47 24.22 1.55
C THR C 180 2.62 23.12 2.19
N GLY C 181 3.28 22.21 2.92
CA GLY C 181 2.58 21.12 3.55
C GLY C 181 1.52 21.63 4.52
N GLN C 182 1.90 22.61 5.35
CA GLN C 182 1.00 23.16 6.35
C GLN C 182 -0.16 23.89 5.67
N ALA C 183 0.10 24.58 4.55
CA ALA C 183 -0.95 25.31 3.87
C ALA C 183 -2.02 24.34 3.38
N VAL C 184 -1.58 23.21 2.82
CA VAL C 184 -2.47 22.16 2.32
C VAL C 184 -3.31 21.58 3.47
N ALA C 185 -2.71 21.31 4.64
CA ALA C 185 -3.44 20.75 5.77
C ALA C 185 -4.60 21.65 6.23
N VAL C 186 -4.35 22.95 6.39
CA VAL C 186 -5.33 23.95 6.80
C VAL C 186 -6.55 23.90 5.88
N ARG C 187 -6.30 23.68 4.58
CA ARG C 187 -7.34 23.69 3.56
C ARG C 187 -8.09 22.36 3.55
N ALA C 188 -7.38 21.25 3.85
CA ALA C 188 -7.95 19.94 3.68
C ALA C 188 -8.95 19.65 4.80
N LYS C 189 -8.73 20.14 6.02
CA LYS C 189 -9.60 19.89 7.16
C LYS C 189 -11.07 20.20 6.88
N ALA C 190 -11.38 21.29 6.15
CA ALA C 190 -12.77 21.70 5.99
C ALA C 190 -13.55 20.74 5.09
N PHE C 191 -12.85 19.83 4.39
CA PHE C 191 -13.49 18.81 3.56
C PHE C 191 -13.78 17.53 4.34
N GLY C 192 -13.30 17.47 5.59
CA GLY C 192 -13.62 16.36 6.47
C GLY C 192 -12.55 15.26 6.47
N PHE C 193 -11.38 15.59 5.86
CA PHE C 193 -10.22 14.73 5.89
C PHE C 193 -9.74 14.63 7.34
N SER C 194 -9.26 13.44 7.73
CA SER C 194 -8.16 13.30 8.68
C SER C 194 -6.85 13.49 7.92
N VAL C 195 -6.05 14.44 8.42
CA VAL C 195 -4.77 14.74 7.79
C VAL C 195 -3.72 14.04 8.63
N ILE C 196 -2.74 13.45 7.93
CA ILE C 196 -1.63 12.75 8.56
C ILE C 196 -0.35 13.21 7.88
N PHE C 197 0.74 13.44 8.63
CA PHE C 197 2.02 13.82 7.99
C PHE C 197 3.20 13.05 8.56
N TYR C 198 4.24 12.86 7.74
CA TYR C 198 5.55 12.36 8.10
C TYR C 198 6.58 13.45 7.77
N ASP C 199 7.37 13.86 8.78
CA ASP C 199 8.42 14.85 8.60
C ASP C 199 9.40 14.67 9.75
N PRO C 200 10.48 13.90 9.53
CA PRO C 200 11.35 13.46 10.61
C PRO C 200 12.24 14.55 11.19
N TYR C 201 12.27 15.74 10.58
CA TYR C 201 13.12 16.82 11.04
C TYR C 201 12.40 17.76 12.03
N LEU C 202 11.08 17.75 12.07
CA LEU C 202 10.31 18.69 12.87
C LEU C 202 10.34 18.33 14.35
N GLN C 203 10.17 19.34 15.21
CA GLN C 203 10.03 19.08 16.63
C GLN C 203 8.60 18.60 16.88
N ASP C 204 8.32 18.09 18.09
CA ASP C 204 6.94 17.82 18.52
C ASP C 204 6.18 19.14 18.72
N GLY C 205 4.91 19.21 18.27
CA GLY C 205 4.18 20.46 18.46
C GLY C 205 3.23 20.84 17.32
N ILE C 206 3.74 20.94 16.10
CA ILE C 206 2.96 21.42 14.97
C ILE C 206 1.68 20.57 14.80
N GLU C 207 1.76 19.25 15.00
CA GLU C 207 0.58 18.40 14.87
C GLU C 207 -0.53 18.83 15.82
N ARG C 208 -0.18 19.17 17.07
CA ARG C 208 -1.14 19.65 18.04
C ARG C 208 -1.69 21.04 17.66
N SER C 209 -0.82 21.95 17.22
CA SER C 209 -1.22 23.30 16.85
C SER C 209 -2.28 23.26 15.76
N LEU C 210 -2.02 22.50 14.69
CA LEU C 210 -2.91 22.58 13.53
C LEU C 210 -3.89 21.40 13.55
N GLY C 211 -3.93 20.61 14.65
CA GLY C 211 -4.91 19.54 14.80
C GLY C 211 -4.90 18.51 13.66
N VAL C 212 -3.72 18.02 13.30
CA VAL C 212 -3.60 16.87 12.45
C VAL C 212 -2.86 15.76 13.20
N GLN C 213 -2.68 14.59 12.58
CA GLN C 213 -1.95 13.50 13.21
C GLN C 213 -0.60 13.34 12.53
N ARG C 214 0.40 12.96 13.35
CA ARG C 214 1.77 12.77 12.89
C ARG C 214 2.12 11.29 12.95
N VAL C 215 2.74 10.75 11.89
CA VAL C 215 3.31 9.41 11.93
C VAL C 215 4.84 9.49 11.88
N TYR C 216 5.54 8.40 12.26
CA TYR C 216 6.96 8.57 12.55
C TYR C 216 7.85 7.83 11.56
N THR C 217 7.29 7.16 10.56
CA THR C 217 8.09 6.50 9.54
C THR C 217 7.38 6.69 8.21
N LEU C 218 8.13 6.65 7.10
CA LEU C 218 7.53 6.64 5.77
C LEU C 218 6.55 5.48 5.66
N GLN C 219 6.87 4.31 6.23
CA GLN C 219 6.00 3.17 6.01
C GLN C 219 4.63 3.44 6.63
N ASP C 220 4.59 4.01 7.85
CA ASP C 220 3.33 4.23 8.53
C ASP C 220 2.51 5.20 7.70
N LEU C 221 3.17 6.24 7.15
CA LEU C 221 2.44 7.13 6.30
C LEU C 221 1.79 6.39 5.14
N LEU C 222 2.56 5.60 4.38
CA LEU C 222 2.04 5.02 3.14
C LEU C 222 0.91 4.02 3.41
N TYR C 223 1.04 3.31 4.53
CA TYR C 223 0.10 2.26 4.91
C TYR C 223 -1.26 2.86 5.25
N GLN C 224 -1.23 4.04 5.86
CA GLN C 224 -2.42 4.58 6.52
C GLN C 224 -3.18 5.54 5.60
N SER C 225 -2.57 5.90 4.46
CA SER C 225 -3.04 7.05 3.68
C SER C 225 -3.80 6.58 2.46
N ASP C 226 -4.98 7.22 2.29
CA ASP C 226 -5.76 7.14 1.07
C ASP C 226 -5.18 8.10 0.04
N CYS C 227 -4.65 9.27 0.45
CA CYS C 227 -4.00 10.12 -0.54
C CYS C 227 -2.64 10.58 -0.03
N VAL C 228 -1.59 10.48 -0.85
CA VAL C 228 -0.26 10.84 -0.38
C VAL C 228 0.21 12.03 -1.22
N SER C 229 0.71 13.08 -0.54
CA SER C 229 1.17 14.28 -1.23
C SER C 229 2.56 14.69 -0.72
N LEU C 230 3.51 14.90 -1.64
CA LEU C 230 4.89 15.28 -1.36
C LEU C 230 5.09 16.80 -1.20
N HIS C 231 5.70 17.18 -0.06
CA HIS C 231 5.94 18.56 0.26
C HIS C 231 7.30 18.72 0.95
N CYS C 232 8.31 17.92 0.56
CA CYS C 232 9.62 18.01 1.19
C CYS C 232 10.64 18.57 0.20
N ASN C 233 11.69 19.22 0.72
CA ASN C 233 12.79 19.65 -0.13
C ASN C 233 13.59 18.44 -0.55
N LEU C 234 14.20 18.47 -1.73
CA LEU C 234 15.14 17.45 -2.16
C LEU C 234 16.46 17.68 -1.44
N ASN C 235 17.02 16.64 -0.83
CA ASN C 235 18.23 16.72 0.01
C ASN C 235 19.06 15.43 -0.16
N GLU C 236 20.17 15.31 0.54
CA GLU C 236 21.10 14.20 0.38
C GLU C 236 20.45 12.88 0.80
N HIS C 237 19.36 12.92 1.58
CA HIS C 237 18.81 11.72 2.19
C HIS C 237 17.42 11.36 1.69
N ASN C 238 16.95 11.97 0.61
CA ASN C 238 15.61 11.59 0.18
C ASN C 238 15.52 11.45 -1.34
N HIS C 239 16.67 11.29 -2.03
CA HIS C 239 16.66 10.96 -3.45
C HIS C 239 15.95 9.61 -3.64
N HIS C 240 14.95 9.56 -4.53
CA HIS C 240 14.20 8.33 -4.80
C HIS C 240 13.57 7.74 -3.53
N LEU C 241 13.11 8.62 -2.64
CA LEU C 241 12.29 8.31 -1.47
C LEU C 241 11.16 7.38 -1.87
N ILE C 242 10.46 7.72 -2.97
CA ILE C 242 9.44 6.86 -3.56
C ILE C 242 10.13 6.00 -4.64
N ASN C 243 10.21 4.69 -4.41
CA ASN C 243 11.00 3.83 -5.28
C ASN C 243 10.31 2.47 -5.39
N ASP C 244 11.04 1.49 -5.94
CA ASP C 244 10.42 0.19 -6.20
C ASP C 244 9.94 -0.45 -4.90
N PHE C 245 10.73 -0.33 -3.82
CA PHE C 245 10.41 -0.94 -2.55
C PHE C 245 9.24 -0.20 -1.88
N THR C 246 9.35 1.14 -1.83
CA THR C 246 8.44 1.91 -1.01
C THR C 246 7.08 2.09 -1.68
N ILE C 247 7.05 2.10 -3.03
CA ILE C 247 5.76 2.10 -3.72
C ILE C 247 4.93 0.85 -3.36
N LYS C 248 5.57 -0.33 -3.27
CA LYS C 248 4.90 -1.54 -2.82
C LYS C 248 4.21 -1.34 -1.46
N GLN C 249 4.60 -0.33 -0.67
CA GLN C 249 4.02 -0.12 0.64
C GLN C 249 2.79 0.78 0.62
N MET C 250 2.42 1.37 -0.52
CA MET C 250 1.22 2.19 -0.54
C MET C 250 -0.03 1.29 -0.55
N ARG C 251 -1.13 1.79 0.03
CA ARG C 251 -2.45 1.21 0.01
C ARG C 251 -2.86 0.74 -1.37
N GLN C 252 -3.70 -0.31 -1.36
CA GLN C 252 -4.54 -0.65 -2.48
C GLN C 252 -5.46 0.53 -2.79
N GLY C 253 -5.32 1.09 -4.00
CA GLY C 253 -6.21 2.11 -4.51
C GLY C 253 -5.94 3.53 -3.98
N ALA C 254 -4.78 3.74 -3.33
CA ALA C 254 -4.42 5.08 -2.88
C ALA C 254 -4.11 6.04 -4.04
N PHE C 255 -4.07 7.35 -3.77
CA PHE C 255 -3.71 8.35 -4.76
C PHE C 255 -2.34 8.91 -4.42
N LEU C 256 -1.55 9.28 -5.45
CA LEU C 256 -0.29 10.00 -5.26
C LEU C 256 -0.32 11.40 -5.89
N VAL C 257 0.19 12.43 -5.18
CA VAL C 257 0.38 13.78 -5.71
C VAL C 257 1.83 14.23 -5.46
N ASN C 258 2.50 14.81 -6.47
CA ASN C 258 3.84 15.36 -6.28
C ASN C 258 3.93 16.82 -6.77
N ALA C 259 3.90 17.79 -5.84
CA ALA C 259 4.09 19.18 -6.21
C ALA C 259 5.41 19.72 -5.61
N ALA C 260 6.41 18.85 -5.46
CA ALA C 260 7.62 19.17 -4.71
C ALA C 260 8.83 19.15 -5.64
N ARG C 261 9.49 18.00 -5.80
CA ARG C 261 10.60 17.90 -6.74
C ARG C 261 10.58 16.53 -7.42
N GLY C 262 11.22 16.49 -8.58
CA GLY C 262 11.19 15.30 -9.42
C GLY C 262 12.01 14.17 -8.81
N GLY C 263 13.20 14.51 -8.31
CA GLY C 263 14.17 13.49 -7.89
C GLY C 263 13.70 12.64 -6.70
N LEU C 264 12.58 13.03 -6.07
CA LEU C 264 11.99 12.34 -4.94
C LEU C 264 11.38 11.02 -5.37
N VAL C 265 10.92 10.94 -6.64
CA VAL C 265 10.07 9.87 -7.12
C VAL C 265 10.72 9.17 -8.30
N ASP C 266 10.80 7.85 -8.22
CA ASP C 266 11.23 7.01 -9.32
C ASP C 266 10.05 6.70 -10.23
N GLU C 267 10.06 7.30 -11.43
CA GLU C 267 8.87 7.27 -12.27
C GLU C 267 8.64 5.86 -12.86
N LYS C 268 9.70 5.05 -12.99
CA LYS C 268 9.57 3.66 -13.43
C LYS C 268 8.73 2.85 -12.43
N ALA C 269 8.98 3.00 -11.14
CA ALA C 269 8.15 2.37 -10.11
C ALA C 269 6.71 2.87 -10.17
N LEU C 270 6.53 4.19 -10.30
CA LEU C 270 5.22 4.81 -10.44
C LEU C 270 4.44 4.31 -11.67
N ALA C 271 5.12 4.17 -12.82
CA ALA C 271 4.46 3.75 -14.05
C ALA C 271 3.78 2.41 -13.82
N GLN C 272 4.55 1.49 -13.19
CA GLN C 272 4.16 0.15 -12.86
C GLN C 272 2.99 0.17 -11.89
N ALA C 273 3.09 0.96 -10.82
CA ALA C 273 2.05 1.01 -9.79
C ALA C 273 0.72 1.47 -10.39
N LEU C 274 0.75 2.55 -11.20
CA LEU C 274 -0.44 3.06 -11.87
C LEU C 274 -0.98 2.03 -12.88
N LYS C 275 -0.05 1.43 -13.64
CA LYS C 275 -0.34 0.50 -14.72
C LYS C 275 -1.01 -0.77 -14.17
N GLU C 276 -0.53 -1.25 -13.02
CA GLU C 276 -1.09 -2.44 -12.41
C GLU C 276 -2.28 -2.07 -11.53
N GLY C 277 -2.59 -0.79 -11.39
CA GLY C 277 -3.80 -0.37 -10.68
C GLY C 277 -3.64 -0.32 -9.16
N ARG C 278 -2.39 -0.42 -8.66
CA ARG C 278 -2.10 -0.47 -7.23
C ARG C 278 -2.42 0.87 -6.56
N ILE C 279 -1.99 1.96 -7.22
CA ILE C 279 -2.45 3.33 -6.96
C ILE C 279 -3.52 3.67 -8.00
N ARG C 280 -4.65 4.19 -7.51
CA ARG C 280 -5.82 4.48 -8.31
C ARG C 280 -5.59 5.63 -9.30
N GLY C 281 -4.82 6.64 -8.88
CA GLY C 281 -4.64 7.85 -9.68
C GLY C 281 -3.49 8.71 -9.15
N ALA C 282 -2.87 9.49 -10.05
CA ALA C 282 -1.70 10.29 -9.72
C ALA C 282 -1.73 11.63 -10.45
N ALA C 283 -1.18 12.66 -9.79
CA ALA C 283 -1.07 14.02 -10.31
C ALA C 283 0.35 14.56 -10.11
N LEU C 284 1.12 14.87 -11.17
CA LEU C 284 2.45 15.44 -10.90
C LEU C 284 2.61 16.87 -11.44
N ASP C 285 3.20 17.79 -10.64
CA ASP C 285 3.57 19.11 -11.15
C ASP C 285 5.06 19.14 -11.47
N VAL C 286 5.80 18.13 -11.00
CA VAL C 286 7.25 18.15 -11.12
C VAL C 286 7.70 16.77 -11.61
N HIS C 287 8.86 16.68 -12.29
CA HIS C 287 9.27 15.43 -12.88
C HIS C 287 10.77 15.25 -12.79
N GLU C 288 11.24 14.01 -12.99
CA GLU C 288 12.64 13.63 -12.85
C GLU C 288 13.53 14.39 -13.83
N SER C 289 13.01 14.64 -15.02
CA SER C 289 13.66 15.38 -16.07
C SER C 289 12.65 16.36 -16.65
N GLU C 290 12.94 17.68 -16.58
CA GLU C 290 12.00 18.70 -17.00
C GLU C 290 12.52 19.34 -18.28
N PRO C 291 11.65 19.70 -19.26
CA PRO C 291 10.20 19.57 -19.11
C PRO C 291 9.61 18.19 -19.45
N PHE C 292 8.53 17.86 -18.77
CA PHE C 292 7.70 16.70 -19.02
C PHE C 292 7.01 16.77 -20.38
N SER C 293 6.86 15.61 -21.03
CA SER C 293 6.04 15.39 -22.21
C SER C 293 5.16 14.15 -22.00
N PHE C 294 3.90 14.16 -22.48
CA PHE C 294 3.08 12.96 -22.42
C PHE C 294 3.54 11.91 -23.44
N ALA C 295 4.39 12.34 -24.37
CA ALA C 295 4.72 11.53 -25.54
C ALA C 295 6.15 10.99 -25.43
N GLN C 296 6.80 11.12 -24.28
CA GLN C 296 8.20 10.74 -24.11
C GLN C 296 8.44 10.37 -22.63
N GLY C 297 9.47 9.56 -22.41
CA GLY C 297 10.04 9.32 -21.09
C GLY C 297 9.55 8.03 -20.43
N PRO C 298 10.10 7.67 -19.24
CA PRO C 298 9.62 6.54 -18.45
C PRO C 298 8.14 6.49 -18.09
N LEU C 299 7.43 7.63 -18.09
CA LEU C 299 6.00 7.70 -17.76
C LEU C 299 5.11 7.59 -19.01
N LYS C 300 5.72 7.27 -20.16
CA LYS C 300 5.08 7.29 -21.45
C LYS C 300 3.60 6.85 -21.42
N ASP C 301 3.29 5.63 -20.93
CA ASP C 301 1.92 5.15 -21.09
C ASP C 301 1.24 4.82 -19.77
N ALA C 302 1.16 5.77 -18.86
CA ALA C 302 0.56 5.44 -17.58
C ALA C 302 -0.91 5.88 -17.56
N PRO C 303 -1.85 5.00 -17.19
CA PRO C 303 -3.23 5.42 -16.98
C PRO C 303 -3.36 6.26 -15.70
N ASN C 304 -4.46 7.02 -15.64
CA ASN C 304 -4.87 7.70 -14.42
C ASN C 304 -3.86 8.77 -14.02
N LEU C 305 -3.36 9.51 -15.01
CA LEU C 305 -2.29 10.46 -14.76
C LEU C 305 -2.78 11.86 -15.16
N ILE C 306 -2.73 12.79 -14.21
CA ILE C 306 -2.84 14.23 -14.43
C ILE C 306 -1.45 14.86 -14.27
N CYS C 307 -1.03 15.71 -15.21
CA CYS C 307 0.24 16.43 -15.10
C CYS C 307 0.10 17.92 -15.42
N THR C 308 0.92 18.76 -14.75
CA THR C 308 1.09 20.16 -15.13
C THR C 308 2.58 20.46 -15.27
N PRO C 309 3.04 21.43 -16.11
CA PRO C 309 4.48 21.67 -16.34
C PRO C 309 5.20 22.61 -15.37
N HIS C 310 5.13 22.32 -14.06
CA HIS C 310 5.86 23.03 -13.03
C HIS C 310 5.28 24.44 -12.83
N THR C 311 3.99 24.52 -12.46
CA THR C 311 3.27 25.78 -12.46
C THR C 311 2.61 26.02 -11.10
N ALA C 312 2.76 25.08 -10.16
CA ALA C 312 2.06 25.18 -8.88
C ALA C 312 2.34 26.52 -8.20
N TRP C 313 3.53 27.10 -8.44
CA TRP C 313 3.98 28.33 -7.77
C TRP C 313 3.39 29.60 -8.40
N TYR C 314 2.86 29.52 -9.63
CA TYR C 314 2.60 30.70 -10.44
C TYR C 314 1.24 31.34 -10.14
N SER C 315 1.30 32.67 -9.96
CA SER C 315 0.19 33.58 -10.12
C SER C 315 0.80 34.92 -10.44
N GLU C 316 0.02 35.79 -11.10
CA GLU C 316 0.53 37.10 -11.46
C GLU C 316 1.23 37.72 -10.26
N GLN C 317 0.53 37.73 -9.11
CA GLN C 317 0.99 38.41 -7.92
C GLN C 317 2.26 37.77 -7.36
N ALA C 318 2.30 36.43 -7.29
CA ALA C 318 3.38 35.68 -6.69
C ALA C 318 4.68 35.87 -7.49
N SER C 319 4.60 35.85 -8.82
CA SER C 319 5.78 36.00 -9.66
C SER C 319 6.39 37.40 -9.52
N LEU C 320 5.52 38.43 -9.51
CA LEU C 320 5.94 39.80 -9.23
C LEU C 320 6.55 39.92 -7.82
N GLU C 321 5.89 39.33 -6.82
CA GLU C 321 6.36 39.34 -5.45
C GLU C 321 7.75 38.73 -5.34
N MET C 322 8.01 37.59 -5.99
CA MET C 322 9.30 36.94 -5.78
C MET C 322 10.43 37.62 -6.53
N ARG C 323 10.14 38.22 -7.69
CA ARG C 323 11.18 38.90 -8.44
C ARG C 323 11.58 40.21 -7.75
N GLU C 324 10.64 40.88 -7.11
CA GLU C 324 10.96 42.09 -6.36
C GLU C 324 11.81 41.73 -5.14
N ALA C 325 11.41 40.64 -4.44
CA ALA C 325 12.07 40.13 -3.26
C ALA C 325 13.52 39.76 -3.56
N ALA C 326 13.76 39.14 -4.72
CA ALA C 326 15.09 38.65 -5.08
C ALA C 326 16.00 39.83 -5.39
N ALA C 327 15.44 40.80 -6.14
CA ALA C 327 16.14 42.02 -6.46
C ALA C 327 16.48 42.78 -5.17
N THR C 328 15.52 42.82 -4.24
CA THR C 328 15.71 43.44 -2.94
C THR C 328 16.85 42.76 -2.18
N GLU C 329 16.93 41.42 -2.29
CA GLU C 329 17.95 40.69 -1.55
C GLU C 329 19.35 41.02 -2.09
N ILE C 330 19.48 41.19 -3.42
CA ILE C 330 20.74 41.60 -4.01
C ILE C 330 21.11 42.99 -3.48
N ARG C 331 20.11 43.85 -3.33
CA ARG C 331 20.30 45.23 -2.88
C ARG C 331 20.87 45.26 -1.47
N ARG C 332 20.40 44.36 -0.60
CA ARG C 332 20.90 44.25 0.76
C ARG C 332 22.36 43.83 0.78
N ALA C 333 22.75 42.91 -0.11
CA ALA C 333 24.10 42.36 -0.12
C ALA C 333 25.07 43.42 -0.61
N ILE C 334 24.60 44.29 -1.50
CA ILE C 334 25.45 45.28 -2.11
C ILE C 334 25.60 46.47 -1.18
N THR C 335 24.59 46.78 -0.35
CA THR C 335 24.61 48.00 0.46
C THR C 335 24.89 47.68 1.93
N GLY C 336 24.81 46.39 2.30
CA GLY C 336 25.03 45.96 3.68
C GLY C 336 26.26 45.05 3.81
N ARG C 337 26.20 44.09 4.72
CA ARG C 337 27.25 43.11 4.99
C ARG C 337 26.74 41.71 4.63
N ILE C 338 27.68 40.85 4.20
CA ILE C 338 27.34 39.48 3.84
C ILE C 338 27.97 38.51 4.84
N PRO C 339 27.18 37.63 5.50
CA PRO C 339 25.73 37.55 5.30
C PRO C 339 24.73 38.15 6.31
N GLU C 340 25.17 39.03 7.20
CA GLU C 340 24.38 39.55 8.31
C GLU C 340 23.19 40.39 7.84
N SER C 341 23.33 41.12 6.73
CA SER C 341 22.29 41.96 6.16
C SER C 341 21.21 41.17 5.40
N LEU C 342 21.46 39.87 5.14
CA LEU C 342 20.63 39.10 4.21
C LEU C 342 19.43 38.54 4.95
N ARG C 343 18.26 38.59 4.28
CA ARG C 343 17.00 38.24 4.90
C ARG C 343 16.82 36.73 4.94
N ASN C 344 17.26 36.00 3.90
CA ASN C 344 16.87 34.60 3.78
C ASN C 344 18.04 33.77 3.27
N CYS C 345 19.17 33.87 3.96
CA CYS C 345 20.35 33.12 3.63
C CYS C 345 20.18 31.69 4.12
N VAL C 346 20.47 30.71 3.26
CA VAL C 346 20.25 29.32 3.62
C VAL C 346 21.56 28.57 3.93
N ASN C 347 22.72 29.25 3.91
CA ASN C 347 24.00 28.56 4.12
C ASN C 347 24.90 29.23 5.17
N LYS C 348 24.28 29.95 6.13
CA LYS C 348 24.91 30.56 7.30
C LYS C 348 25.84 29.56 8.00
N GLU C 349 25.42 28.29 8.05
CA GLU C 349 26.11 27.26 8.81
C GLU C 349 27.45 26.91 8.15
N PHE C 350 27.60 27.22 6.85
CA PHE C 350 28.74 26.78 6.06
C PHE C 350 29.62 27.96 5.62
N PHE C 351 29.22 29.21 5.94
CA PHE C 351 29.71 30.38 5.22
C PHE C 351 31.17 30.71 5.54
N ARG D 22 -49.39 -7.67 -4.73
CA ARG D 22 -48.37 -6.63 -4.37
C ARG D 22 -48.52 -5.43 -5.30
N PRO D 23 -48.74 -4.20 -4.76
CA PRO D 23 -48.81 -3.02 -5.61
C PRO D 23 -47.57 -2.93 -6.51
N LEU D 24 -47.78 -2.50 -7.77
CA LEU D 24 -46.68 -2.34 -8.71
C LEU D 24 -46.01 -0.98 -8.49
N VAL D 25 -44.68 -0.98 -8.37
CA VAL D 25 -43.91 0.22 -8.08
C VAL D 25 -42.74 0.28 -9.08
N ALA D 26 -42.51 1.45 -9.68
CA ALA D 26 -41.67 1.58 -10.87
C ALA D 26 -40.58 2.63 -10.66
N LEU D 27 -39.39 2.35 -11.20
CA LEU D 27 -38.38 3.35 -11.54
C LEU D 27 -38.67 3.84 -12.96
N LEU D 28 -38.94 5.13 -13.13
CA LEU D 28 -39.43 5.67 -14.39
C LEU D 28 -38.31 5.78 -15.44
N ASP D 29 -37.21 6.47 -15.12
CA ASP D 29 -36.18 6.81 -16.11
C ASP D 29 -34.86 6.11 -15.79
N GLY D 30 -34.90 4.78 -15.67
CA GLY D 30 -33.72 3.99 -15.37
C GLY D 30 -33.91 2.52 -15.74
N ARG D 31 -32.82 1.75 -15.62
CA ARG D 31 -32.82 0.30 -15.80
C ARG D 31 -32.45 -0.36 -14.48
N ASP D 32 -31.34 0.10 -13.88
CA ASP D 32 -30.71 -0.49 -12.70
C ASP D 32 -31.60 -0.34 -11.46
N CYS D 33 -31.89 -1.46 -10.79
CA CYS D 33 -32.73 -1.45 -9.59
C CYS D 33 -32.09 -2.30 -8.49
N THR D 34 -30.75 -2.37 -8.49
CA THR D 34 -30.01 -3.32 -7.66
C THR D 34 -29.97 -2.90 -6.20
N VAL D 35 -30.14 -1.60 -5.89
CA VAL D 35 -30.16 -1.14 -4.51
C VAL D 35 -31.58 -1.20 -3.96
N GLU D 36 -32.56 -0.86 -4.80
CA GLU D 36 -33.95 -0.69 -4.39
C GLU D 36 -34.66 -2.03 -4.23
N MET D 37 -34.27 -3.04 -5.00
CA MET D 37 -34.99 -4.30 -5.02
C MET D 37 -34.94 -5.00 -3.65
N PRO D 38 -33.76 -5.20 -3.01
CA PRO D 38 -33.70 -5.82 -1.67
C PRO D 38 -34.59 -5.12 -0.65
N ILE D 39 -34.70 -3.80 -0.74
CA ILE D 39 -35.47 -3.04 0.23
C ILE D 39 -36.98 -3.17 -0.02
N LEU D 40 -37.41 -3.47 -1.26
CA LEU D 40 -38.82 -3.38 -1.64
C LEU D 40 -39.37 -4.74 -2.08
N LYS D 41 -38.49 -5.71 -2.32
CA LYS D 41 -38.78 -7.03 -2.87
C LYS D 41 -40.05 -7.61 -2.25
N ASP D 42 -40.19 -7.38 -0.95
CA ASP D 42 -41.17 -8.10 -0.16
C ASP D 42 -42.49 -7.34 -0.13
N LEU D 43 -42.56 -6.19 -0.83
CA LEU D 43 -43.74 -5.33 -0.83
C LEU D 43 -44.24 -5.00 -2.24
N ALA D 44 -43.35 -5.00 -3.24
CA ALA D 44 -43.74 -4.57 -4.58
C ALA D 44 -43.11 -5.47 -5.65
N THR D 45 -43.71 -5.46 -6.86
CA THR D 45 -43.20 -6.10 -8.06
C THR D 45 -42.51 -5.09 -9.01
N VAL D 46 -41.82 -5.61 -10.05
CA VAL D 46 -41.25 -4.81 -11.13
C VAL D 46 -40.86 -5.66 -12.36
N ALA D 47 -40.65 -4.97 -13.48
CA ALA D 47 -40.46 -5.55 -14.81
C ALA D 47 -39.33 -4.84 -15.56
N PHE D 48 -39.39 -3.51 -15.67
CA PHE D 48 -38.35 -2.72 -16.30
C PHE D 48 -38.76 -1.24 -16.26
N CYS D 49 -38.05 -0.35 -16.97
CA CYS D 49 -38.55 0.90 -17.56
C CYS D 49 -37.54 1.50 -18.55
N ASP D 50 -37.10 2.74 -18.31
CA ASP D 50 -35.96 3.38 -18.96
C ASP D 50 -36.40 4.47 -19.95
N ALA D 51 -37.42 5.26 -19.58
CA ALA D 51 -37.97 6.26 -20.48
C ALA D 51 -37.07 7.50 -20.47
N GLN D 52 -36.85 8.10 -21.66
CA GLN D 52 -36.12 9.36 -21.76
C GLN D 52 -37.09 10.54 -21.96
N SER D 53 -38.37 10.22 -22.24
CA SER D 53 -39.47 11.16 -22.26
C SER D 53 -40.72 10.42 -21.79
N THR D 54 -41.81 11.14 -21.56
CA THR D 54 -42.97 10.55 -20.90
C THR D 54 -43.84 9.76 -21.90
N GLN D 55 -43.57 9.89 -23.20
CA GLN D 55 -44.30 9.16 -24.22
C GLN D 55 -43.83 7.70 -24.31
N GLU D 56 -42.73 7.38 -23.59
CA GLU D 56 -42.14 6.06 -23.62
C GLU D 56 -42.54 5.24 -22.40
N ILE D 57 -43.64 5.64 -21.73
CA ILE D 57 -44.07 4.92 -20.53
C ILE D 57 -45.08 3.83 -20.90
N HIS D 58 -44.77 2.57 -20.55
CA HIS D 58 -45.70 1.48 -20.76
C HIS D 58 -47.04 1.85 -20.16
N GLU D 59 -48.14 1.56 -20.88
CA GLU D 59 -49.45 1.98 -20.39
C GLU D 59 -49.85 1.09 -19.20
N LYS D 60 -49.12 -0.01 -18.99
CA LYS D 60 -49.30 -0.82 -17.79
C LYS D 60 -48.99 0.04 -16.55
N VAL D 61 -47.87 0.76 -16.62
CA VAL D 61 -47.37 1.64 -15.56
C VAL D 61 -48.37 2.78 -15.33
N LEU D 62 -48.88 3.39 -16.41
CA LEU D 62 -49.83 4.48 -16.33
C LEU D 62 -51.09 4.03 -15.59
N ASN D 63 -51.46 2.76 -15.79
CA ASN D 63 -52.72 2.23 -15.29
C ASN D 63 -52.58 1.72 -13.85
N GLU D 64 -51.42 1.12 -13.53
CA GLU D 64 -51.31 0.26 -12.36
C GLU D 64 -50.38 0.80 -11.26
N ALA D 65 -49.35 1.57 -11.64
CA ALA D 65 -48.28 1.92 -10.73
C ALA D 65 -48.78 2.82 -9.59
N VAL D 66 -48.44 2.50 -8.34
CA VAL D 66 -48.89 3.25 -7.17
C VAL D 66 -47.77 4.15 -6.64
N GLY D 67 -46.53 3.78 -6.96
CA GLY D 67 -45.38 4.58 -6.55
C GLY D 67 -44.32 4.63 -7.64
N ALA D 68 -43.63 5.77 -7.75
CA ALA D 68 -42.65 5.97 -8.80
C ALA D 68 -41.36 6.51 -8.19
N MET D 69 -40.22 6.10 -8.78
CA MET D 69 -38.94 6.72 -8.45
C MET D 69 -38.34 7.30 -9.73
N MET D 70 -37.73 8.47 -9.64
CA MET D 70 -37.25 9.09 -10.87
C MET D 70 -36.02 9.95 -10.60
N TYR D 71 -35.19 10.06 -11.65
CA TYR D 71 -34.05 10.94 -11.63
C TYR D 71 -34.40 12.28 -12.26
N HIS D 72 -33.38 12.96 -12.80
CA HIS D 72 -33.56 14.30 -13.32
C HIS D 72 -33.74 14.26 -14.84
N THR D 73 -33.73 13.05 -15.43
CA THR D 73 -33.65 12.93 -16.89
C THR D 73 -35.03 12.88 -17.54
N ILE D 74 -36.11 13.04 -16.77
CA ILE D 74 -37.41 13.27 -17.37
C ILE D 74 -38.17 14.38 -16.65
N THR D 75 -39.20 14.91 -17.32
CA THR D 75 -39.97 16.05 -16.82
C THR D 75 -41.43 15.63 -16.70
N LEU D 76 -42.07 15.89 -15.56
CA LEU D 76 -43.48 15.56 -15.39
C LEU D 76 -44.31 16.84 -15.27
N THR D 77 -45.14 17.12 -16.27
CA THR D 77 -46.06 18.24 -16.22
C THR D 77 -47.40 17.76 -15.69
N ARG D 78 -48.30 18.72 -15.44
CA ARG D 78 -49.69 18.45 -15.11
C ARG D 78 -50.32 17.45 -16.10
N GLU D 79 -50.07 17.63 -17.40
CA GLU D 79 -50.65 16.77 -18.42
C GLU D 79 -50.13 15.34 -18.27
N ASP D 80 -48.83 15.21 -17.94
CA ASP D 80 -48.17 13.93 -17.75
C ASP D 80 -48.76 13.21 -16.54
N LEU D 81 -48.96 13.95 -15.43
CA LEU D 81 -49.47 13.39 -14.19
C LEU D 81 -50.93 12.93 -14.33
N GLU D 82 -51.68 13.54 -15.24
CA GLU D 82 -53.09 13.19 -15.44
C GLU D 82 -53.21 11.82 -16.09
N LYS D 83 -52.11 11.30 -16.67
CA LYS D 83 -52.11 10.03 -17.39
C LYS D 83 -52.07 8.84 -16.43
N PHE D 84 -51.54 9.05 -15.20
CA PHE D 84 -51.40 8.00 -14.19
C PHE D 84 -52.73 7.82 -13.46
N LYS D 85 -53.19 6.57 -13.36
CA LYS D 85 -54.50 6.27 -12.80
C LYS D 85 -54.41 5.84 -11.33
N ALA D 86 -53.28 5.21 -10.92
CA ALA D 86 -53.16 4.64 -9.58
C ALA D 86 -52.08 5.32 -8.74
N LEU D 87 -51.22 6.16 -9.35
CA LEU D 87 -50.02 6.67 -8.72
C LEU D 87 -50.38 7.51 -7.48
N ARG D 88 -49.65 7.32 -6.37
CA ARG D 88 -49.94 8.01 -5.12
C ARG D 88 -48.71 8.68 -4.53
N VAL D 89 -47.51 8.26 -4.95
CA VAL D 89 -46.27 8.87 -4.45
C VAL D 89 -45.19 8.87 -5.54
N ILE D 90 -44.44 9.98 -5.60
CA ILE D 90 -43.26 10.14 -6.45
C ILE D 90 -42.08 10.47 -5.54
N VAL D 91 -41.00 9.69 -5.62
CA VAL D 91 -39.78 10.03 -4.90
C VAL D 91 -38.69 10.42 -5.90
N ARG D 92 -38.22 11.68 -5.83
CA ARG D 92 -37.06 12.14 -6.59
C ARG D 92 -35.77 11.67 -5.90
N ILE D 93 -35.00 10.83 -6.61
CA ILE D 93 -33.73 10.35 -6.11
C ILE D 93 -32.70 11.44 -6.36
N GLY D 94 -32.66 12.42 -5.47
CA GLY D 94 -31.90 13.65 -5.63
C GLY D 94 -32.49 14.71 -4.71
N SER D 95 -31.86 15.91 -4.69
CA SER D 95 -32.42 17.02 -3.93
C SER D 95 -33.35 17.92 -4.77
N GLY D 96 -33.05 18.09 -6.06
CA GLY D 96 -33.81 19.03 -6.86
C GLY D 96 -35.02 18.35 -7.50
N TYR D 97 -36.14 19.08 -7.56
CA TYR D 97 -37.41 18.53 -8.00
C TYR D 97 -38.12 19.53 -8.92
N ASP D 98 -37.32 20.41 -9.54
CA ASP D 98 -37.83 21.41 -10.47
C ASP D 98 -38.44 20.72 -11.69
N ASN D 99 -38.03 19.47 -11.95
CA ASN D 99 -38.49 18.72 -13.11
C ASN D 99 -39.91 18.12 -12.92
N VAL D 100 -40.55 18.35 -11.76
CA VAL D 100 -41.90 17.86 -11.48
C VAL D 100 -42.82 19.02 -11.08
N ASP D 101 -44.04 19.05 -11.64
CA ASP D 101 -45.04 20.05 -11.28
C ASP D 101 -45.70 19.64 -9.96
N ILE D 102 -45.09 20.06 -8.85
CA ILE D 102 -45.43 19.54 -7.54
C ILE D 102 -46.81 20.02 -7.10
N LYS D 103 -47.28 21.13 -7.70
CA LYS D 103 -48.60 21.67 -7.40
C LYS D 103 -49.66 20.83 -8.08
N ALA D 104 -49.41 20.48 -9.36
CA ALA D 104 -50.31 19.62 -10.12
C ALA D 104 -50.44 18.29 -9.40
N ALA D 105 -49.30 17.72 -9.02
CA ALA D 105 -49.24 16.44 -8.35
C ALA D 105 -50.12 16.47 -7.09
N GLY D 106 -49.99 17.54 -6.30
CA GLY D 106 -50.72 17.63 -5.05
C GLY D 106 -52.24 17.63 -5.26
N GLU D 107 -52.66 18.46 -6.22
CA GLU D 107 -54.07 18.64 -6.55
C GLU D 107 -54.63 17.34 -7.14
N LEU D 108 -53.74 16.48 -7.64
CA LEU D 108 -54.14 15.22 -8.25
C LEU D 108 -54.09 14.06 -7.24
N GLY D 109 -53.66 14.32 -6.00
CA GLY D 109 -53.63 13.29 -4.97
C GLY D 109 -52.30 12.53 -4.90
N ILE D 110 -51.23 13.11 -5.47
CA ILE D 110 -49.93 12.48 -5.56
C ILE D 110 -48.95 13.24 -4.66
N ALA D 111 -48.35 12.55 -3.67
CA ALA D 111 -47.31 13.15 -2.84
C ALA D 111 -45.97 13.07 -3.57
N VAL D 112 -45.13 14.12 -3.48
CA VAL D 112 -43.80 14.13 -4.08
C VAL D 112 -42.73 14.32 -2.98
N CYS D 113 -41.66 13.50 -3.01
CA CYS D 113 -40.63 13.49 -1.99
C CYS D 113 -39.26 13.64 -2.65
N ASN D 114 -38.29 14.17 -1.91
CA ASN D 114 -36.91 14.21 -2.38
C ASN D 114 -35.99 13.60 -1.32
N ILE D 115 -34.71 13.46 -1.67
CA ILE D 115 -33.67 13.07 -0.71
C ILE D 115 -32.83 14.32 -0.52
N PRO D 116 -33.10 15.11 0.56
CA PRO D 116 -32.48 16.42 0.74
C PRO D 116 -30.98 16.46 1.05
N SER D 117 -30.40 15.38 1.58
CA SER D 117 -29.12 15.59 2.23
C SER D 117 -28.08 14.49 1.94
N ALA D 118 -28.27 13.67 0.88
CA ALA D 118 -27.37 12.54 0.67
C ALA D 118 -26.06 12.95 0.00
N ALA D 119 -26.03 14.14 -0.62
CA ALA D 119 -24.91 14.52 -1.46
C ALA D 119 -24.39 15.94 -1.16
N VAL D 120 -24.64 16.47 0.05
CA VAL D 120 -24.35 17.87 0.37
C VAL D 120 -22.85 18.14 0.29
N GLU D 121 -22.05 17.28 0.93
CA GLU D 121 -20.58 17.38 0.88
C GLU D 121 -19.98 17.04 -0.49
N GLU D 122 -20.52 16.06 -1.20
CA GLU D 122 -20.08 15.74 -2.57
C GLU D 122 -20.19 16.97 -3.47
N THR D 123 -21.39 17.58 -3.50
CA THR D 123 -21.70 18.75 -4.29
C THR D 123 -20.78 19.92 -3.91
N ALA D 124 -20.63 20.17 -2.61
CA ALA D 124 -19.84 21.28 -2.14
C ALA D 124 -18.36 21.07 -2.50
N ASP D 125 -17.85 19.82 -2.41
CA ASP D 125 -16.46 19.55 -2.79
C ASP D 125 -16.25 19.74 -4.29
N SER D 126 -17.22 19.30 -5.11
CA SER D 126 -17.21 19.49 -6.55
C SER D 126 -17.18 20.98 -6.91
N THR D 127 -17.93 21.78 -6.14
CA THR D 127 -18.01 23.22 -6.36
C THR D 127 -16.66 23.88 -6.06
N ILE D 128 -16.10 23.62 -4.85
CA ILE D 128 -14.80 24.18 -4.46
C ILE D 128 -13.77 23.75 -5.50
N CYS D 129 -13.96 22.58 -6.09
CA CYS D 129 -13.04 22.10 -7.11
C CYS D 129 -13.14 22.96 -8.38
N HIS D 130 -14.37 23.33 -8.78
CA HIS D 130 -14.56 24.11 -9.99
C HIS D 130 -13.97 25.53 -9.83
N ILE D 131 -14.21 26.17 -8.66
CA ILE D 131 -13.67 27.46 -8.29
C ILE D 131 -12.13 27.46 -8.33
N LEU D 132 -11.50 26.49 -7.65
CA LEU D 132 -10.04 26.29 -7.69
C LEU D 132 -9.57 25.99 -9.12
N ASN D 133 -10.36 25.24 -9.90
CA ASN D 133 -10.03 25.07 -11.31
C ASN D 133 -9.99 26.40 -12.07
N LEU D 134 -10.81 27.38 -11.67
CA LEU D 134 -10.84 28.65 -12.36
C LEU D 134 -9.64 29.52 -11.98
N TYR D 135 -9.41 29.71 -10.67
CA TYR D 135 -8.32 30.51 -10.13
C TYR D 135 -6.93 29.97 -10.52
N ARG D 136 -6.74 28.64 -10.47
CA ARG D 136 -5.42 28.05 -10.59
C ARG D 136 -5.24 27.35 -11.95
N ARG D 137 -6.35 26.98 -12.59
CA ARG D 137 -6.38 26.57 -13.99
C ARG D 137 -5.89 25.15 -14.18
N ASN D 138 -6.00 24.31 -13.14
CA ASN D 138 -5.51 22.92 -13.18
C ASN D 138 -6.00 22.14 -14.41
N THR D 139 -7.30 22.27 -14.75
CA THR D 139 -7.86 21.46 -15.82
C THR D 139 -7.29 21.90 -17.17
N TRP D 140 -7.26 23.21 -17.42
CA TRP D 140 -6.74 23.80 -18.65
C TRP D 140 -5.24 23.54 -18.83
N LEU D 141 -4.49 23.61 -17.73
CA LEU D 141 -3.08 23.29 -17.73
C LEU D 141 -2.88 21.82 -18.06
N TYR D 142 -3.77 20.97 -17.53
CA TYR D 142 -3.74 19.54 -17.88
C TYR D 142 -3.97 19.41 -19.39
N GLN D 143 -5.01 20.08 -19.90
CA GLN D 143 -5.40 20.04 -21.30
C GLN D 143 -4.28 20.64 -22.16
N ALA D 144 -3.59 21.68 -21.67
CA ALA D 144 -2.43 22.17 -22.40
C ALA D 144 -1.44 21.02 -22.66
N LEU D 145 -1.10 20.25 -21.61
CA LEU D 145 -0.12 19.20 -21.71
C LEU D 145 -0.61 18.08 -22.62
N ARG D 146 -1.91 17.79 -22.58
CA ARG D 146 -2.54 16.74 -23.39
C ARG D 146 -2.62 17.16 -24.86
N GLU D 147 -2.49 18.45 -25.15
CA GLU D 147 -2.44 18.91 -26.54
C GLU D 147 -1.00 19.07 -27.02
N GLY D 148 -0.02 18.63 -26.23
CA GLY D 148 1.36 18.52 -26.67
C GLY D 148 2.20 19.77 -26.37
N THR D 149 1.68 20.71 -25.55
CA THR D 149 2.41 21.94 -25.26
C THR D 149 3.72 21.64 -24.56
N ARG D 150 4.80 22.28 -25.05
CA ARG D 150 6.14 22.02 -24.54
C ARG D 150 6.68 23.27 -23.84
N VAL D 151 6.68 23.24 -22.49
CA VAL D 151 6.85 24.38 -21.61
C VAL D 151 8.18 24.21 -20.87
N GLN D 152 9.29 24.61 -21.52
CA GLN D 152 10.61 24.49 -20.93
C GLN D 152 10.85 25.59 -19.88
N SER D 153 10.57 26.85 -20.23
CA SER D 153 11.17 28.00 -19.56
C SER D 153 10.16 28.70 -18.65
N VAL D 154 10.69 29.54 -17.79
CA VAL D 154 9.93 30.36 -16.84
C VAL D 154 8.92 31.27 -17.57
N GLU D 155 9.36 31.89 -18.68
CA GLU D 155 8.50 32.72 -19.49
C GLU D 155 7.35 31.88 -20.05
N GLN D 156 7.68 30.63 -20.44
CA GLN D 156 6.71 29.69 -21.00
C GLN D 156 5.69 29.26 -19.93
N ILE D 157 6.15 29.03 -18.68
CA ILE D 157 5.26 28.68 -17.58
C ILE D 157 4.26 29.81 -17.33
N ARG D 158 4.78 31.04 -17.17
CA ARG D 158 3.93 32.17 -16.85
C ARG D 158 2.95 32.42 -18.00
N GLU D 159 3.40 32.11 -19.23
CA GLU D 159 2.55 32.33 -20.38
C GLU D 159 1.35 31.38 -20.38
N VAL D 160 1.64 30.08 -20.26
CA VAL D 160 0.59 29.09 -20.36
C VAL D 160 -0.33 29.15 -19.12
N ALA D 161 0.18 29.59 -17.95
CA ALA D 161 -0.59 29.68 -16.72
C ALA D 161 -1.17 31.09 -16.49
N SER D 162 -0.99 31.95 -17.49
CA SER D 162 -1.43 33.33 -17.44
C SER D 162 -2.86 33.41 -16.93
N GLY D 163 -3.04 34.17 -15.85
CA GLY D 163 -4.36 34.41 -15.29
C GLY D 163 -4.51 33.82 -13.89
N ALA D 164 -3.65 32.87 -13.54
CA ALA D 164 -3.73 32.27 -12.22
C ALA D 164 -3.55 33.35 -11.17
N ALA D 165 -4.37 33.36 -10.12
CA ALA D 165 -4.45 34.53 -9.24
C ALA D 165 -4.57 34.10 -7.78
N ARG D 166 -4.05 34.93 -6.89
CA ARG D 166 -4.19 34.87 -5.44
C ARG D 166 -5.66 34.89 -5.01
N ILE D 167 -6.06 33.90 -4.22
CA ILE D 167 -7.42 33.78 -3.72
C ILE D 167 -7.58 34.55 -2.41
N ARG D 168 -6.50 34.71 -1.65
CA ARG D 168 -6.62 35.37 -0.37
C ARG D 168 -7.20 36.78 -0.55
N GLY D 169 -8.31 37.07 0.16
CA GLY D 169 -8.85 38.42 0.16
C GLY D 169 -9.98 38.61 -0.85
N GLU D 170 -10.18 37.64 -1.76
CA GLU D 170 -11.19 37.72 -2.80
C GLU D 170 -12.55 37.41 -2.18
N THR D 171 -13.62 37.92 -2.79
CA THR D 171 -14.98 37.73 -2.32
C THR D 171 -15.61 36.58 -3.09
N LEU D 172 -16.18 35.61 -2.37
CA LEU D 172 -17.04 34.59 -2.94
C LEU D 172 -18.50 35.01 -2.73
N GLY D 173 -19.23 35.21 -3.81
CA GLY D 173 -20.63 35.63 -3.68
C GLY D 173 -21.61 34.51 -4.05
N LEU D 174 -22.43 34.08 -3.09
CA LEU D 174 -23.30 32.94 -3.23
C LEU D 174 -24.74 33.38 -3.40
N ILE D 175 -25.38 32.91 -4.48
CA ILE D 175 -26.82 33.05 -4.68
C ILE D 175 -27.53 31.78 -4.22
N GLY D 176 -28.18 31.87 -3.06
CA GLY D 176 -28.75 30.69 -2.43
C GLY D 176 -27.86 30.26 -1.27
N PHE D 177 -28.48 30.18 -0.10
CA PHE D 177 -27.71 29.87 1.08
C PHE D 177 -28.45 28.80 1.88
N GLY D 178 -28.78 27.69 1.21
CA GLY D 178 -29.24 26.48 1.87
C GLY D 178 -28.09 25.50 2.09
N ARG D 179 -28.39 24.19 1.92
CA ARG D 179 -27.44 23.15 2.30
C ARG D 179 -26.14 23.25 1.51
N THR D 180 -26.19 23.29 0.17
CA THR D 180 -24.96 23.31 -0.62
C THR D 180 -24.25 24.66 -0.42
N GLY D 181 -25.03 25.73 -0.36
CA GLY D 181 -24.44 27.05 -0.19
C GLY D 181 -23.67 27.17 1.11
N GLN D 182 -24.26 26.66 2.20
CA GLN D 182 -23.60 26.71 3.50
C GLN D 182 -22.37 25.79 3.53
N ALA D 183 -22.44 24.62 2.87
CA ALA D 183 -21.31 23.70 2.84
C ALA D 183 -20.12 24.35 2.14
N VAL D 184 -20.41 25.04 1.00
CA VAL D 184 -19.39 25.74 0.25
C VAL D 184 -18.74 26.85 1.09
N ALA D 185 -19.54 27.64 1.81
CA ALA D 185 -19.03 28.73 2.65
C ALA D 185 -18.01 28.24 3.68
N VAL D 186 -18.36 27.18 4.44
CA VAL D 186 -17.52 26.59 5.47
C VAL D 186 -16.13 26.25 4.89
N ARG D 187 -16.12 25.74 3.65
CA ARG D 187 -14.91 25.30 2.97
C ARG D 187 -14.12 26.49 2.43
N ALA D 188 -14.83 27.51 1.96
CA ALA D 188 -14.23 28.59 1.19
C ALA D 188 -13.44 29.53 2.10
N LYS D 189 -13.93 29.80 3.32
CA LYS D 189 -13.24 30.58 4.34
C LYS D 189 -11.80 30.10 4.59
N ALA D 190 -11.51 28.79 4.56
CA ALA D 190 -10.16 28.33 4.89
C ALA D 190 -9.13 28.75 3.83
N PHE D 191 -9.60 29.16 2.63
CA PHE D 191 -8.70 29.62 1.59
C PHE D 191 -8.55 31.14 1.59
N GLY D 192 -9.24 31.82 2.52
CA GLY D 192 -9.12 33.25 2.70
C GLY D 192 -10.17 34.08 1.94
N PHE D 193 -11.17 33.42 1.35
CA PHE D 193 -12.31 34.09 0.74
C PHE D 193 -13.12 34.81 1.82
N SER D 194 -13.63 36.00 1.47
CA SER D 194 -14.76 36.66 2.11
C SER D 194 -16.03 36.12 1.50
N VAL D 195 -16.94 35.57 2.33
CA VAL D 195 -18.19 35.03 1.82
C VAL D 195 -19.30 36.05 2.03
N ILE D 196 -20.10 36.22 0.99
CA ILE D 196 -21.29 37.06 0.97
C ILE D 196 -22.37 36.23 0.31
N PHE D 197 -23.63 36.31 0.80
CA PHE D 197 -24.74 35.59 0.15
C PHE D 197 -25.96 36.50 -0.03
N TYR D 198 -26.76 36.18 -1.05
CA TYR D 198 -28.09 36.73 -1.29
C TYR D 198 -29.08 35.56 -1.29
N ASP D 199 -30.11 35.63 -0.45
CA ASP D 199 -31.12 34.58 -0.36
C ASP D 199 -32.35 35.20 0.31
N PRO D 200 -33.31 35.70 -0.50
CA PRO D 200 -34.36 36.59 0.01
C PRO D 200 -35.43 35.89 0.84
N TYR D 201 -35.34 34.55 0.96
CA TYR D 201 -36.24 33.80 1.82
C TYR D 201 -35.59 33.52 3.19
N VAL D 212 -20.09 34.95 7.83
CA VAL D 212 -20.35 35.45 6.45
C VAL D 212 -21.21 36.72 6.51
N GLN D 213 -21.21 37.48 5.40
CA GLN D 213 -22.03 38.66 5.28
C GLN D 213 -23.21 38.39 4.36
N ARG D 214 -24.34 39.06 4.64
CA ARG D 214 -25.54 38.97 3.81
C ARG D 214 -25.76 40.27 3.03
N VAL D 215 -26.07 40.18 1.73
CA VAL D 215 -26.52 41.34 0.97
C VAL D 215 -28.02 41.17 0.62
N TYR D 216 -28.67 42.27 0.23
CA TYR D 216 -30.12 42.25 0.23
C TYR D 216 -30.72 42.35 -1.18
N THR D 217 -29.88 42.42 -2.21
CA THR D 217 -30.40 42.46 -3.57
C THR D 217 -29.45 41.64 -4.42
N LEU D 218 -29.97 41.09 -5.53
CA LEU D 218 -29.10 40.46 -6.52
C LEU D 218 -28.03 41.43 -7.00
N GLN D 219 -28.39 42.71 -7.19
CA GLN D 219 -27.41 43.61 -7.78
C GLN D 219 -26.19 43.78 -6.85
N ASP D 220 -26.45 43.92 -5.54
CA ASP D 220 -25.35 44.11 -4.60
C ASP D 220 -24.42 42.90 -4.64
N LEU D 221 -25.04 41.69 -4.68
CA LEU D 221 -24.21 40.51 -4.76
C LEU D 221 -23.31 40.56 -5.98
N LEU D 222 -23.89 40.81 -7.19
CA LEU D 222 -23.12 40.67 -8.43
C LEU D 222 -21.99 41.69 -8.48
N TYR D 223 -22.26 42.90 -7.97
CA TYR D 223 -21.28 43.96 -8.12
C TYR D 223 -20.07 43.72 -7.22
N GLN D 224 -20.30 43.06 -6.06
CA GLN D 224 -19.29 43.00 -5.03
C GLN D 224 -18.42 41.74 -5.11
N SER D 225 -18.81 40.78 -5.98
CA SER D 225 -18.22 39.43 -5.93
C SER D 225 -17.11 39.18 -6.98
N ASP D 226 -15.97 38.62 -6.54
CA ASP D 226 -14.86 38.21 -7.41
C ASP D 226 -15.11 36.85 -8.04
N CYS D 227 -15.71 35.96 -7.25
CA CYS D 227 -16.25 34.72 -7.76
C CYS D 227 -17.71 34.62 -7.36
N VAL D 228 -18.57 34.36 -8.34
CA VAL D 228 -20.01 34.30 -8.09
C VAL D 228 -20.46 32.87 -8.30
N SER D 229 -21.20 32.33 -7.33
CA SER D 229 -21.42 30.89 -7.24
C SER D 229 -22.88 30.59 -6.89
N LEU D 230 -23.61 29.85 -7.74
CA LEU D 230 -25.06 29.70 -7.61
C LEU D 230 -25.44 28.43 -6.82
N HIS D 231 -26.29 28.62 -5.80
CA HIS D 231 -26.68 27.51 -4.93
C HIS D 231 -28.15 27.55 -4.54
N CYS D 232 -29.02 27.94 -5.49
CA CYS D 232 -30.46 28.00 -5.25
C CYS D 232 -31.16 26.90 -6.05
N ASN D 233 -32.36 26.48 -5.62
CA ASN D 233 -33.18 25.60 -6.43
C ASN D 233 -33.75 26.41 -7.58
N LEU D 234 -33.97 25.76 -8.74
CA LEU D 234 -34.72 26.37 -9.83
C LEU D 234 -36.21 26.38 -9.45
N ASN D 235 -36.88 27.55 -9.60
CA ASN D 235 -38.28 27.75 -9.28
C ASN D 235 -38.92 28.70 -10.30
N GLU D 236 -40.20 29.02 -10.13
CA GLU D 236 -40.93 29.83 -11.11
C GLU D 236 -40.36 31.24 -11.21
N HIS D 237 -39.61 31.68 -10.19
CA HIS D 237 -39.28 33.10 -10.07
C HIS D 237 -37.76 33.34 -10.18
N ASN D 238 -36.97 32.34 -10.59
CA ASN D 238 -35.56 32.60 -10.78
C ASN D 238 -35.05 32.03 -12.10
N HIS D 239 -35.95 31.78 -13.05
CA HIS D 239 -35.59 31.25 -14.36
C HIS D 239 -34.73 32.29 -15.07
N HIS D 240 -33.56 31.88 -15.55
CA HIS D 240 -32.63 32.77 -16.26
C HIS D 240 -32.23 33.96 -15.40
N LEU D 241 -32.07 33.70 -14.09
CA LEU D 241 -31.46 34.56 -13.07
C LEU D 241 -30.20 35.21 -13.62
N ILE D 242 -29.31 34.43 -14.24
CA ILE D 242 -28.12 34.92 -14.93
C ILE D 242 -28.49 35.11 -16.39
N ASN D 243 -28.50 36.38 -16.83
CA ASN D 243 -28.97 36.72 -18.17
C ASN D 243 -28.17 37.92 -18.69
N ASP D 244 -28.66 38.49 -19.80
CA ASP D 244 -27.91 39.56 -20.45
C ASP D 244 -27.84 40.79 -19.54
N PHE D 245 -28.91 41.09 -18.80
CA PHE D 245 -28.97 42.26 -17.93
C PHE D 245 -28.09 42.05 -16.70
N THR D 246 -28.21 40.88 -16.05
CA THR D 246 -27.54 40.67 -14.78
C THR D 246 -26.05 40.37 -14.95
N ILE D 247 -25.65 39.77 -16.08
CA ILE D 247 -24.23 39.64 -16.36
C ILE D 247 -23.54 41.01 -16.45
N LYS D 248 -24.19 42.01 -17.07
CA LYS D 248 -23.63 43.37 -17.12
C LYS D 248 -23.38 43.90 -15.71
N GLN D 249 -24.07 43.36 -14.68
CA GLN D 249 -23.91 43.86 -13.32
C GLN D 249 -22.75 43.22 -12.57
N MET D 250 -22.20 42.09 -13.07
CA MET D 250 -21.06 41.48 -12.39
C MET D 250 -19.80 42.31 -12.62
N ARG D 251 -18.84 42.28 -11.68
CA ARG D 251 -17.57 42.96 -11.91
C ARG D 251 -16.87 42.41 -13.16
N GLN D 252 -16.18 43.33 -13.87
CA GLN D 252 -15.46 42.95 -15.07
C GLN D 252 -14.34 41.99 -14.66
N GLY D 253 -14.38 40.83 -15.33
CA GLY D 253 -13.33 39.83 -15.16
C GLY D 253 -13.56 38.91 -13.96
N ALA D 254 -14.74 38.97 -13.33
CA ALA D 254 -15.07 38.04 -12.26
C ALA D 254 -15.22 36.62 -12.81
N PHE D 255 -15.25 35.62 -11.92
CA PHE D 255 -15.51 34.25 -12.31
C PHE D 255 -16.92 33.85 -11.93
N LEU D 256 -17.56 33.02 -12.77
CA LEU D 256 -18.91 32.55 -12.52
C LEU D 256 -18.92 31.02 -12.42
N VAL D 257 -19.60 30.47 -11.40
CA VAL D 257 -19.83 29.04 -11.28
C VAL D 257 -21.33 28.78 -11.11
N ASN D 258 -21.87 27.78 -11.84
CA ASN D 258 -23.13 27.19 -11.40
C ASN D 258 -23.05 25.67 -11.29
N ALA D 259 -23.06 25.16 -10.04
CA ALA D 259 -23.31 23.74 -9.82
C ALA D 259 -24.69 23.50 -9.19
N ALA D 260 -25.69 24.27 -9.66
CA ALA D 260 -27.06 24.19 -9.16
C ALA D 260 -27.99 23.56 -10.21
N ARG D 261 -28.65 24.41 -11.05
CA ARG D 261 -29.53 23.90 -12.08
C ARG D 261 -29.40 24.71 -13.37
N GLY D 262 -29.59 24.05 -14.51
CA GLY D 262 -29.36 24.64 -15.82
C GLY D 262 -30.26 25.84 -16.12
N GLY D 263 -31.56 25.75 -15.73
CA GLY D 263 -32.52 26.81 -16.03
C GLY D 263 -32.17 28.18 -15.42
N LEU D 264 -31.23 28.21 -14.46
CA LEU D 264 -30.84 29.46 -13.81
C LEU D 264 -29.99 30.32 -14.74
N VAL D 265 -29.25 29.69 -15.67
CA VAL D 265 -28.10 30.32 -16.33
C VAL D 265 -28.28 30.34 -17.84
N ASP D 266 -28.19 31.54 -18.40
CA ASP D 266 -28.49 31.73 -19.82
C ASP D 266 -27.21 31.61 -20.62
N GLU D 267 -27.04 30.50 -21.35
CA GLU D 267 -25.79 30.20 -22.01
C GLU D 267 -25.52 31.12 -23.20
N LYS D 268 -26.56 31.71 -23.83
CA LYS D 268 -26.36 32.69 -24.89
C LYS D 268 -25.63 33.92 -24.35
N ALA D 269 -26.11 34.44 -23.21
CA ALA D 269 -25.53 35.65 -22.62
C ALA D 269 -24.11 35.37 -22.14
N LEU D 270 -23.92 34.22 -21.47
CA LEU D 270 -22.62 33.78 -20.98
C LEU D 270 -21.63 33.56 -22.12
N ALA D 271 -22.04 32.98 -23.26
CA ALA D 271 -21.12 32.72 -24.38
C ALA D 271 -20.48 34.03 -24.82
N GLN D 272 -21.34 35.04 -24.99
CA GLN D 272 -21.01 36.39 -25.42
C GLN D 272 -20.04 37.03 -24.41
N ALA D 273 -20.38 36.95 -23.12
CA ALA D 273 -19.59 37.58 -22.08
C ALA D 273 -18.18 37.00 -22.03
N LEU D 274 -18.09 35.65 -22.12
CA LEU D 274 -16.83 34.92 -22.15
C LEU D 274 -16.01 35.32 -23.37
N LYS D 275 -16.66 35.43 -24.55
CA LYS D 275 -15.97 35.74 -25.79
C LYS D 275 -15.36 37.13 -25.78
N GLU D 276 -15.98 38.11 -25.13
CA GLU D 276 -15.36 39.43 -25.03
C GLU D 276 -14.35 39.48 -23.88
N GLY D 277 -14.33 38.45 -23.03
CA GLY D 277 -13.52 38.47 -21.82
C GLY D 277 -14.13 39.31 -20.69
N ARG D 278 -15.43 39.65 -20.78
CA ARG D 278 -16.12 40.42 -19.75
C ARG D 278 -16.26 39.60 -18.46
N ILE D 279 -16.62 38.30 -18.60
CA ILE D 279 -16.47 37.29 -17.56
C ILE D 279 -15.19 36.51 -17.84
N ARG D 280 -14.25 36.47 -16.87
CA ARG D 280 -12.91 36.02 -17.21
C ARG D 280 -12.85 34.50 -17.24
N GLY D 281 -13.80 33.81 -16.57
CA GLY D 281 -13.98 32.38 -16.77
C GLY D 281 -15.25 31.87 -16.08
N ALA D 282 -15.72 30.70 -16.50
CA ALA D 282 -17.00 30.15 -16.06
C ALA D 282 -16.95 28.63 -16.03
N ALA D 283 -17.69 28.00 -15.09
CA ALA D 283 -17.64 26.57 -14.79
C ALA D 283 -19.07 26.06 -14.56
N LEU D 284 -19.59 25.15 -15.40
CA LEU D 284 -20.95 24.64 -15.22
C LEU D 284 -20.92 23.13 -14.98
N ASP D 285 -21.67 22.62 -13.98
CA ASP D 285 -21.95 21.19 -13.90
C ASP D 285 -23.33 20.90 -14.49
N VAL D 286 -24.08 21.97 -14.74
CA VAL D 286 -25.46 21.87 -15.18
C VAL D 286 -25.65 22.82 -16.36
N HIS D 287 -26.63 22.55 -17.21
CA HIS D 287 -26.84 23.28 -18.45
C HIS D 287 -28.35 23.22 -18.73
N GLU D 288 -28.82 24.12 -19.60
CA GLU D 288 -30.24 24.22 -19.94
C GLU D 288 -30.71 22.98 -20.68
N SER D 289 -29.81 22.35 -21.45
CA SER D 289 -30.13 21.09 -22.11
C SER D 289 -29.08 20.04 -21.82
N GLU D 290 -29.47 18.99 -21.08
CA GLU D 290 -28.56 17.93 -20.66
C GLU D 290 -28.93 16.67 -21.44
N PRO D 291 -27.96 15.85 -21.89
CA PRO D 291 -26.54 16.05 -21.58
C PRO D 291 -25.80 17.03 -22.50
N PHE D 292 -24.86 17.75 -21.91
CA PHE D 292 -24.09 18.77 -22.61
C PHE D 292 -23.09 18.12 -23.57
N SER D 293 -22.86 18.75 -24.72
CA SER D 293 -21.76 18.41 -25.64
C SER D 293 -20.95 19.66 -25.99
N PHE D 294 -19.61 19.53 -26.09
CA PHE D 294 -18.77 20.64 -26.48
C PHE D 294 -18.91 20.98 -27.96
N ALA D 295 -19.60 20.11 -28.72
CA ALA D 295 -19.58 20.23 -30.17
C ALA D 295 -20.89 20.79 -30.74
N GLN D 296 -21.80 21.24 -29.85
CA GLN D 296 -23.06 21.84 -30.26
C GLN D 296 -23.57 22.78 -29.16
N GLY D 297 -24.48 23.68 -29.53
CA GLY D 297 -25.23 24.51 -28.58
C GLY D 297 -24.65 25.91 -28.39
N PRO D 298 -25.34 26.76 -27.57
CA PRO D 298 -24.93 28.16 -27.36
C PRO D 298 -23.50 28.44 -26.90
N LEU D 299 -22.86 27.45 -26.22
CA LEU D 299 -21.52 27.59 -25.67
C LEU D 299 -20.45 27.05 -26.63
N LYS D 300 -20.82 26.81 -27.88
CA LYS D 300 -20.02 26.04 -28.84
C LYS D 300 -18.52 26.30 -28.70
N ASP D 301 -18.05 27.54 -28.90
CA ASP D 301 -16.62 27.79 -28.93
C ASP D 301 -16.26 28.89 -27.93
N ALA D 302 -16.67 28.73 -26.67
CA ALA D 302 -16.52 29.81 -25.72
C ALA D 302 -15.24 29.62 -24.90
N PRO D 303 -14.36 30.64 -24.83
CA PRO D 303 -13.09 30.46 -24.12
C PRO D 303 -13.28 30.43 -22.60
N ASN D 304 -12.35 29.79 -21.86
CA ASN D 304 -12.32 29.85 -20.41
C ASN D 304 -13.55 29.20 -19.79
N LEU D 305 -13.96 28.06 -20.35
CA LEU D 305 -15.16 27.38 -19.89
C LEU D 305 -14.76 25.99 -19.37
N ILE D 306 -15.16 25.69 -18.12
CA ILE D 306 -15.21 24.31 -17.64
C ILE D 306 -16.65 23.79 -17.67
N CYS D 307 -16.86 22.59 -18.25
CA CYS D 307 -18.09 21.85 -18.06
C CYS D 307 -17.85 20.41 -17.56
N THR D 308 -18.76 19.91 -16.71
CA THR D 308 -18.81 18.51 -16.33
C THR D 308 -20.23 18.01 -16.54
N PRO D 309 -20.50 16.70 -16.84
CA PRO D 309 -21.85 16.25 -17.22
C PRO D 309 -22.83 15.90 -16.09
N HIS D 310 -23.04 16.83 -15.15
CA HIS D 310 -24.00 16.67 -14.07
C HIS D 310 -23.55 15.57 -13.08
N THR D 311 -22.40 15.78 -12.45
CA THR D 311 -21.77 14.73 -11.64
C THR D 311 -21.51 15.22 -10.22
N ALA D 312 -21.83 16.49 -9.92
CA ALA D 312 -21.47 17.08 -8.65
C ALA D 312 -21.93 16.23 -7.45
N TRP D 313 -23.05 15.53 -7.58
CA TRP D 313 -23.71 14.78 -6.52
C TRP D 313 -23.11 13.40 -6.31
N TYR D 314 -22.35 12.88 -7.29
CA TYR D 314 -22.00 11.46 -7.30
C TYR D 314 -20.77 11.14 -6.44
N SER D 315 -20.92 10.07 -5.66
CA SER D 315 -19.83 9.28 -5.11
C SER D 315 -20.42 7.90 -4.83
N GLU D 316 -19.59 6.86 -4.81
CA GLU D 316 -20.11 5.55 -4.52
C GLU D 316 -21.00 5.58 -3.27
N GLN D 317 -20.57 6.24 -2.19
CA GLN D 317 -21.29 6.21 -0.91
C GLN D 317 -22.61 6.96 -1.02
N ALA D 318 -22.58 8.13 -1.67
CA ALA D 318 -23.72 9.04 -1.75
C ALA D 318 -24.83 8.41 -2.58
N SER D 319 -24.47 7.75 -3.69
CA SER D 319 -25.42 7.11 -4.58
C SER D 319 -26.14 5.96 -3.90
N LEU D 320 -25.38 5.13 -3.17
CA LEU D 320 -25.93 4.07 -2.35
C LEU D 320 -26.84 4.65 -1.25
N GLU D 321 -26.37 5.70 -0.56
CA GLU D 321 -27.14 6.34 0.50
C GLU D 321 -28.48 6.86 -0.03
N MET D 322 -28.49 7.52 -1.22
CA MET D 322 -29.76 8.11 -1.65
C MET D 322 -30.71 7.07 -2.24
N ARG D 323 -30.20 6.00 -2.85
CA ARG D 323 -31.08 4.98 -3.40
C ARG D 323 -31.73 4.16 -2.28
N GLU D 324 -31.02 3.97 -1.16
CA GLU D 324 -31.60 3.30 -0.02
C GLU D 324 -32.69 4.19 0.61
N ALA D 325 -32.39 5.48 0.75
CA ALA D 325 -33.29 6.47 1.33
C ALA D 325 -34.59 6.57 0.53
N ALA D 326 -34.48 6.51 -0.81
CA ALA D 326 -35.62 6.67 -1.69
C ALA D 326 -36.52 5.44 -1.60
N ALA D 327 -35.86 4.27 -1.60
CA ALA D 327 -36.55 2.99 -1.46
C ALA D 327 -37.24 2.93 -0.10
N THR D 328 -36.57 3.44 0.95
CA THR D 328 -37.15 3.54 2.28
C THR D 328 -38.41 4.41 2.25
N GLU D 329 -38.36 5.50 1.49
CA GLU D 329 -39.47 6.42 1.43
C GLU D 329 -40.68 5.76 0.74
N ILE D 330 -40.46 4.96 -0.30
CA ILE D 330 -41.54 4.21 -0.94
C ILE D 330 -42.15 3.24 0.07
N ARG D 331 -41.30 2.65 0.91
CA ARG D 331 -41.72 1.67 1.90
C ARG D 331 -42.66 2.31 2.92
N ARG D 332 -42.38 3.56 3.31
CA ARG D 332 -43.22 4.29 4.24
C ARG D 332 -44.59 4.58 3.64
N ALA D 333 -44.62 4.93 2.34
CA ALA D 333 -45.87 5.30 1.69
C ALA D 333 -46.76 4.08 1.52
N ILE D 334 -46.12 2.92 1.35
CA ILE D 334 -46.84 1.68 1.09
C ILE D 334 -47.34 1.09 2.41
N THR D 335 -46.64 1.30 3.53
CA THR D 335 -47.01 0.66 4.79
C THR D 335 -47.67 1.65 5.75
N GLY D 336 -47.59 2.94 5.44
CA GLY D 336 -48.15 3.98 6.28
C GLY D 336 -49.28 4.73 5.58
N ARG D 337 -49.44 6.02 5.92
CA ARG D 337 -50.44 6.91 5.32
C ARG D 337 -49.78 8.03 4.54
N ILE D 338 -50.46 8.51 3.50
CA ILE D 338 -49.91 9.53 2.64
C ILE D 338 -50.71 10.83 2.81
N PRO D 339 -50.06 11.97 3.16
CA PRO D 339 -48.60 12.05 3.30
C PRO D 339 -47.93 12.09 4.69
N GLU D 340 -48.68 11.77 5.77
CA GLU D 340 -48.17 11.96 7.13
C GLU D 340 -46.98 11.04 7.46
N SER D 341 -46.94 9.84 6.86
CA SER D 341 -45.88 8.87 7.09
C SER D 341 -44.58 9.21 6.36
N LEU D 342 -44.62 10.16 5.42
CA LEU D 342 -43.50 10.47 4.53
C LEU D 342 -42.53 11.40 5.25
N ARG D 343 -41.23 11.13 5.07
CA ARG D 343 -40.18 11.85 5.77
C ARG D 343 -39.90 13.21 5.11
N ASN D 344 -39.95 13.28 3.78
CA ASN D 344 -39.43 14.45 3.09
C ASN D 344 -40.31 14.83 1.91
N CYS D 345 -41.60 14.99 2.21
CA CYS D 345 -42.57 15.38 1.19
C CYS D 345 -42.43 16.88 0.93
N VAL D 346 -42.36 17.26 -0.35
CA VAL D 346 -42.12 18.64 -0.71
C VAL D 346 -43.38 19.32 -1.27
N ASN D 347 -44.55 18.65 -1.24
CA ASN D 347 -45.77 19.25 -1.75
C ASN D 347 -46.95 19.11 -0.77
N LYS D 348 -46.65 19.05 0.54
CA LYS D 348 -47.59 19.08 1.66
C LYS D 348 -48.63 20.19 1.48
N GLU D 349 -48.16 21.34 0.99
CA GLU D 349 -48.97 22.54 0.94
C GLU D 349 -50.02 22.43 -0.18
N PHE D 350 -49.81 21.52 -1.14
CA PHE D 350 -50.66 21.42 -2.32
C PHE D 350 -51.47 20.11 -2.32
N PHE D 351 -51.23 19.23 -1.34
CA PHE D 351 -51.64 17.82 -1.44
C PHE D 351 -53.16 17.68 -1.31
N GLU E 93 -23.69 -34.36 28.95
CA GLU E 93 -24.44 -33.26 28.28
C GLU E 93 -23.91 -31.93 28.81
N ALA E 94 -23.75 -30.90 27.96
CA ALA E 94 -23.38 -29.56 28.39
C ALA E 94 -24.62 -28.76 28.83
N LEU E 95 -24.42 -27.53 29.30
CA LEU E 95 -25.53 -26.70 29.73
C LEU E 95 -26.14 -25.97 28.54
N ASP E 96 -27.43 -26.19 28.29
CA ASP E 96 -28.18 -25.59 27.20
C ASP E 96 -28.48 -24.12 27.49
N LEU E 97 -27.77 -23.16 26.85
CA LEU E 97 -27.99 -21.72 27.05
C LEU E 97 -28.44 -21.03 25.75
N SER E 98 -29.19 -21.75 24.91
CA SER E 98 -29.52 -21.29 23.57
C SER E 98 -30.85 -20.56 23.55
N MET E 99 -31.07 -19.76 22.49
CA MET E 99 -32.29 -18.98 22.35
C MET E 99 -32.90 -19.25 20.98
N GLU F 93 40.69 1.14 -7.97
CA GLU F 93 40.77 0.35 -6.71
C GLU F 93 40.62 1.26 -5.49
N ALA F 94 40.74 0.68 -4.28
CA ALA F 94 40.20 1.25 -3.05
C ALA F 94 41.29 1.70 -2.09
N LEU F 95 40.92 2.56 -1.13
CA LEU F 95 41.84 3.20 -0.19
C LEU F 95 42.27 2.26 0.94
N ASP F 96 43.57 1.94 0.95
CA ASP F 96 44.23 1.07 1.91
C ASP F 96 44.42 1.80 3.25
N LEU F 97 43.77 1.35 4.34
CA LEU F 97 43.96 1.99 5.64
C LEU F 97 44.36 0.97 6.69
N SER F 98 45.39 0.17 6.37
CA SER F 98 45.86 -0.90 7.24
C SER F 98 47.01 -0.42 8.12
N MET F 99 47.37 -1.27 9.10
CA MET F 99 48.48 -1.00 10.00
C MET F 99 49.76 -1.51 9.32
N GLU G 93 15.49 45.73 -21.76
CA GLU G 93 16.22 46.96 -21.34
C GLU G 93 17.57 46.57 -20.70
N ALA G 94 17.71 45.28 -20.40
CA ALA G 94 18.87 44.75 -19.69
C ALA G 94 20.03 44.58 -20.68
N LEU G 95 21.26 44.45 -20.16
CA LEU G 95 22.44 44.04 -20.94
C LEU G 95 22.30 42.57 -21.40
N ASP G 96 22.41 42.28 -22.72
CA ASP G 96 21.99 40.99 -23.31
C ASP G 96 23.14 40.09 -23.77
N LEU G 97 23.47 39.06 -22.95
CA LEU G 97 24.67 38.26 -23.18
C LEU G 97 24.32 36.77 -23.41
N SER G 98 23.69 36.48 -24.57
CA SER G 98 23.32 35.13 -24.97
C SER G 98 24.09 34.65 -26.20
N MET G 99 24.48 33.37 -26.17
CA MET G 99 25.58 32.84 -26.97
C MET G 99 25.09 32.43 -28.37
#